data_7XZN
#
_entry.id   7XZN
#
_cell.length_a   215.870
_cell.length_b   116.300
_cell.length_c   107.380
_cell.angle_alpha   90.000
_cell.angle_beta   92.580
_cell.angle_gamma   90.000
#
_symmetry.space_group_name_H-M   'C 1 2 1'
#
loop_
_entity.id
_entity.type
_entity.pdbx_description
1 polymer 'Formate--tetrahydrofolate ligase'
2 non-polymer 1,2-ETHANEDIOL
3 non-polymer TRIS(HYDROXYETHYL)AMINOMETHANE
4 water water
#
_entity_poly.entity_id   1
_entity_poly.type   'polypeptide(L)'
_entity_poly.pdbx_seq_one_letter_code
;GSHMMEFKTDIEIAQEANPQDIRDIAKKINLSEDDIELYGKYKAKIDYNVLNRTKSRAGKLILTTAINPTPAGEGKTTTS
IGVADALAKLGKNVIAALREPSMGPVFGIKGGAAGGGYAQVVPMEDINLHFTGDMHAIGAANNLLAAMLDNHVYQTNSLN
INPKRITWRRCVDMNDRQLRNVVDGLGKKVDGVTREDGFDITVASEVMAAFCLSNNISELKENLGNIVVAYNYSGKPVTA
RDLNAHGAMAAILKDALKPNLVQTLEGTPAILHGGPFANIAHGCNSIIATKMGMHMADYVVTEAGFGADLGAEKFLDIKC
RKAGIRPDAVIIVATVRALKYNGGVAKDQLNNENLEALEKGLPNLLKHIENITQVYKIPAVVAINRFPLDTDAELALVRS
KCEELGVKVALSEVWANGGEGGIEVANEVLKLIEEGENNFEYCYEEDMTIKEKLNAIATKIYGADGVNYTKEANKQIAEL
EELGFGNLPVCVAKTQYSLSDDQTKLGRPTGFTIEVRQANISAGAGFVVVMTGEIMKMPGLPKLPAAERIDVDENGKISG
LF
;
_entity_poly.pdbx_strand_id   A,B,C,D
#
# COMPACT_ATOMS: atom_id res chain seq x y z
N LYS A 8 11.44 23.86 6.03
CA LYS A 8 10.46 23.05 5.31
C LYS A 8 10.68 22.92 3.81
N THR A 9 10.32 21.74 3.30
CA THR A 9 10.39 21.45 1.88
C THR A 9 9.29 22.21 1.13
N ASP A 10 9.47 22.30 -0.19
CA ASP A 10 8.52 23.00 -1.06
C ASP A 10 7.13 22.38 -1.04
N ILE A 11 7.03 21.04 -0.89
CA ILE A 11 5.71 20.38 -0.84
C ILE A 11 4.98 20.73 0.44
N GLU A 12 5.68 20.75 1.58
CA GLU A 12 5.04 21.12 2.84
C GLU A 12 4.47 22.53 2.78
N ILE A 13 5.20 23.46 2.16
CA ILE A 13 4.73 24.82 2.01
C ILE A 13 3.51 24.85 1.08
N ALA A 14 3.58 24.10 -0.03
CA ALA A 14 2.45 24.05 -0.95
C ALA A 14 1.26 23.30 -0.35
N GLN A 15 1.52 22.28 0.48
CA GLN A 15 0.42 21.55 1.10
C GLN A 15 -0.23 22.33 2.24
N GLU A 16 0.55 23.15 2.95
CA GLU A 16 0.01 23.92 4.06
C GLU A 16 -0.66 25.22 3.61
N ALA A 17 -0.53 25.59 2.35
CA ALA A 17 -1.15 26.81 1.85
C ALA A 17 -2.62 26.57 1.54
N ASN A 18 -3.41 27.63 1.69
CA ASN A 18 -4.84 27.60 1.43
C ASN A 18 -5.12 28.29 0.10
N PRO A 19 -5.18 27.55 -1.01
CA PRO A 19 -5.42 28.21 -2.30
C PRO A 19 -6.88 28.59 -2.46
N GLN A 20 -7.10 29.75 -3.05
CA GLN A 20 -8.46 30.24 -3.26
C GLN A 20 -9.08 29.53 -4.46
N ASP A 21 -10.41 29.50 -4.47
CA ASP A 21 -11.13 29.01 -5.64
C ASP A 21 -10.74 29.84 -6.85
N ILE A 22 -10.45 29.16 -7.96
CA ILE A 22 -9.96 29.84 -9.15
C ILE A 22 -10.97 30.85 -9.69
N ARG A 23 -12.26 30.66 -9.39
CA ARG A 23 -13.26 31.65 -9.78
C ARG A 23 -13.07 32.96 -9.02
N ASP A 24 -12.53 32.91 -7.81
CA ASP A 24 -12.22 34.14 -7.08
C ASP A 24 -10.96 34.80 -7.62
N ILE A 25 -9.98 34.01 -8.05
CA ILE A 25 -8.80 34.57 -8.70
C ILE A 25 -9.18 35.26 -10.00
N ALA A 26 -10.11 34.67 -10.76
CA ALA A 26 -10.56 35.27 -11.99
C ALA A 26 -11.26 36.61 -11.76
N LYS A 27 -11.94 36.77 -10.63
CA LYS A 27 -12.58 38.05 -10.32
C LYS A 27 -11.55 39.15 -10.10
N LYS A 28 -10.37 38.80 -9.60
CA LYS A 28 -9.32 39.80 -9.39
C LYS A 28 -8.88 40.45 -10.70
N ILE A 29 -8.99 39.72 -11.80
CA ILE A 29 -8.59 40.22 -13.11
C ILE A 29 -9.79 40.46 -14.02
N ASN A 30 -10.97 40.66 -13.43
CA ASN A 30 -12.17 41.08 -14.16
C ASN A 30 -12.59 40.05 -15.20
N LEU A 31 -12.57 38.78 -14.83
CA LEU A 31 -13.02 37.68 -15.67
C LEU A 31 -14.35 37.15 -15.15
N SER A 32 -15.32 37.00 -16.05
CA SER A 32 -16.63 36.49 -15.69
C SER A 32 -16.61 34.95 -15.72
N GLU A 33 -17.75 34.35 -15.37
CA GLU A 33 -17.84 32.89 -15.35
C GLU A 33 -17.80 32.32 -16.77
N ASP A 34 -18.37 33.02 -17.74
CA ASP A 34 -18.38 32.58 -19.12
C ASP A 34 -17.06 32.81 -19.83
N ASP A 35 -16.08 33.45 -19.19
CA ASP A 35 -14.78 33.70 -19.80
C ASP A 35 -13.75 32.63 -19.46
N ILE A 36 -14.05 31.71 -18.55
CA ILE A 36 -13.10 30.70 -18.12
C ILE A 36 -13.75 29.33 -18.17
N GLU A 37 -12.90 28.30 -18.33
CA GLU A 37 -13.33 26.90 -18.30
C GLU A 37 -12.59 26.22 -17.16
N LEU A 38 -13.34 25.69 -16.19
CA LEU A 38 -12.73 25.14 -14.98
C LEU A 38 -12.15 23.75 -15.24
N TYR A 39 -10.99 23.50 -14.65
CA TYR A 39 -10.37 22.18 -14.56
C TYR A 39 -10.17 21.92 -13.07
N GLY A 40 -11.24 21.55 -12.39
CA GLY A 40 -11.25 21.57 -10.94
C GLY A 40 -11.45 22.98 -10.43
N LYS A 41 -11.38 23.14 -9.11
CA LYS A 41 -11.60 24.44 -8.50
C LYS A 41 -10.33 25.26 -8.35
N TYR A 42 -9.18 24.76 -8.81
CA TYR A 42 -7.92 25.48 -8.67
C TYR A 42 -7.22 25.71 -10.00
N LYS A 43 -7.85 25.35 -11.12
CA LYS A 43 -7.28 25.56 -12.44
C LYS A 43 -8.38 26.00 -13.39
N ALA A 44 -8.00 26.81 -14.38
CA ALA A 44 -8.97 27.26 -15.37
C ALA A 44 -8.23 27.68 -16.63
N LYS A 45 -8.91 27.53 -17.77
CA LYS A 45 -8.42 28.05 -19.04
C LYS A 45 -9.20 29.31 -19.41
N ILE A 46 -8.48 30.32 -19.89
CA ILE A 46 -9.06 31.60 -20.24
C ILE A 46 -9.35 31.63 -21.73
N ASP A 47 -10.59 31.95 -22.08
CA ASP A 47 -10.96 32.06 -23.48
C ASP A 47 -10.12 33.14 -24.14
N TYR A 48 -9.42 32.78 -25.22
CA TYR A 48 -8.60 33.78 -25.88
C TYR A 48 -9.45 34.79 -26.65
N ASN A 49 -10.73 34.50 -26.84
CA ASN A 49 -11.62 35.43 -27.52
C ASN A 49 -11.94 36.64 -26.67
N VAL A 50 -11.58 36.63 -25.38
CA VAL A 50 -11.79 37.79 -24.53
C VAL A 50 -10.99 38.98 -25.06
N LEU A 51 -9.83 38.70 -25.67
CA LEU A 51 -9.02 39.75 -26.26
C LEU A 51 -9.73 40.51 -27.37
N ASN A 52 -10.85 39.99 -27.87
CA ASN A 52 -11.57 40.63 -28.98
C ASN A 52 -12.82 41.39 -28.55
N ARG A 53 -13.41 41.06 -27.40
CA ARG A 53 -14.64 41.70 -26.96
C ARG A 53 -14.46 42.55 -25.71
N THR A 54 -13.22 42.75 -25.25
CA THR A 54 -12.92 43.62 -24.13
C THR A 54 -11.72 44.49 -24.48
N LYS A 55 -11.64 45.65 -23.83
CA LYS A 55 -10.54 46.57 -24.01
C LYS A 55 -9.42 46.27 -23.03
N SER A 56 -8.18 46.43 -23.49
CA SER A 56 -7.00 46.12 -22.70
C SER A 56 -6.73 47.21 -21.67
N ARG A 57 -6.03 46.82 -20.60
CA ARG A 57 -5.54 47.75 -19.60
C ARG A 57 -4.17 48.30 -19.94
N ALA A 58 -3.58 47.85 -21.04
CA ALA A 58 -2.26 48.32 -21.52
C ALA A 58 -1.19 48.15 -20.44
N GLY A 59 -1.13 46.95 -19.87
CA GLY A 59 -0.19 46.68 -18.80
C GLY A 59 1.26 46.75 -19.26
N LYS A 60 2.14 46.97 -18.29
CA LYS A 60 3.58 47.01 -18.53
C LYS A 60 4.17 45.60 -18.46
N LEU A 61 5.26 45.40 -19.21
CA LEU A 61 5.92 44.11 -19.30
C LEU A 61 7.23 44.16 -18.54
N ILE A 62 7.40 43.23 -17.60
CA ILE A 62 8.62 43.09 -16.81
C ILE A 62 9.24 41.74 -17.16
N LEU A 63 10.49 41.77 -17.64
CA LEU A 63 11.19 40.57 -18.04
C LEU A 63 12.20 40.20 -16.96
N THR A 64 12.13 38.96 -16.47
CA THR A 64 13.07 38.44 -15.49
C THR A 64 14.08 37.55 -16.19
N THR A 65 15.36 37.93 -16.09
CA THR A 65 16.43 37.10 -16.62
C THR A 65 17.48 36.88 -15.54
N ALA A 66 18.61 36.29 -15.89
CA ALA A 66 19.65 36.01 -14.91
C ALA A 66 20.98 35.90 -15.63
N ILE A 67 22.05 35.74 -14.83
CA ILE A 67 23.39 35.49 -15.37
C ILE A 67 23.45 34.06 -15.88
N ASN A 68 24.61 33.66 -16.40
CA ASN A 68 24.76 32.31 -16.92
C ASN A 68 24.53 31.29 -15.80
N PRO A 69 23.76 30.23 -16.05
CA PRO A 69 23.44 29.27 -14.98
C PRO A 69 24.67 28.61 -14.39
N THR A 70 24.58 28.26 -13.11
CA THR A 70 25.58 27.51 -12.40
C THR A 70 25.03 26.13 -12.04
N PRO A 71 25.90 25.14 -11.82
CA PRO A 71 25.39 23.78 -11.57
C PRO A 71 24.59 23.61 -10.28
N ALA A 72 24.43 24.66 -9.48
CA ALA A 72 23.78 24.50 -8.17
C ALA A 72 22.59 25.45 -8.04
N GLY A 73 22.84 26.75 -7.85
CA GLY A 73 21.75 27.69 -7.64
C GLY A 73 20.97 27.99 -8.91
N GLU A 74 19.65 28.07 -8.78
CA GLU A 74 18.75 28.36 -9.91
C GLU A 74 17.48 28.96 -9.30
N GLY A 75 17.51 30.28 -9.09
CA GLY A 75 16.37 30.98 -8.51
C GLY A 75 15.71 32.00 -9.41
N LYS A 76 15.83 31.83 -10.73
CA LYS A 76 15.22 32.81 -11.64
C LYS A 76 13.69 32.78 -11.56
N THR A 77 13.09 31.59 -11.55
CA THR A 77 11.63 31.52 -11.45
C THR A 77 11.15 31.95 -10.07
N THR A 78 11.91 31.63 -9.02
CA THR A 78 11.54 32.05 -7.67
C THR A 78 11.48 33.57 -7.54
N THR A 79 12.37 34.28 -8.25
CA THR A 79 12.35 35.73 -8.19
C THR A 79 11.15 36.30 -8.95
N SER A 80 10.81 35.71 -10.09
CA SER A 80 9.67 36.18 -10.86
C SER A 80 8.39 36.11 -10.03
N ILE A 81 8.19 35.01 -9.30
CA ILE A 81 7.00 34.86 -8.48
C ILE A 81 7.04 35.79 -7.29
N GLY A 82 8.20 35.91 -6.64
CA GLY A 82 8.31 36.77 -5.48
C GLY A 82 8.08 38.23 -5.79
N VAL A 83 8.60 38.70 -6.92
CA VAL A 83 8.39 40.10 -7.31
C VAL A 83 6.93 40.33 -7.64
N ALA A 84 6.29 39.37 -8.32
CA ALA A 84 4.87 39.49 -8.62
C ALA A 84 4.05 39.58 -7.33
N ASP A 85 4.37 38.73 -6.34
CA ASP A 85 3.71 38.84 -5.05
C ASP A 85 4.00 40.16 -4.37
N ALA A 86 5.21 40.70 -4.57
CA ALA A 86 5.57 41.99 -3.96
C ALA A 86 4.74 43.12 -4.55
N LEU A 87 4.57 43.13 -5.88
CA LEU A 87 3.75 44.16 -6.50
C LEU A 87 2.30 44.07 -6.05
N ALA A 88 1.81 42.86 -5.76
CA ALA A 88 0.48 42.71 -5.22
C ALA A 88 0.36 43.32 -3.83
N LYS A 89 1.43 43.20 -3.03
CA LYS A 89 1.45 43.82 -1.71
C LYS A 89 1.31 45.33 -1.81
N LEU A 90 1.93 45.93 -2.82
CA LEU A 90 1.91 47.37 -3.04
C LEU A 90 0.60 47.86 -3.66
N GLY A 91 -0.40 46.98 -3.81
CA GLY A 91 -1.69 47.39 -4.36
C GLY A 91 -1.77 47.41 -5.86
N LYS A 92 -0.85 46.73 -6.55
CA LYS A 92 -0.85 46.71 -8.00
C LYS A 92 -1.62 45.50 -8.53
N ASN A 93 -2.19 45.65 -9.71
CA ASN A 93 -2.87 44.56 -10.40
C ASN A 93 -1.85 43.87 -11.29
N VAL A 94 -1.34 42.72 -10.83
CA VAL A 94 -0.18 42.09 -11.44
C VAL A 94 -0.51 40.63 -11.76
N ILE A 95 0.09 40.14 -12.85
CA ILE A 95 -0.02 38.74 -13.26
C ILE A 95 1.39 38.21 -13.52
N ALA A 96 1.67 37.02 -13.00
CA ALA A 96 2.92 36.32 -13.30
C ALA A 96 2.67 35.35 -14.46
N ALA A 97 3.45 35.50 -15.53
CA ALA A 97 3.34 34.64 -16.70
C ALA A 97 4.58 33.77 -16.78
N LEU A 98 4.40 32.46 -16.73
CA LEU A 98 5.50 31.52 -16.67
C LEU A 98 5.22 30.36 -17.63
N ARG A 99 6.19 29.44 -17.71
CA ARG A 99 6.09 28.27 -18.56
C ARG A 99 5.55 27.06 -17.80
N GLU A 100 4.92 26.14 -18.56
CA GLU A 100 4.55 24.83 -18.01
C GLU A 100 5.70 23.85 -18.23
N PRO A 101 6.14 23.14 -17.20
CA PRO A 101 7.25 22.21 -17.35
C PRO A 101 6.84 20.94 -18.08
N SER A 102 7.85 20.18 -18.51
CA SER A 102 7.62 18.91 -19.17
C SER A 102 7.39 17.81 -18.13
N MET A 103 6.44 16.91 -18.43
CA MET A 103 6.12 15.84 -17.50
C MET A 103 7.17 14.73 -17.52
N GLY A 104 7.81 14.50 -18.67
CA GLY A 104 8.80 13.45 -18.83
C GLY A 104 9.86 13.40 -17.75
N PRO A 105 10.59 14.50 -17.54
CA PRO A 105 11.67 14.49 -16.55
C PRO A 105 11.21 14.17 -15.13
N VAL A 106 9.92 14.32 -14.83
CA VAL A 106 9.44 14.02 -13.48
C VAL A 106 9.72 12.56 -13.13
N PHE A 107 9.70 11.67 -14.12
CA PHE A 107 9.91 10.24 -13.89
C PHE A 107 11.38 9.81 -13.96
N GLY A 108 12.28 10.68 -14.41
CA GLY A 108 13.70 10.39 -14.37
C GLY A 108 14.32 10.88 -13.08
N ILE A 109 14.52 12.20 -12.99
CA ILE A 109 14.97 12.89 -11.79
C ILE A 109 13.71 13.36 -11.07
N LYS A 110 13.86 14.23 -10.08
CA LYS A 110 12.74 14.66 -9.28
C LYS A 110 11.69 15.41 -10.11
N GLY A 111 10.47 15.41 -9.61
CA GLY A 111 9.51 16.46 -9.95
C GLY A 111 9.79 17.62 -9.00
N GLY A 112 9.41 18.83 -9.39
CA GLY A 112 9.75 19.99 -8.60
C GLY A 112 8.65 21.06 -8.59
N ALA A 113 8.92 22.09 -7.78
CA ALA A 113 7.95 23.15 -7.59
C ALA A 113 8.04 24.18 -8.70
N ALA A 114 6.90 24.81 -8.99
CA ALA A 114 6.85 25.99 -9.84
C ALA A 114 7.40 27.15 -9.02
N GLY A 115 8.71 27.26 -8.98
CA GLY A 115 9.38 28.22 -8.11
C GLY A 115 10.18 27.57 -7.00
N GLY A 116 9.93 27.98 -5.77
CA GLY A 116 10.63 27.44 -4.62
C GLY A 116 10.42 28.24 -3.35
N GLY A 117 10.52 27.55 -2.20
CA GLY A 117 10.34 28.22 -0.93
C GLY A 117 8.93 28.75 -0.77
N TYR A 118 8.84 30.03 -0.41
CA TYR A 118 7.55 30.71 -0.28
C TYR A 118 7.20 31.53 -1.51
N ALA A 119 7.84 31.24 -2.64
CA ALA A 119 7.52 31.85 -3.93
C ALA A 119 7.21 30.71 -4.90
N GLN A 120 6.02 30.15 -4.76
CA GLN A 120 5.59 29.00 -5.54
C GLN A 120 4.27 29.29 -6.25
N VAL A 121 3.91 28.38 -7.14
CA VAL A 121 2.61 28.39 -7.81
C VAL A 121 1.90 27.07 -7.48
N VAL A 122 0.60 27.17 -7.20
CA VAL A 122 -0.20 26.04 -6.72
C VAL A 122 -1.33 25.80 -7.70
N PRO A 123 -1.77 24.55 -7.95
CA PRO A 123 -1.33 23.28 -7.35
C PRO A 123 -0.07 22.70 -7.98
N MET A 124 0.90 22.31 -7.15
CA MET A 124 2.16 21.87 -7.74
C MET A 124 2.04 20.49 -8.36
N GLU A 125 1.20 19.60 -7.80
CA GLU A 125 1.10 18.24 -8.33
C GLU A 125 0.54 18.23 -9.75
N ASP A 126 -0.54 18.97 -9.99
CA ASP A 126 -1.15 19.01 -11.32
C ASP A 126 -0.21 19.61 -12.34
N ILE A 127 0.51 20.66 -11.96
CA ILE A 127 1.41 21.33 -12.90
C ILE A 127 2.50 20.38 -13.38
N ASN A 128 3.02 19.55 -12.48
CA ASN A 128 4.06 18.59 -12.85
C ASN A 128 3.54 17.46 -13.72
N LEU A 129 2.24 17.18 -13.68
CA LEU A 129 1.70 16.02 -14.38
C LEU A 129 0.93 16.41 -15.63
N HIS A 130 -0.36 16.08 -15.69
CA HIS A 130 -1.14 16.33 -16.89
C HIS A 130 -1.55 17.80 -17.02
N PHE A 131 -1.63 18.51 -15.90
CA PHE A 131 -2.09 19.90 -15.87
C PHE A 131 -3.43 20.03 -16.56
N THR A 132 -3.51 20.84 -17.62
CA THR A 132 -4.74 21.01 -18.39
C THR A 132 -4.70 20.28 -19.72
N GLY A 133 -3.65 19.51 -19.98
CA GLY A 133 -3.58 18.68 -21.17
C GLY A 133 -2.90 19.31 -22.36
N ASP A 134 -2.24 20.47 -22.19
CA ASP A 134 -1.61 21.14 -23.32
C ASP A 134 -0.52 20.29 -23.96
N MET A 135 0.31 19.66 -23.13
CA MET A 135 1.42 18.86 -23.66
C MET A 135 0.91 17.70 -24.50
N HIS A 136 -0.18 17.05 -24.07
CA HIS A 136 -0.75 15.97 -24.86
C HIS A 136 -1.27 16.48 -26.21
N ALA A 137 -1.83 17.69 -26.22
CA ALA A 137 -2.35 18.25 -27.46
C ALA A 137 -1.21 18.61 -28.41
N ILE A 138 -0.10 19.15 -27.87
CA ILE A 138 1.06 19.44 -28.69
C ILE A 138 1.58 18.16 -29.34
N GLY A 139 1.67 17.08 -28.57
CA GLY A 139 2.17 15.82 -29.09
C GLY A 139 1.25 15.21 -30.13
N ALA A 140 -0.06 15.30 -29.91
CA ALA A 140 -1.02 14.73 -30.85
C ALA A 140 -0.95 15.43 -32.20
N ALA A 141 -0.81 16.76 -32.19
CA ALA A 141 -0.66 17.50 -33.44
C ALA A 141 0.65 17.15 -34.14
N ASN A 142 1.74 17.05 -33.37
CA ASN A 142 3.03 16.68 -33.94
C ASN A 142 2.96 15.30 -34.60
N ASN A 143 2.30 14.35 -33.94
CA ASN A 143 2.28 12.98 -34.44
C ASN A 143 1.23 12.75 -35.52
N LEU A 144 0.18 13.58 -35.57
CA LEU A 144 -0.76 13.51 -36.69
C LEU A 144 -0.09 13.97 -37.98
N LEU A 145 0.68 15.06 -37.93
CA LEU A 145 1.40 15.53 -39.10
C LEU A 145 2.38 14.48 -39.59
N ALA A 146 3.05 13.78 -38.66
CA ALA A 146 3.96 12.72 -39.04
C ALA A 146 3.21 11.56 -39.67
N ALA A 147 2.03 11.23 -39.13
CA ALA A 147 1.24 10.12 -39.69
C ALA A 147 0.76 10.43 -41.10
N MET A 148 0.28 11.66 -41.35
CA MET A 148 -0.16 11.99 -42.70
C MET A 148 1.00 12.24 -43.65
N LEU A 149 2.15 12.67 -43.13
CA LEU A 149 3.33 12.77 -43.98
C LEU A 149 3.72 11.41 -44.53
N ASP A 150 3.86 10.41 -43.65
CA ASP A 150 4.17 9.06 -44.10
C ASP A 150 3.04 8.45 -44.91
N ASN A 151 1.79 8.79 -44.58
CA ASN A 151 0.66 8.27 -45.36
C ASN A 151 0.70 8.78 -46.79
N HIS A 152 1.02 10.07 -46.97
CA HIS A 152 1.10 10.63 -48.32
C HIS A 152 2.15 9.91 -49.16
N VAL A 153 3.33 9.67 -48.59
CA VAL A 153 4.38 8.97 -49.31
C VAL A 153 3.93 7.54 -49.63
N TYR A 154 3.18 6.93 -48.72
CA TYR A 154 2.72 5.56 -48.92
C TYR A 154 1.65 5.47 -50.00
N GLN A 155 0.73 6.43 -50.04
CA GLN A 155 -0.39 6.33 -50.98
C GLN A 155 0.05 6.65 -52.40
N THR A 156 0.55 7.84 -52.64
CA THR A 156 0.93 8.30 -53.97
C THR A 156 2.29 8.97 -54.01
N ASN A 157 2.66 9.72 -52.96
CA ASN A 157 3.82 10.60 -52.97
C ASN A 157 3.77 11.54 -54.18
N SER A 158 2.58 12.09 -54.44
CA SER A 158 2.42 13.05 -55.52
C SER A 158 3.21 14.34 -55.28
N LEU A 159 3.59 14.61 -54.04
CA LEU A 159 4.46 15.74 -53.73
C LEU A 159 5.93 15.42 -53.97
N ASN A 160 6.25 14.18 -54.35
CA ASN A 160 7.62 13.77 -54.69
C ASN A 160 8.57 13.98 -53.52
N ILE A 161 8.13 13.61 -52.32
CA ILE A 161 8.95 13.75 -51.13
C ILE A 161 10.10 12.76 -51.17
N ASN A 162 11.30 13.24 -50.83
CA ASN A 162 12.46 12.36 -50.70
C ASN A 162 12.53 11.82 -49.28
N PRO A 163 12.39 10.51 -49.07
CA PRO A 163 12.38 9.99 -47.68
C PRO A 163 13.65 10.29 -46.90
N LYS A 164 14.82 10.31 -47.55
CA LYS A 164 16.06 10.63 -46.85
C LYS A 164 16.17 12.11 -46.49
N ARG A 165 15.24 12.95 -46.96
CA ARG A 165 15.23 14.37 -46.65
C ARG A 165 14.01 14.77 -45.81
N ILE A 166 13.42 13.83 -45.10
CA ILE A 166 12.32 14.14 -44.19
C ILE A 166 12.91 14.62 -42.87
N THR A 167 12.60 15.86 -42.51
CA THR A 167 13.12 16.44 -41.28
C THR A 167 12.16 16.29 -40.10
N TRP A 168 10.88 16.09 -40.36
CA TRP A 168 9.91 16.00 -39.28
C TRP A 168 10.13 14.74 -38.44
N ARG A 169 10.09 14.90 -37.12
CA ARG A 169 10.25 13.82 -36.18
C ARG A 169 9.04 13.72 -35.28
N ARG A 170 8.70 12.50 -34.89
CA ARG A 170 7.61 12.27 -33.95
C ARG A 170 8.05 12.68 -32.55
N CYS A 171 7.12 12.59 -31.59
CA CYS A 171 7.45 13.01 -30.25
C CYS A 171 6.71 12.17 -29.22
N VAL A 172 7.19 12.24 -27.99
CA VAL A 172 6.56 11.61 -26.83
C VAL A 172 7.03 12.37 -25.60
N ASP A 173 6.15 12.53 -24.62
CA ASP A 173 6.48 13.27 -23.41
C ASP A 173 7.11 12.37 -22.36
N MET A 174 8.14 11.63 -22.77
CA MET A 174 8.87 10.73 -21.88
C MET A 174 10.35 10.81 -22.21
N ASN A 175 11.18 10.55 -21.20
CA ASN A 175 12.63 10.52 -21.39
C ASN A 175 13.02 9.10 -21.83
N ASP A 176 12.90 8.87 -23.13
CA ASP A 176 13.09 7.54 -23.72
C ASP A 176 14.20 7.61 -24.76
N ARG A 177 15.42 7.29 -24.34
CA ARG A 177 16.56 7.29 -25.26
C ARG A 177 16.40 6.26 -26.37
N GLN A 178 15.58 5.23 -26.15
CA GLN A 178 15.41 4.17 -27.14
C GLN A 178 14.82 4.70 -28.45
N LEU A 179 14.10 5.82 -28.41
CA LEU A 179 13.40 6.34 -29.57
C LEU A 179 14.16 7.46 -30.28
N ARG A 180 15.41 7.72 -29.89
CA ARG A 180 16.18 8.76 -30.56
C ARG A 180 16.41 8.44 -32.02
N ASN A 181 16.81 7.20 -32.32
CA ASN A 181 17.10 6.78 -33.69
C ASN A 181 16.37 5.46 -33.95
N VAL A 182 15.42 5.49 -34.87
CA VAL A 182 14.61 4.33 -35.19
C VAL A 182 14.54 4.13 -36.70
N VAL A 183 14.12 2.93 -37.09
CA VAL A 183 13.74 2.63 -38.46
C VAL A 183 12.31 2.09 -38.42
N ASP A 184 11.41 2.74 -39.15
CA ASP A 184 10.01 2.34 -39.17
C ASP A 184 9.57 2.08 -40.60
N GLY A 185 8.29 1.75 -40.77
CA GLY A 185 7.78 1.35 -42.06
C GLY A 185 8.19 -0.05 -42.49
N LEU A 186 8.56 -0.90 -41.54
CA LEU A 186 8.99 -2.26 -41.83
C LEU A 186 7.80 -3.20 -41.90
N GLY A 187 8.03 -4.37 -42.50
CA GLY A 187 7.00 -5.39 -42.60
C GLY A 187 6.41 -5.53 -43.98
N LYS A 188 5.12 -5.87 -44.05
CA LYS A 188 4.46 -6.08 -45.32
C LYS A 188 4.39 -4.77 -46.12
N LYS A 189 3.99 -4.90 -47.38
CA LYS A 189 3.85 -3.73 -48.25
C LYS A 189 2.78 -2.77 -47.75
N VAL A 190 1.82 -3.25 -46.95
CA VAL A 190 0.78 -2.39 -46.40
C VAL A 190 1.22 -1.70 -45.11
N ASP A 191 2.45 -1.95 -44.65
CA ASP A 191 2.93 -1.40 -43.39
C ASP A 191 3.81 -0.17 -43.56
N GLY A 192 3.68 0.54 -44.67
CA GLY A 192 4.36 1.81 -44.84
C GLY A 192 5.57 1.73 -45.75
N VAL A 193 6.34 2.81 -45.72
CA VAL A 193 7.57 2.94 -46.50
C VAL A 193 8.74 2.98 -45.53
N THR A 194 9.68 2.05 -45.71
CA THR A 194 10.82 1.96 -44.80
C THR A 194 11.69 3.20 -44.87
N ARG A 195 12.05 3.75 -43.72
CA ARG A 195 12.89 4.92 -43.64
C ARG A 195 13.40 5.09 -42.22
N GLU A 196 14.47 5.87 -42.08
CA GLU A 196 14.98 6.23 -40.77
C GLU A 196 14.15 7.37 -40.20
N ASP A 197 14.01 7.39 -38.88
CA ASP A 197 13.13 8.32 -38.19
C ASP A 197 13.65 8.50 -36.77
N GLY A 198 12.91 9.23 -35.96
CA GLY A 198 13.30 9.45 -34.58
C GLY A 198 12.23 10.21 -33.83
N PHE A 199 12.34 10.17 -32.51
CA PHE A 199 11.42 10.84 -31.61
C PHE A 199 12.16 11.90 -30.80
N ASP A 200 11.51 13.04 -30.59
CA ASP A 200 11.96 14.05 -29.65
C ASP A 200 11.03 14.05 -28.45
N ILE A 201 11.48 14.68 -27.36
CA ILE A 201 10.55 14.97 -26.27
C ILE A 201 9.61 16.08 -26.75
N THR A 202 8.37 16.04 -26.25
CA THR A 202 7.30 16.85 -26.85
C THR A 202 7.63 18.34 -26.80
N VAL A 203 8.28 18.81 -25.73
CA VAL A 203 8.61 20.22 -25.64
C VAL A 203 9.64 20.65 -26.68
N ALA A 204 10.37 19.71 -27.28
CA ALA A 204 11.33 20.04 -28.32
C ALA A 204 10.71 20.13 -29.71
N SER A 205 9.46 19.71 -29.87
CA SER A 205 8.81 19.73 -31.17
C SER A 205 8.67 21.16 -31.68
N GLU A 206 8.71 21.31 -33.00
CA GLU A 206 8.50 22.61 -33.62
C GLU A 206 7.07 23.12 -33.42
N VAL A 207 6.11 22.20 -33.22
CA VAL A 207 4.75 22.62 -32.90
C VAL A 207 4.72 23.48 -31.64
N MET A 208 5.53 23.12 -30.65
CA MET A 208 5.57 23.88 -29.40
C MET A 208 6.09 25.29 -29.62
N ALA A 209 7.13 25.45 -30.44
CA ALA A 209 7.68 26.77 -30.70
C ALA A 209 6.69 27.65 -31.46
N ALA A 210 6.01 27.07 -32.46
CA ALA A 210 4.98 27.83 -33.18
C ALA A 210 3.76 28.08 -32.29
N PHE A 211 3.44 27.13 -31.41
CA PHE A 211 2.36 27.31 -30.45
C PHE A 211 2.60 28.55 -29.60
N CYS A 212 3.86 28.77 -29.18
CA CYS A 212 4.20 29.88 -28.30
C CYS A 212 4.43 31.19 -29.05
N LEU A 213 4.52 31.15 -30.39
CA LEU A 213 4.80 32.35 -31.18
C LEU A 213 3.63 32.72 -32.08
N SER A 214 2.40 32.44 -31.64
CA SER A 214 1.18 32.75 -32.38
C SER A 214 0.36 33.74 -31.58
N ASN A 215 -0.02 34.86 -32.21
CA ASN A 215 -0.80 35.89 -31.54
C ASN A 215 -2.26 35.51 -31.37
N ASN A 216 -2.76 34.51 -32.10
CA ASN A 216 -4.15 34.11 -32.03
C ASN A 216 -4.29 32.76 -32.74
N ILE A 217 -5.53 32.27 -32.82
CA ILE A 217 -5.78 30.97 -33.41
C ILE A 217 -5.60 31.00 -34.93
N SER A 218 -5.87 32.15 -35.55
CA SER A 218 -5.66 32.26 -37.00
C SER A 218 -4.17 32.23 -37.34
N GLU A 219 -3.33 32.89 -36.53
CA GLU A 219 -1.89 32.84 -36.77
C GLU A 219 -1.33 31.46 -36.47
N LEU A 220 -1.89 30.74 -35.48
CA LEU A 220 -1.44 29.39 -35.20
C LEU A 220 -1.65 28.48 -36.41
N LYS A 221 -2.86 28.50 -36.99
CA LYS A 221 -3.14 27.66 -38.13
C LYS A 221 -2.25 28.01 -39.32
N GLU A 222 -1.96 29.30 -39.50
CA GLU A 222 -1.06 29.71 -40.59
C GLU A 222 0.37 29.29 -40.31
N ASN A 223 0.83 29.44 -39.06
CA ASN A 223 2.19 29.04 -38.73
C ASN A 223 2.38 27.53 -38.85
N LEU A 224 1.38 26.75 -38.41
CA LEU A 224 1.47 25.30 -38.56
C LEU A 224 1.54 24.91 -40.03
N GLY A 225 0.82 25.63 -40.89
CA GLY A 225 0.88 25.33 -42.31
C GLY A 225 2.24 25.60 -42.93
N ASN A 226 2.96 26.59 -42.41
CA ASN A 226 4.28 26.93 -42.92
C ASN A 226 5.37 25.96 -42.45
N ILE A 227 5.02 25.01 -41.58
CA ILE A 227 6.01 24.06 -41.07
C ILE A 227 6.58 23.25 -42.22
N VAL A 228 7.90 23.27 -42.35
CA VAL A 228 8.60 22.47 -43.36
C VAL A 228 8.87 21.10 -42.78
N VAL A 229 8.27 20.07 -43.38
CA VAL A 229 8.41 18.71 -42.87
C VAL A 229 9.41 17.88 -43.67
N ALA A 230 9.70 18.25 -44.91
CA ALA A 230 10.59 17.48 -45.76
C ALA A 230 10.97 18.33 -46.96
N TYR A 231 11.81 17.77 -47.83
CA TYR A 231 12.18 18.36 -49.11
C TYR A 231 11.88 17.36 -50.22
N ASN A 232 11.47 17.87 -51.37
CA ASN A 232 11.21 17.00 -52.51
C ASN A 232 12.52 16.71 -53.24
N TYR A 233 12.43 15.83 -54.26
CA TYR A 233 13.61 15.45 -55.02
C TYR A 233 14.21 16.63 -55.78
N SER A 234 13.43 17.68 -56.03
CA SER A 234 13.92 18.88 -56.68
C SER A 234 14.52 19.88 -55.70
N GLY A 235 14.61 19.54 -54.42
CA GLY A 235 15.22 20.40 -53.42
C GLY A 235 14.30 21.44 -52.84
N LYS A 236 13.00 21.43 -53.19
CA LYS A 236 12.08 22.44 -52.67
C LYS A 236 11.41 21.93 -51.38
N PRO A 237 11.09 22.85 -50.47
CA PRO A 237 10.47 22.43 -49.21
C PRO A 237 9.04 21.95 -49.41
N VAL A 238 8.65 20.98 -48.58
CA VAL A 238 7.28 20.49 -48.51
C VAL A 238 6.73 20.82 -47.13
N THR A 239 5.56 21.45 -47.10
CA THR A 239 5.00 22.00 -45.87
C THR A 239 3.79 21.21 -45.42
N ALA A 240 3.39 21.47 -44.16
CA ALA A 240 2.16 20.87 -43.64
C ALA A 240 0.94 21.36 -44.40
N ARG A 241 0.99 22.58 -44.93
CA ARG A 241 -0.10 23.07 -45.78
C ARG A 241 -0.20 22.26 -47.06
N ASP A 242 0.94 21.86 -47.63
CA ASP A 242 0.93 20.99 -48.80
C ASP A 242 0.25 19.65 -48.49
N LEU A 243 0.30 19.21 -47.24
CA LEU A 243 -0.33 17.97 -46.81
C LEU A 243 -1.74 18.16 -46.29
N ASN A 244 -2.26 19.40 -46.30
CA ASN A 244 -3.59 19.71 -45.77
C ASN A 244 -3.73 19.22 -44.33
N ALA A 245 -2.72 19.54 -43.52
CA ALA A 245 -2.66 19.06 -42.14
C ALA A 245 -2.86 20.14 -41.09
N HIS A 246 -2.61 21.42 -41.42
CA HIS A 246 -2.60 22.45 -40.39
C HIS A 246 -3.99 22.76 -39.86
N GLY A 247 -5.04 22.54 -40.67
CA GLY A 247 -6.39 22.71 -40.17
C GLY A 247 -6.72 21.74 -39.05
N ALA A 248 -6.34 20.47 -39.21
CA ALA A 248 -6.58 19.48 -38.16
C ALA A 248 -5.67 19.71 -36.97
N MET A 249 -4.42 20.14 -37.22
CA MET A 249 -3.51 20.42 -36.12
C MET A 249 -4.02 21.57 -35.26
N ALA A 250 -4.53 22.63 -35.90
CA ALA A 250 -5.08 23.75 -35.14
C ALA A 250 -6.31 23.33 -34.34
N ALA A 251 -7.10 22.40 -34.89
CA ALA A 251 -8.26 21.89 -34.15
C ALA A 251 -7.83 21.11 -32.91
N ILE A 252 -6.80 20.29 -33.04
CA ILE A 252 -6.27 19.57 -31.88
C ILE A 252 -5.82 20.54 -30.81
N LEU A 253 -5.37 21.73 -31.21
CA LEU A 253 -4.81 22.73 -30.30
C LEU A 253 -5.79 23.84 -29.96
N LYS A 254 -7.07 23.69 -30.33
CA LYS A 254 -8.04 24.77 -30.13
C LYS A 254 -8.15 25.16 -28.67
N ASP A 255 -8.35 24.17 -27.79
CA ASP A 255 -8.45 24.45 -26.37
C ASP A 255 -7.08 24.69 -25.74
N ALA A 256 -6.04 24.01 -26.23
CA ALA A 256 -4.71 24.16 -25.65
C ALA A 256 -4.20 25.59 -25.74
N LEU A 257 -4.55 26.32 -26.81
CA LEU A 257 -4.10 27.69 -26.97
C LEU A 257 -4.67 28.64 -25.93
N LYS A 258 -5.69 28.23 -25.20
CA LYS A 258 -6.23 29.04 -24.11
C LYS A 258 -5.27 29.03 -22.93
N PRO A 259 -4.81 30.19 -22.45
CA PRO A 259 -3.87 30.20 -21.32
C PRO A 259 -4.49 29.62 -20.06
N ASN A 260 -3.63 29.06 -19.22
CA ASN A 260 -4.06 28.39 -18.00
C ASN A 260 -3.88 29.32 -16.80
N LEU A 261 -4.95 29.51 -16.04
CA LEU A 261 -4.95 30.41 -14.88
C LEU A 261 -4.72 29.59 -13.62
N VAL A 262 -3.68 29.96 -12.86
CA VAL A 262 -3.44 29.40 -11.54
C VAL A 262 -3.16 30.54 -10.58
N GLN A 263 -2.41 30.29 -9.51
CA GLN A 263 -2.19 31.30 -8.50
C GLN A 263 -0.90 31.01 -7.75
N THR A 264 -0.35 32.05 -7.13
CA THR A 264 0.79 31.90 -6.24
C THR A 264 0.30 31.53 -4.84
N LEU A 265 1.25 31.33 -3.92
CA LEU A 265 0.90 31.01 -2.54
C LEU A 265 0.16 32.16 -1.87
N GLU A 266 0.36 33.39 -2.32
CA GLU A 266 -0.23 34.57 -1.71
C GLU A 266 -1.47 35.08 -2.47
N GLY A 267 -1.97 34.31 -3.42
CA GLY A 267 -3.19 34.66 -4.13
C GLY A 267 -3.00 35.50 -5.37
N THR A 268 -1.77 35.77 -5.79
CA THR A 268 -1.55 36.56 -7.00
C THR A 268 -1.89 35.73 -8.23
N PRO A 269 -2.67 36.26 -9.17
CA PRO A 269 -3.00 35.50 -10.38
C PRO A 269 -1.74 35.14 -11.16
N ALA A 270 -1.73 33.92 -11.70
CA ALA A 270 -0.59 33.41 -12.45
C ALA A 270 -1.08 32.65 -13.66
N ILE A 271 -0.38 32.84 -14.78
CA ILE A 271 -0.71 32.20 -16.05
C ILE A 271 0.47 31.35 -16.49
N LEU A 272 0.23 30.05 -16.69
CA LEU A 272 1.24 29.12 -17.16
C LEU A 272 0.82 28.60 -18.53
N HIS A 273 1.69 28.78 -19.53
CA HIS A 273 1.33 28.44 -20.91
C HIS A 273 2.59 28.25 -21.73
N GLY A 274 2.77 27.05 -22.27
CA GLY A 274 3.87 26.77 -23.18
C GLY A 274 5.19 26.58 -22.43
N GLY A 275 6.11 25.89 -23.10
CA GLY A 275 7.43 25.67 -22.54
C GLY A 275 8.39 25.04 -23.52
N PRO A 276 8.87 25.80 -24.49
CA PRO A 276 9.86 25.27 -25.43
C PRO A 276 11.27 25.32 -24.85
N PHE A 277 12.19 24.65 -25.55
CA PHE A 277 13.59 24.71 -25.17
C PHE A 277 14.12 26.13 -25.33
N ALA A 278 15.22 26.43 -24.63
CA ALA A 278 15.84 27.73 -24.69
C ALA A 278 17.10 27.76 -25.56
N ASN A 279 17.46 26.62 -26.16
CA ASN A 279 18.60 26.55 -27.07
C ASN A 279 18.15 26.38 -28.51
N ILE A 280 17.41 25.31 -28.81
CA ILE A 280 16.86 25.14 -30.16
C ILE A 280 15.56 25.91 -30.36
N ALA A 281 15.09 26.62 -29.34
CA ALA A 281 13.93 27.50 -29.45
C ALA A 281 14.18 28.72 -28.56
N HIS A 282 13.16 29.55 -28.38
CA HIS A 282 13.33 30.83 -27.71
C HIS A 282 13.17 30.77 -26.20
N GLY A 283 12.67 29.66 -25.65
CA GLY A 283 12.65 29.46 -24.22
C GLY A 283 11.82 30.46 -23.44
N CYS A 284 10.67 30.85 -23.97
CA CYS A 284 9.76 31.77 -23.30
C CYS A 284 8.37 31.15 -23.25
N ASN A 285 7.51 31.73 -22.43
CA ASN A 285 6.12 31.29 -22.45
C ASN A 285 5.42 31.86 -23.68
N SER A 286 4.17 31.43 -23.87
CA SER A 286 3.45 31.76 -25.09
C SER A 286 3.21 33.26 -25.20
N ILE A 287 3.05 33.73 -26.43
CA ILE A 287 2.67 35.12 -26.66
C ILE A 287 1.26 35.37 -26.17
N ILE A 288 0.37 34.38 -26.32
CA ILE A 288 -1.02 34.52 -25.89
C ILE A 288 -1.08 34.79 -24.39
N ALA A 289 -0.26 34.08 -23.61
CA ALA A 289 -0.24 34.29 -22.16
C ALA A 289 0.26 35.68 -21.81
N THR A 290 1.35 36.13 -22.44
CA THR A 290 1.88 37.46 -22.16
C THR A 290 0.92 38.55 -22.60
N LYS A 291 0.32 38.39 -23.79
CA LYS A 291 -0.67 39.35 -24.25
C LYS A 291 -1.89 39.36 -23.33
N MET A 292 -2.35 38.18 -22.90
CA MET A 292 -3.48 38.11 -21.97
C MET A 292 -3.14 38.80 -20.65
N GLY A 293 -1.90 38.60 -20.17
CA GLY A 293 -1.49 39.29 -18.95
C GLY A 293 -1.53 40.81 -19.10
N MET A 294 -0.94 41.32 -20.18
CA MET A 294 -0.96 42.76 -20.43
C MET A 294 -2.38 43.26 -20.69
N HIS A 295 -3.29 42.38 -21.11
CA HIS A 295 -4.67 42.78 -21.36
C HIS A 295 -5.50 42.79 -20.09
N MET A 296 -5.17 41.95 -19.11
CA MET A 296 -5.95 41.80 -17.89
C MET A 296 -5.35 42.49 -16.68
N ALA A 297 -4.09 42.92 -16.76
CA ALA A 297 -3.40 43.46 -15.60
C ALA A 297 -2.59 44.67 -16.00
N ASP A 298 -2.15 45.43 -14.99
CA ASP A 298 -1.32 46.61 -15.20
C ASP A 298 0.16 46.29 -15.24
N TYR A 299 0.56 45.13 -14.72
CA TYR A 299 1.96 44.71 -14.73
C TYR A 299 2.03 43.20 -14.97
N VAL A 300 2.99 42.78 -15.77
CA VAL A 300 3.19 41.37 -16.10
C VAL A 300 4.64 41.03 -15.82
N VAL A 301 4.86 40.01 -14.99
CA VAL A 301 6.19 39.50 -14.70
C VAL A 301 6.34 38.18 -15.43
N THR A 302 7.25 38.14 -16.41
CA THR A 302 7.55 36.95 -17.17
C THR A 302 9.06 36.71 -17.13
N GLU A 303 9.49 35.60 -17.70
CA GLU A 303 10.91 35.24 -17.65
C GLU A 303 11.29 34.51 -18.92
N ALA A 304 12.59 34.26 -19.07
CA ALA A 304 13.14 33.51 -20.19
C ALA A 304 14.19 32.56 -19.67
N GLY A 305 14.28 31.39 -20.30
CA GLY A 305 15.18 30.36 -19.81
C GLY A 305 16.64 30.72 -19.97
N PHE A 306 17.47 30.01 -19.20
CA PHE A 306 18.92 30.21 -19.19
C PHE A 306 19.29 31.65 -18.87
N GLY A 307 20.47 32.08 -19.28
CA GLY A 307 20.95 33.41 -18.99
C GLY A 307 20.46 34.45 -19.98
N ALA A 308 20.89 35.70 -19.74
CA ALA A 308 20.50 36.80 -20.60
C ALA A 308 21.12 36.71 -21.98
N ASP A 309 22.17 35.91 -22.15
CA ASP A 309 22.78 35.73 -23.46
C ASP A 309 21.95 34.83 -24.37
N LEU A 310 21.05 34.02 -23.81
CA LEU A 310 20.20 33.14 -24.60
C LEU A 310 18.73 33.50 -24.48
N GLY A 311 18.15 33.42 -23.28
CA GLY A 311 16.73 33.66 -23.14
C GLY A 311 16.34 35.10 -23.41
N ALA A 312 17.03 36.04 -22.77
CA ALA A 312 16.71 37.44 -22.96
C ALA A 312 16.97 37.88 -24.40
N GLU A 313 18.02 37.35 -25.02
CA GLU A 313 18.28 37.67 -26.42
C GLU A 313 17.15 37.19 -27.32
N LYS A 314 16.65 35.98 -27.07
CA LYS A 314 15.56 35.44 -27.88
C LYS A 314 14.21 36.01 -27.47
N PHE A 315 14.04 36.37 -26.20
CA PHE A 315 12.81 37.06 -25.79
C PHE A 315 12.67 38.39 -26.51
N LEU A 316 13.77 39.12 -26.68
CA LEU A 316 13.76 40.44 -27.27
C LEU A 316 13.82 40.42 -28.79
N ASP A 317 14.68 39.58 -29.37
CA ASP A 317 14.91 39.57 -30.81
C ASP A 317 13.97 38.65 -31.56
N ILE A 318 13.20 37.80 -30.87
CA ILE A 318 12.29 36.88 -31.55
C ILE A 318 10.86 37.09 -31.05
N LYS A 319 10.64 36.88 -29.75
CA LYS A 319 9.28 36.97 -29.21
C LYS A 319 8.74 38.39 -29.31
N CYS A 320 9.48 39.38 -28.78
CA CYS A 320 8.99 40.75 -28.80
C CYS A 320 8.80 41.28 -30.22
N ARG A 321 9.62 40.79 -31.16
CA ARG A 321 9.46 41.20 -32.55
C ARG A 321 8.16 40.66 -33.14
N LYS A 322 7.88 39.37 -32.92
CA LYS A 322 6.70 38.75 -33.51
C LYS A 322 5.42 39.16 -32.79
N ALA A 323 5.52 39.54 -31.52
CA ALA A 323 4.35 39.95 -30.75
C ALA A 323 4.11 41.45 -30.81
N GLY A 324 5.11 42.24 -31.20
CA GLY A 324 4.96 43.68 -31.21
C GLY A 324 4.91 44.31 -29.83
N ILE A 325 5.69 43.81 -28.89
CA ILE A 325 5.75 44.34 -27.54
C ILE A 325 7.20 44.66 -27.20
N ARG A 326 7.38 45.34 -26.07
CA ARG A 326 8.70 45.75 -25.63
C ARG A 326 8.68 45.80 -24.11
N PRO A 327 9.65 45.17 -23.44
CA PRO A 327 9.68 45.22 -21.98
C PRO A 327 9.99 46.63 -21.47
N ASP A 328 9.34 47.00 -20.37
CA ASP A 328 9.58 48.28 -19.74
C ASP A 328 10.66 48.21 -18.66
N ALA A 329 10.97 47.02 -18.16
CA ALA A 329 12.01 46.86 -17.16
C ALA A 329 12.50 45.42 -17.21
N VAL A 330 13.78 45.23 -16.86
CA VAL A 330 14.42 43.93 -16.86
C VAL A 330 15.01 43.67 -15.49
N ILE A 331 14.74 42.49 -14.93
CA ILE A 331 15.32 42.05 -13.66
C ILE A 331 16.40 41.02 -13.96
N ILE A 332 17.62 41.29 -13.50
CA ILE A 332 18.74 40.38 -13.69
C ILE A 332 19.05 39.75 -12.34
N VAL A 333 18.82 38.44 -12.23
CA VAL A 333 19.00 37.72 -10.98
C VAL A 333 20.39 37.15 -10.91
N ALA A 334 21.01 37.23 -9.73
CA ALA A 334 22.34 36.67 -9.52
C ALA A 334 22.52 36.40 -8.03
N THR A 335 23.52 35.59 -7.71
CA THR A 335 23.88 35.28 -6.33
C THR A 335 25.38 35.44 -6.15
N VAL A 336 25.78 35.62 -4.90
CA VAL A 336 27.21 35.75 -4.58
C VAL A 336 27.93 34.43 -4.84
N ARG A 337 27.27 33.31 -4.58
CA ARG A 337 27.87 32.00 -4.83
C ARG A 337 28.11 31.78 -6.32
N ALA A 338 27.17 32.21 -7.16
CA ALA A 338 27.32 32.02 -8.61
C ALA A 338 28.46 32.87 -9.16
N LEU A 339 28.62 34.09 -8.64
CA LEU A 339 29.70 34.94 -9.11
C LEU A 339 31.06 34.43 -8.65
N LYS A 340 31.13 33.89 -7.44
CA LYS A 340 32.36 33.26 -6.96
C LYS A 340 32.65 31.96 -7.69
N TYR A 341 31.63 31.29 -8.23
CA TYR A 341 31.86 30.12 -9.07
C TYR A 341 32.51 30.51 -10.39
N ASN A 342 32.16 31.68 -10.93
CA ASN A 342 32.80 32.18 -12.15
C ASN A 342 34.20 32.69 -11.90
N GLY A 343 34.62 32.82 -10.64
CA GLY A 343 35.95 33.29 -10.29
C GLY A 343 36.97 32.22 -9.99
N GLY A 344 36.59 30.95 -10.04
CA GLY A 344 37.51 29.84 -9.81
C GLY A 344 37.20 28.99 -8.59
N VAL A 345 36.25 29.38 -7.75
CA VAL A 345 35.94 28.60 -6.56
C VAL A 345 35.16 27.36 -6.95
N ALA A 346 35.52 26.23 -6.34
CA ALA A 346 34.82 24.98 -6.60
C ALA A 346 33.43 25.00 -5.98
N LYS A 347 32.64 23.98 -6.31
CA LYS A 347 31.26 23.89 -5.83
C LYS A 347 31.16 23.63 -4.34
N ASP A 348 32.25 23.24 -3.68
CA ASP A 348 32.22 22.92 -2.26
C ASP A 348 32.77 24.03 -1.38
N GLN A 349 33.45 25.02 -1.95
CA GLN A 349 34.04 26.10 -1.19
C GLN A 349 33.27 27.41 -1.32
N LEU A 350 32.02 27.35 -1.76
CA LEU A 350 31.24 28.55 -2.04
C LEU A 350 30.75 29.26 -0.78
N ASN A 351 30.62 28.55 0.34
CA ASN A 351 30.12 29.16 1.56
C ASN A 351 31.16 30.02 2.27
N ASN A 352 32.42 29.96 1.87
CA ASN A 352 33.46 30.77 2.47
C ASN A 352 33.59 32.09 1.73
N GLU A 353 33.93 33.14 2.49
CA GLU A 353 34.10 34.46 1.90
C GLU A 353 35.33 34.49 0.99
N ASN A 354 35.17 35.10 -0.19
CA ASN A 354 36.26 35.17 -1.16
C ASN A 354 36.00 36.42 -2.01
N LEU A 355 36.53 37.56 -1.54
CA LEU A 355 36.35 38.82 -2.26
C LEU A 355 37.18 38.87 -3.54
N GLU A 356 38.27 38.11 -3.62
CA GLU A 356 39.08 38.11 -4.83
C GLU A 356 38.37 37.39 -5.97
N ALA A 357 37.80 36.22 -5.68
CA ALA A 357 37.07 35.49 -6.72
C ALA A 357 35.77 36.18 -7.08
N LEU A 358 35.17 36.90 -6.13
CA LEU A 358 33.95 37.65 -6.42
C LEU A 358 34.21 38.72 -7.46
N GLU A 359 35.38 39.36 -7.41
CA GLU A 359 35.73 40.36 -8.41
C GLU A 359 36.11 39.71 -9.74
N LYS A 360 36.51 38.44 -9.72
CA LYS A 360 36.83 37.75 -10.96
C LYS A 360 35.59 37.23 -11.69
N GLY A 361 34.51 36.97 -10.96
CA GLY A 361 33.28 36.48 -11.57
C GLY A 361 32.27 37.57 -11.85
N LEU A 362 32.45 38.73 -11.22
CA LEU A 362 31.56 39.86 -11.46
C LEU A 362 31.50 40.32 -12.92
N PRO A 363 32.59 40.27 -13.73
CA PRO A 363 32.46 40.68 -15.14
C PRO A 363 31.37 39.95 -15.91
N ASN A 364 30.99 38.74 -15.46
CA ASN A 364 29.86 38.06 -16.08
C ASN A 364 28.57 38.83 -15.87
N LEU A 365 28.30 39.23 -14.63
CA LEU A 365 27.12 40.03 -14.35
C LEU A 365 27.21 41.40 -15.03
N LEU A 366 28.41 41.98 -15.06
CA LEU A 366 28.59 43.28 -15.71
C LEU A 366 28.36 43.17 -17.20
N LYS A 367 28.68 42.02 -17.81
CA LYS A 367 28.45 41.84 -19.24
C LYS A 367 26.97 41.79 -19.56
N HIS A 368 26.17 41.11 -18.73
CA HIS A 368 24.73 41.06 -18.97
C HIS A 368 24.08 42.42 -18.75
N ILE A 369 24.60 43.22 -17.82
CA ILE A 369 24.08 44.57 -17.62
C ILE A 369 24.34 45.44 -18.85
N GLU A 370 25.55 45.34 -19.41
CA GLU A 370 25.88 46.12 -20.59
C GLU A 370 25.03 45.71 -21.79
N ASN A 371 24.70 44.42 -21.90
CA ASN A 371 23.89 43.96 -23.01
C ASN A 371 22.47 44.50 -22.91
N ILE A 372 21.89 44.49 -21.72
CA ILE A 372 20.50 44.92 -21.56
C ILE A 372 20.38 46.44 -21.66
N THR A 373 21.33 47.17 -21.07
CA THR A 373 21.22 48.62 -20.98
C THR A 373 21.83 49.37 -22.16
N GLN A 374 22.86 48.82 -22.80
CA GLN A 374 23.56 49.54 -23.85
C GLN A 374 23.31 48.98 -25.25
N VAL A 375 22.90 47.72 -25.37
CA VAL A 375 22.57 47.16 -26.68
C VAL A 375 21.07 47.25 -26.96
N TYR A 376 20.25 46.81 -26.01
CA TYR A 376 18.81 46.88 -26.15
C TYR A 376 18.21 48.14 -25.55
N LYS A 377 18.95 48.84 -24.70
CA LYS A 377 18.52 50.12 -24.11
C LYS A 377 17.23 49.96 -23.31
N ILE A 378 17.28 49.07 -22.33
CA ILE A 378 16.14 48.77 -21.47
C ILE A 378 16.57 49.01 -20.02
N PRO A 379 15.78 49.71 -19.21
CA PRO A 379 16.12 49.86 -17.80
C PRO A 379 16.24 48.51 -17.11
N ALA A 380 17.28 48.37 -16.28
CA ALA A 380 17.59 47.10 -15.64
C ALA A 380 17.79 47.30 -14.15
N VAL A 381 17.58 46.22 -13.41
CA VAL A 381 17.82 46.18 -11.96
C VAL A 381 18.34 44.78 -11.61
N VAL A 382 19.36 44.75 -10.76
CA VAL A 382 19.96 43.49 -10.31
C VAL A 382 19.30 43.05 -9.02
N ALA A 383 18.77 41.83 -9.01
CA ALA A 383 18.15 41.23 -7.84
C ALA A 383 19.06 40.13 -7.32
N ILE A 384 19.59 40.31 -6.11
CA ILE A 384 20.51 39.36 -5.50
C ILE A 384 19.72 38.51 -4.51
N ASN A 385 19.57 37.22 -4.81
CA ASN A 385 18.97 36.27 -3.88
C ASN A 385 19.95 36.06 -2.74
N ARG A 386 19.71 36.74 -1.62
CA ARG A 386 20.66 36.78 -0.53
C ARG A 386 20.63 35.47 0.26
N PHE A 387 21.82 34.92 0.52
CA PHE A 387 22.03 33.74 1.35
C PHE A 387 22.52 34.16 2.73
N PRO A 388 22.31 33.33 3.75
CA PRO A 388 22.71 33.74 5.11
C PRO A 388 24.20 34.00 5.26
N LEU A 389 25.05 33.27 4.54
CA LEU A 389 26.49 33.42 4.66
C LEU A 389 27.06 34.49 3.74
N ASP A 390 26.21 35.26 3.07
CA ASP A 390 26.68 36.36 2.23
C ASP A 390 27.06 37.53 3.14
N THR A 391 28.33 37.89 3.14
CA THR A 391 28.81 38.95 4.01
C THR A 391 28.43 40.32 3.45
N ASP A 392 28.48 41.33 4.33
CA ASP A 392 28.17 42.69 3.91
C ASP A 392 29.24 43.23 2.96
N ALA A 393 30.47 42.74 3.07
CA ALA A 393 31.52 43.18 2.16
C ALA A 393 31.32 42.61 0.76
N GLU A 394 30.83 41.37 0.68
CA GLU A 394 30.54 40.78 -0.64
C GLU A 394 29.36 41.50 -1.31
N LEU A 395 28.33 41.82 -0.54
CA LEU A 395 27.18 42.53 -1.12
C LEU A 395 27.53 43.96 -1.50
N ALA A 396 28.50 44.57 -0.81
CA ALA A 396 28.91 45.92 -1.15
C ALA A 396 29.75 45.95 -2.41
N LEU A 397 30.53 44.89 -2.66
CA LEU A 397 31.35 44.84 -3.87
C LEU A 397 30.48 44.69 -5.12
N VAL A 398 29.50 43.78 -5.07
CA VAL A 398 28.60 43.60 -6.21
C VAL A 398 27.83 44.89 -6.46
N ARG A 399 27.42 45.58 -5.39
CA ARG A 399 26.72 46.84 -5.54
C ARG A 399 27.62 47.89 -6.18
N SER A 400 28.89 47.95 -5.75
CA SER A 400 29.81 48.97 -6.25
C SER A 400 30.07 48.81 -7.74
N LYS A 401 30.31 47.57 -8.19
CA LYS A 401 30.61 47.36 -9.60
C LYS A 401 29.39 47.60 -10.48
N CYS A 402 28.18 47.42 -9.95
CA CYS A 402 26.98 47.65 -10.74
C CYS A 402 26.56 49.11 -10.75
N GLU A 403 26.84 49.86 -9.68
CA GLU A 403 26.55 51.30 -9.69
C GLU A 403 27.38 52.02 -10.74
N GLU A 404 28.55 51.48 -11.09
CA GLU A 404 29.37 52.08 -12.12
C GLU A 404 28.70 51.98 -13.49
N LEU A 405 27.82 51.00 -13.69
CA LEU A 405 27.07 50.85 -14.92
C LEU A 405 25.70 51.51 -14.85
N GLY A 406 25.40 52.22 -13.77
CA GLY A 406 24.12 52.91 -13.66
C GLY A 406 22.94 52.04 -13.32
N VAL A 407 23.16 50.93 -12.61
CA VAL A 407 22.10 49.98 -12.28
C VAL A 407 22.10 49.72 -10.78
N LYS A 408 20.94 49.81 -10.16
CA LYS A 408 20.81 49.55 -8.73
C LYS A 408 20.92 48.06 -8.44
N VAL A 409 21.22 47.75 -7.18
CA VAL A 409 21.30 46.38 -6.70
C VAL A 409 20.31 46.24 -5.56
N ALA A 410 19.25 45.46 -5.77
CA ALA A 410 18.23 45.22 -4.77
C ALA A 410 18.38 43.81 -4.23
N LEU A 411 18.25 43.66 -2.91
CA LEU A 411 18.36 42.37 -2.27
C LEU A 411 17.00 41.68 -2.25
N SER A 412 17.01 40.39 -2.58
CA SER A 412 15.79 39.59 -2.66
C SER A 412 15.87 38.45 -1.67
N GLU A 413 14.80 38.28 -0.89
CA GLU A 413 14.66 37.18 0.06
C GLU A 413 13.29 36.53 -0.09
N VAL A 414 12.84 36.37 -1.33
CA VAL A 414 11.50 35.86 -1.60
C VAL A 414 11.40 34.37 -1.33
N TRP A 415 12.54 33.67 -1.30
CA TRP A 415 12.51 32.22 -1.08
C TRP A 415 12.05 31.88 0.33
N ALA A 416 12.43 32.70 1.32
CA ALA A 416 12.08 32.43 2.71
C ALA A 416 10.95 33.31 3.24
N ASN A 417 10.73 34.48 2.64
CA ASN A 417 9.74 35.42 3.16
C ASN A 417 8.64 35.77 2.17
N GLY A 418 8.71 35.29 0.93
CA GLY A 418 7.65 35.52 -0.04
C GLY A 418 7.66 36.92 -0.62
N GLY A 419 6.47 37.50 -0.77
CA GLY A 419 6.36 38.83 -1.38
C GLY A 419 7.06 39.91 -0.58
N GLU A 420 7.14 39.75 0.74
CA GLU A 420 7.83 40.74 1.56
C GLU A 420 9.32 40.80 1.24
N GLY A 421 9.90 39.70 0.78
CA GLY A 421 11.30 39.68 0.41
C GLY A 421 11.62 40.32 -0.92
N GLY A 422 10.62 40.63 -1.73
CA GLY A 422 10.82 41.27 -3.00
C GLY A 422 10.36 42.70 -3.10
N ILE A 423 9.98 43.34 -2.00
CA ILE A 423 9.52 44.72 -2.04
C ILE A 423 10.63 45.64 -2.52
N GLU A 424 11.87 45.36 -2.10
CA GLU A 424 13.00 46.19 -2.52
C GLU A 424 13.22 46.07 -4.02
N VAL A 425 13.06 44.88 -4.58
CA VAL A 425 13.19 44.69 -6.02
C VAL A 425 12.02 45.35 -6.74
N ALA A 426 10.80 45.15 -6.23
CA ALA A 426 9.61 45.67 -6.90
C ALA A 426 9.61 47.19 -6.95
N ASN A 427 10.04 47.85 -5.86
CA ASN A 427 10.03 49.31 -5.83
C ASN A 427 11.00 49.89 -6.84
N GLU A 428 12.16 49.26 -7.03
CA GLU A 428 13.10 49.74 -8.04
C GLU A 428 12.57 49.51 -9.45
N VAL A 429 11.81 48.44 -9.66
CA VAL A 429 11.20 48.21 -10.97
C VAL A 429 10.18 49.29 -11.28
N LEU A 430 9.32 49.59 -10.30
CA LEU A 430 8.36 50.67 -10.48
C LEU A 430 9.06 52.01 -10.71
N LYS A 431 10.20 52.23 -10.03
CA LYS A 431 10.94 53.47 -10.24
C LYS A 431 11.49 53.54 -11.66
N LEU A 432 11.95 52.41 -12.20
CA LEU A 432 12.41 52.39 -13.58
C LEU A 432 11.26 52.55 -14.56
N ILE A 433 10.06 52.12 -14.17
CA ILE A 433 8.90 52.20 -15.04
C ILE A 433 8.29 53.60 -15.03
N GLU A 434 8.23 54.26 -13.87
CA GLU A 434 7.59 55.57 -13.79
C GLU A 434 8.30 56.63 -14.61
N GLU A 435 9.42 56.33 -15.25
CA GLU A 435 10.06 57.33 -16.09
C GLU A 435 9.59 57.25 -17.53
N GLY A 436 9.26 56.05 -18.01
CA GLY A 436 8.70 55.89 -19.33
C GLY A 436 9.64 56.03 -20.50
N GLU A 437 10.94 56.25 -20.29
CA GLU A 437 11.85 56.45 -21.42
C GLU A 437 12.11 55.10 -22.08
N ASN A 438 11.66 54.96 -23.32
CA ASN A 438 11.78 53.73 -24.11
C ASN A 438 12.68 53.95 -25.32
N ASN A 439 13.94 53.52 -25.23
CA ASN A 439 14.81 53.54 -26.39
C ASN A 439 15.12 52.12 -26.86
N PHE A 440 14.11 51.27 -26.89
CA PHE A 440 14.30 49.84 -27.17
C PHE A 440 14.83 49.65 -28.59
N GLU A 441 15.92 48.89 -28.71
CA GLU A 441 16.51 48.56 -29.99
C GLU A 441 16.75 47.06 -30.07
N TYR A 442 16.55 46.49 -31.26
CA TYR A 442 16.90 45.10 -31.49
C TYR A 442 18.40 44.95 -31.66
N CYS A 443 18.87 43.70 -31.60
CA CYS A 443 20.29 43.44 -31.80
C CYS A 443 20.66 43.47 -33.28
N TYR A 444 19.75 43.06 -34.16
CA TYR A 444 19.98 43.06 -35.60
C TYR A 444 18.68 43.43 -36.30
N GLU A 445 18.74 43.47 -37.63
CA GLU A 445 17.59 43.80 -38.46
C GLU A 445 17.28 42.65 -39.40
N GLU A 446 16.01 42.56 -39.82
CA GLU A 446 15.57 41.42 -40.63
C GLU A 446 16.24 41.39 -41.99
N ASP A 447 16.61 42.55 -42.55
CA ASP A 447 17.20 42.57 -43.88
C ASP A 447 18.61 42.00 -43.90
N MET A 448 19.27 41.90 -42.75
CA MET A 448 20.59 41.31 -42.71
C MET A 448 20.52 39.82 -43.03
N THR A 449 21.62 39.29 -43.54
CA THR A 449 21.66 37.86 -43.86
C THR A 449 21.86 37.05 -42.58
N ILE A 450 21.76 35.73 -42.74
CA ILE A 450 21.90 34.83 -41.60
C ILE A 450 23.27 35.00 -40.95
N LYS A 451 24.33 35.05 -41.78
CA LYS A 451 25.68 35.19 -41.24
C LYS A 451 25.89 36.54 -40.58
N GLU A 452 25.27 37.60 -41.10
CA GLU A 452 25.37 38.90 -40.47
C GLU A 452 24.65 38.93 -39.13
N LYS A 453 23.50 38.25 -39.05
CA LYS A 453 22.77 38.21 -37.78
C LYS A 453 23.53 37.44 -36.72
N LEU A 454 24.16 36.32 -37.10
CA LEU A 454 24.96 35.56 -36.15
C LEU A 454 26.16 36.36 -35.67
N ASN A 455 26.79 37.11 -36.58
CA ASN A 455 27.94 37.93 -36.19
C ASN A 455 27.54 39.06 -35.25
N ALA A 456 26.34 39.62 -35.43
CA ALA A 456 25.87 40.66 -34.53
C ALA A 456 25.60 40.11 -33.13
N ILE A 457 25.06 38.91 -33.04
CA ILE A 457 24.80 38.29 -31.73
C ILE A 457 26.10 37.93 -31.04
N ALA A 458 27.04 37.34 -31.78
CA ALA A 458 28.27 36.87 -31.15
C ALA A 458 29.14 38.03 -30.67
N THR A 459 29.16 39.14 -31.41
CA THR A 459 30.02 40.25 -31.04
C THR A 459 29.37 41.13 -29.98
N LYS A 460 28.10 41.50 -30.17
CA LYS A 460 27.44 42.40 -29.25
C LYS A 460 27.07 41.71 -27.94
N ILE A 461 26.48 40.53 -28.02
CA ILE A 461 25.94 39.84 -26.85
C ILE A 461 26.99 38.93 -26.24
N TYR A 462 27.53 38.01 -27.03
CA TYR A 462 28.44 37.01 -26.49
C TYR A 462 29.82 37.57 -26.19
N GLY A 463 30.27 38.56 -26.96
CA GLY A 463 31.61 39.09 -26.81
C GLY A 463 32.67 38.42 -27.66
N ALA A 464 32.27 37.73 -28.72
CA ALA A 464 33.22 37.03 -29.58
C ALA A 464 33.81 37.97 -30.62
N ASP A 465 34.94 37.55 -31.20
CA ASP A 465 35.55 38.32 -32.28
C ASP A 465 34.83 38.09 -33.60
N GLY A 466 34.26 36.91 -33.78
CA GLY A 466 33.56 36.59 -35.02
C GLY A 466 32.97 35.21 -34.93
N VAL A 467 32.46 34.74 -36.08
CA VAL A 467 31.81 33.44 -36.17
C VAL A 467 32.48 32.63 -37.27
N ASN A 468 32.85 31.40 -36.94
CA ASN A 468 33.40 30.47 -37.92
C ASN A 468 32.36 29.40 -38.25
N TYR A 469 32.41 28.93 -39.49
CA TYR A 469 31.44 27.96 -39.99
C TYR A 469 32.15 26.77 -40.61
N THR A 470 31.56 25.60 -40.44
CA THR A 470 32.06 24.43 -41.17
C THR A 470 31.53 24.50 -42.61
N LYS A 471 32.10 23.65 -43.47
CA LYS A 471 31.67 23.65 -44.87
C LYS A 471 30.20 23.23 -45.00
N GLU A 472 29.77 22.23 -44.24
CA GLU A 472 28.37 21.84 -44.26
C GLU A 472 27.49 22.96 -43.72
N ALA A 473 27.97 23.69 -42.72
CA ALA A 473 27.21 24.83 -42.20
C ALA A 473 27.05 25.89 -43.28
N ASN A 474 28.13 26.18 -44.01
CA ASN A 474 28.03 27.12 -45.12
C ASN A 474 27.12 26.60 -46.21
N LYS A 475 27.13 25.28 -46.45
CA LYS A 475 26.24 24.70 -47.44
C LYS A 475 24.77 24.78 -47.01
N GLN A 476 24.50 24.48 -45.74
CA GLN A 476 23.12 24.54 -45.26
C GLN A 476 22.61 25.97 -45.22
N ILE A 477 23.44 26.91 -44.77
CA ILE A 477 23.03 28.31 -44.71
C ILE A 477 22.78 28.85 -46.11
N ALA A 478 23.66 28.51 -47.06
CA ALA A 478 23.48 28.97 -48.42
C ALA A 478 22.21 28.41 -49.04
N GLU A 479 21.89 27.15 -48.73
CA GLU A 479 20.64 26.57 -49.22
C GLU A 479 19.43 27.30 -48.62
N LEU A 480 19.51 27.66 -47.34
CA LEU A 480 18.42 28.40 -46.71
C LEU A 480 18.25 29.77 -47.36
N GLU A 481 19.35 30.41 -47.73
CA GLU A 481 19.26 31.72 -48.37
C GLU A 481 18.58 31.60 -49.74
N GLU A 482 18.90 30.54 -50.49
CA GLU A 482 18.29 30.36 -51.80
C GLU A 482 16.78 30.15 -51.71
N LEU A 483 16.32 29.49 -50.65
CA LEU A 483 14.89 29.21 -50.51
C LEU A 483 14.10 30.38 -49.93
N GLY A 484 14.78 31.42 -49.45
CA GLY A 484 14.11 32.61 -48.97
C GLY A 484 13.90 32.68 -47.47
N PHE A 485 14.71 31.99 -46.68
CA PHE A 485 14.57 31.99 -45.23
C PHE A 485 15.59 32.89 -44.55
N GLY A 486 16.36 33.66 -45.31
CA GLY A 486 17.37 34.53 -44.73
C GLY A 486 16.83 35.78 -44.06
N ASN A 487 15.55 36.07 -44.22
CA ASN A 487 14.93 37.24 -43.60
C ASN A 487 14.41 36.95 -42.20
N LEU A 488 14.49 35.71 -41.75
CA LEU A 488 13.95 35.30 -40.46
C LEU A 488 15.00 35.51 -39.36
N PRO A 489 14.55 35.64 -38.10
CA PRO A 489 15.50 35.71 -36.99
C PRO A 489 16.27 34.41 -36.84
N VAL A 490 17.33 34.46 -36.06
CA VAL A 490 18.20 33.32 -35.82
C VAL A 490 18.10 32.93 -34.34
N CYS A 491 18.07 31.62 -34.09
CA CYS A 491 18.01 31.07 -32.75
C CYS A 491 19.27 30.24 -32.53
N VAL A 492 20.21 30.76 -31.75
CA VAL A 492 21.50 30.11 -31.57
C VAL A 492 21.38 29.05 -30.49
N ALA A 493 21.75 27.82 -30.82
CA ALA A 493 21.73 26.70 -29.88
C ALA A 493 23.18 26.44 -29.45
N LYS A 494 23.56 27.02 -28.33
CA LYS A 494 24.88 26.85 -27.75
C LYS A 494 24.74 26.56 -26.26
N THR A 495 25.87 26.27 -25.63
CA THR A 495 25.87 26.00 -24.20
C THR A 495 25.40 27.23 -23.42
N GLN A 496 24.75 26.97 -22.29
CA GLN A 496 24.25 28.03 -21.43
C GLN A 496 25.20 28.39 -20.29
N TYR A 497 26.18 27.54 -19.99
CA TYR A 497 27.08 27.74 -18.86
C TYR A 497 28.18 28.75 -19.15
N SER A 498 28.22 29.33 -20.34
CA SER A 498 29.27 30.28 -20.68
C SER A 498 28.76 31.22 -21.76
N LEU A 499 29.34 32.43 -21.78
CA LEU A 499 29.06 33.38 -22.86
C LEU A 499 29.59 32.88 -24.20
N SER A 500 30.60 31.99 -24.18
CA SER A 500 31.15 31.40 -25.37
C SER A 500 30.42 30.08 -25.67
N ASP A 501 30.89 29.36 -26.68
CA ASP A 501 30.40 28.02 -26.96
C ASP A 501 31.17 26.94 -26.21
N ASP A 502 32.14 27.32 -25.39
CA ASP A 502 32.91 26.39 -24.57
C ASP A 502 32.44 26.50 -23.12
N GLN A 503 31.86 25.41 -22.60
CA GLN A 503 31.26 25.43 -21.27
C GLN A 503 32.27 25.62 -20.14
N THR A 504 33.57 25.62 -20.44
CA THR A 504 34.57 25.82 -19.40
C THR A 504 35.00 27.28 -19.26
N LYS A 505 34.76 28.11 -20.27
CA LYS A 505 35.14 29.52 -20.22
C LYS A 505 34.12 30.28 -19.38
N LEU A 506 34.36 30.31 -18.07
CA LEU A 506 33.47 31.02 -17.16
C LEU A 506 33.85 32.50 -17.12
N GLY A 507 33.19 33.26 -16.25
CA GLY A 507 33.43 34.68 -16.11
C GLY A 507 33.03 35.47 -17.34
N ARG A 508 34.00 36.13 -17.97
CA ARG A 508 33.76 36.94 -19.17
C ARG A 508 34.89 36.69 -20.16
N PRO A 509 34.76 35.66 -21.00
CA PRO A 509 35.79 35.39 -22.00
C PRO A 509 35.87 36.49 -23.04
N THR A 510 37.07 36.66 -23.60
CA THR A 510 37.32 37.75 -24.55
C THR A 510 37.82 37.22 -25.89
N GLY A 511 39.01 36.61 -25.93
CA GLY A 511 39.59 36.15 -27.18
C GLY A 511 39.10 34.80 -27.65
N PHE A 512 37.85 34.74 -28.13
CA PHE A 512 37.27 33.49 -28.60
C PHE A 512 36.43 33.73 -29.84
N THR A 513 36.03 32.64 -30.49
CA THR A 513 35.21 32.69 -31.68
C THR A 513 34.17 31.58 -31.60
N ILE A 514 33.04 31.80 -32.28
CA ILE A 514 31.93 30.85 -32.28
C ILE A 514 32.05 29.92 -33.47
N GLU A 515 31.92 28.61 -33.23
CA GLU A 515 32.04 27.58 -34.25
C GLU A 515 30.66 27.03 -34.57
N VAL A 516 30.16 27.34 -35.76
CA VAL A 516 28.83 26.90 -36.21
C VAL A 516 29.01 25.63 -37.05
N ARG A 517 28.22 24.60 -36.74
CA ARG A 517 28.32 23.33 -37.46
C ARG A 517 27.05 22.91 -38.17
N GLN A 518 25.89 23.47 -37.83
CA GLN A 518 24.66 23.06 -38.48
C GLN A 518 23.63 24.18 -38.38
N ALA A 519 22.76 24.26 -39.39
CA ALA A 519 21.69 25.24 -39.44
C ALA A 519 20.43 24.59 -39.99
N ASN A 520 19.32 24.76 -39.28
CA ASN A 520 18.04 24.19 -39.68
C ASN A 520 16.97 25.27 -39.65
N ILE A 521 15.88 25.00 -40.35
CA ILE A 521 14.79 25.95 -40.53
C ILE A 521 13.60 25.49 -39.69
N SER A 522 13.04 26.40 -38.90
CA SER A 522 11.79 26.21 -38.19
C SER A 522 10.82 27.26 -38.73
N ALA A 523 10.29 27.00 -39.92
CA ALA A 523 9.47 27.99 -40.60
C ALA A 523 8.12 28.19 -39.95
N GLY A 524 7.64 27.21 -39.19
CA GLY A 524 6.40 27.40 -38.45
C GLY A 524 6.55 28.43 -37.35
N ALA A 525 7.57 28.27 -36.51
CA ALA A 525 7.84 29.26 -35.47
C ALA A 525 8.42 30.55 -36.06
N GLY A 526 9.15 30.45 -37.17
CA GLY A 526 9.65 31.62 -37.85
C GLY A 526 11.06 32.04 -37.49
N PHE A 527 11.98 31.08 -37.34
CA PHE A 527 13.38 31.41 -37.12
C PHE A 527 14.25 30.27 -37.62
N VAL A 528 15.55 30.57 -37.77
CA VAL A 528 16.55 29.61 -38.20
C VAL A 528 17.33 29.16 -36.98
N VAL A 529 17.41 27.85 -36.76
CA VAL A 529 18.13 27.28 -35.62
C VAL A 529 19.58 27.05 -36.03
N VAL A 530 20.51 27.63 -35.27
CA VAL A 530 21.95 27.49 -35.51
C VAL A 530 22.59 26.83 -34.30
N MET A 531 23.21 25.68 -34.52
CA MET A 531 23.87 24.93 -33.46
C MET A 531 25.38 25.09 -33.51
N THR A 532 25.98 25.30 -32.33
CA THR A 532 27.42 25.29 -32.17
C THR A 532 27.92 23.96 -31.62
N GLY A 533 27.02 22.99 -31.50
CA GLY A 533 27.39 21.69 -31.00
C GLY A 533 26.26 20.72 -31.14
N GLU A 534 26.33 19.62 -30.39
CA GLU A 534 25.28 18.62 -30.38
C GLU A 534 24.27 18.93 -29.28
N ILE A 535 22.99 18.81 -29.61
CA ILE A 535 21.91 19.12 -28.69
C ILE A 535 21.07 17.87 -28.49
N MET A 536 20.73 17.57 -27.25
CA MET A 536 19.94 16.39 -26.91
C MET A 536 18.46 16.77 -26.88
N LYS A 537 17.73 16.35 -27.91
CA LYS A 537 16.29 16.61 -28.01
C LYS A 537 15.46 15.51 -27.39
N MET A 538 16.08 14.47 -26.83
CA MET A 538 15.36 13.39 -26.16
C MET A 538 16.22 12.92 -24.99
N PRO A 539 15.90 13.34 -23.77
CA PRO A 539 16.72 12.95 -22.62
C PRO A 539 16.51 11.49 -22.23
N GLY A 540 17.45 10.99 -21.42
CA GLY A 540 17.42 9.61 -20.99
C GLY A 540 17.17 9.40 -19.51
N LEU A 541 16.70 8.20 -19.13
CA LEU A 541 16.43 7.86 -17.75
C LEU A 541 17.72 7.44 -17.02
N PRO A 542 17.85 7.77 -15.74
CA PRO A 542 19.04 7.36 -14.98
C PRO A 542 18.94 5.89 -14.57
N LYS A 543 19.96 5.46 -13.82
CA LYS A 543 20.04 4.06 -13.41
C LYS A 543 18.91 3.70 -12.45
N LEU A 544 18.54 4.64 -11.57
CA LEU A 544 17.44 4.46 -10.62
C LEU A 544 16.45 5.60 -10.84
N PRO A 545 15.46 5.42 -11.71
CA PRO A 545 14.50 6.49 -11.98
C PRO A 545 13.64 6.81 -10.77
N ALA A 546 13.30 8.10 -10.64
CA ALA A 546 12.40 8.53 -9.57
C ALA A 546 11.04 7.87 -9.66
N ALA A 547 10.67 7.32 -10.83
CA ALA A 547 9.40 6.63 -10.97
C ALA A 547 9.28 5.46 -10.00
N GLU A 548 10.40 4.83 -9.65
CA GLU A 548 10.38 3.70 -8.73
C GLU A 548 9.94 4.10 -7.34
N ARG A 549 10.03 5.39 -6.99
CA ARG A 549 9.60 5.88 -5.69
C ARG A 549 8.16 6.40 -5.69
N ILE A 550 7.57 6.60 -6.87
CA ILE A 550 6.22 7.13 -6.96
C ILE A 550 5.22 6.05 -6.60
N ASP A 551 4.24 6.39 -5.77
CA ASP A 551 3.25 5.42 -5.31
C ASP A 551 1.90 6.12 -5.14
N VAL A 552 0.86 5.31 -5.03
CA VAL A 552 -0.51 5.77 -4.82
C VAL A 552 -1.12 4.94 -3.70
N ASP A 553 -1.81 5.61 -2.78
CA ASP A 553 -2.41 4.91 -1.65
C ASP A 553 -3.82 4.44 -2.01
N GLU A 554 -4.55 3.91 -1.02
CA GLU A 554 -5.87 3.33 -1.26
C GLU A 554 -6.91 4.38 -1.59
N ASN A 555 -6.67 5.65 -1.28
CA ASN A 555 -7.61 6.72 -1.57
C ASN A 555 -7.19 7.54 -2.78
N GLY A 556 -6.12 7.14 -3.47
CA GLY A 556 -5.68 7.88 -4.63
C GLY A 556 -4.79 9.06 -4.34
N LYS A 557 -4.03 9.03 -3.24
CA LYS A 557 -3.10 10.09 -2.90
C LYS A 557 -1.71 9.70 -3.38
N ILE A 558 -1.05 10.60 -4.09
CA ILE A 558 0.25 10.31 -4.69
C ILE A 558 1.35 10.68 -3.71
N SER A 559 2.30 9.76 -3.54
CA SER A 559 3.48 10.00 -2.71
C SER A 559 4.72 9.69 -3.53
N GLY A 560 5.82 10.39 -3.22
CA GLY A 560 7.09 10.14 -3.86
C GLY A 560 7.36 10.97 -5.09
N LEU A 561 6.46 11.88 -5.46
CA LEU A 561 6.71 12.74 -6.62
C LEU A 561 7.86 13.71 -6.36
N PHE A 562 8.03 14.14 -5.12
CA PHE A 562 9.04 15.14 -4.79
C PHE A 562 9.94 14.66 -3.67
N PHE B 7 18.55 -1.77 56.11
CA PHE B 7 18.70 -2.17 54.72
C PHE B 7 17.54 -3.06 54.28
N LYS B 8 16.86 -2.63 53.21
CA LYS B 8 15.73 -3.35 52.65
C LYS B 8 15.95 -3.60 51.17
N THR B 9 15.56 -4.78 50.71
CA THR B 9 15.67 -5.08 49.29
C THR B 9 14.61 -4.34 48.51
N ASP B 10 14.82 -4.25 47.20
CA ASP B 10 13.87 -3.55 46.33
C ASP B 10 12.48 -4.17 46.36
N ILE B 11 12.38 -5.49 46.51
CA ILE B 11 11.05 -6.12 46.55
C ILE B 11 10.33 -5.81 47.86
N GLU B 12 11.05 -5.83 48.99
CA GLU B 12 10.39 -5.50 50.25
C GLU B 12 9.82 -4.09 50.21
N ILE B 13 10.54 -3.16 49.59
CA ILE B 13 10.06 -1.79 49.45
C ILE B 13 8.82 -1.76 48.55
N ALA B 14 8.87 -2.49 47.44
CA ALA B 14 7.73 -2.52 46.54
C ALA B 14 6.53 -3.23 47.16
N GLN B 15 6.78 -4.24 48.00
CA GLN B 15 5.69 -4.93 48.67
C GLN B 15 5.10 -4.14 49.82
N GLU B 16 5.90 -3.31 50.49
CA GLU B 16 5.38 -2.53 51.61
C GLU B 16 4.69 -1.24 51.16
N ALA B 17 4.82 -0.85 49.90
CA ALA B 17 4.19 0.37 49.43
C ALA B 17 2.73 0.13 49.10
N ASN B 18 1.93 1.19 49.23
CA ASN B 18 0.50 1.13 48.96
C ASN B 18 0.19 1.80 47.63
N PRO B 19 0.11 1.05 46.54
CA PRO B 19 -0.17 1.65 45.23
C PRO B 19 -1.64 2.03 45.10
N GLN B 20 -1.88 3.18 44.48
CA GLN B 20 -3.23 3.65 44.28
C GLN B 20 -3.88 2.95 43.09
N ASP B 21 -5.21 2.92 43.10
CA ASP B 21 -5.96 2.42 41.96
C ASP B 21 -5.61 3.23 40.72
N ILE B 22 -5.34 2.54 39.61
CA ILE B 22 -4.89 3.21 38.40
C ILE B 22 -5.94 4.18 37.88
N ARG B 23 -7.21 3.97 38.23
CA ARG B 23 -8.23 4.94 37.87
C ARG B 23 -8.02 6.28 38.59
N ASP B 24 -7.41 6.24 39.77
CA ASP B 24 -7.06 7.48 40.47
C ASP B 24 -5.82 8.13 39.88
N ILE B 25 -4.85 7.32 39.44
CA ILE B 25 -3.67 7.86 38.76
C ILE B 25 -4.07 8.52 37.45
N ALA B 26 -5.00 7.91 36.72
CA ALA B 26 -5.47 8.49 35.47
C ALA B 26 -6.16 9.83 35.70
N LYS B 27 -6.83 9.99 36.85
CA LYS B 27 -7.46 11.26 37.17
C LYS B 27 -6.44 12.36 37.39
N LYS B 28 -5.24 12.02 37.88
CA LYS B 28 -4.21 13.02 38.08
C LYS B 28 -3.78 13.67 36.78
N ILE B 29 -3.90 12.95 35.67
CA ILE B 29 -3.52 13.45 34.36
C ILE B 29 -4.75 13.70 33.49
N ASN B 30 -5.92 13.87 34.10
CA ASN B 30 -7.14 14.31 33.41
C ASN B 30 -7.58 13.31 32.35
N LEU B 31 -7.53 12.02 32.69
CA LEU B 31 -8.01 10.95 31.82
C LEU B 31 -9.32 10.38 32.37
N SER B 32 -10.30 10.24 31.49
CA SER B 32 -11.60 9.72 31.87
C SER B 32 -11.60 8.18 31.82
N GLU B 33 -12.73 7.59 32.18
CA GLU B 33 -12.84 6.13 32.19
C GLU B 33 -12.80 5.55 30.78
N ASP B 34 -13.39 6.24 29.81
CA ASP B 34 -13.41 5.77 28.43
C ASP B 34 -12.10 5.98 27.69
N ASP B 35 -11.13 6.65 28.31
CA ASP B 35 -9.84 6.90 27.68
C ASP B 35 -8.79 5.84 28.02
N ILE B 36 -9.08 4.94 28.96
CA ILE B 36 -8.12 3.93 29.39
C ILE B 36 -8.81 2.56 29.40
N GLU B 37 -8.00 1.52 29.25
CA GLU B 37 -8.47 0.14 29.34
C GLU B 37 -7.69 -0.55 30.44
N LEU B 38 -8.39 -1.04 31.45
CA LEU B 38 -7.76 -1.58 32.65
C LEU B 38 -7.20 -2.97 32.42
N TYR B 39 -6.03 -3.22 33.00
CA TYR B 39 -5.43 -4.56 33.10
C TYR B 39 -5.22 -4.80 34.59
N GLY B 40 -6.31 -5.16 35.28
CA GLY B 40 -6.30 -5.13 36.73
C GLY B 40 -6.48 -3.71 37.22
N LYS B 41 -6.39 -3.56 38.54
CA LYS B 41 -6.58 -2.26 39.16
C LYS B 41 -5.30 -1.45 39.30
N TYR B 42 -4.17 -1.98 38.82
CA TYR B 42 -2.89 -1.28 38.93
C TYR B 42 -2.20 -1.06 37.60
N LYS B 43 -2.84 -1.42 36.48
CA LYS B 43 -2.28 -1.22 35.16
C LYS B 43 -3.38 -0.79 34.20
N ALA B 44 -3.02 0.01 33.20
CA ALA B 44 -3.99 0.45 32.20
C ALA B 44 -3.26 0.87 30.94
N LYS B 45 -3.95 0.71 29.80
CA LYS B 45 -3.49 1.22 28.52
C LYS B 45 -4.28 2.47 28.16
N ILE B 46 -3.59 3.49 27.67
CA ILE B 46 -4.19 4.77 27.31
C ILE B 46 -4.49 4.78 25.82
N ASP B 47 -5.73 5.09 25.47
CA ASP B 47 -6.11 5.18 24.08
C ASP B 47 -5.30 6.28 23.41
N TYR B 48 -4.61 5.93 22.32
CA TYR B 48 -3.79 6.93 21.65
C TYR B 48 -4.62 7.94 20.88
N ASN B 49 -5.93 7.67 20.70
CA ASN B 49 -6.80 8.61 20.01
C ASN B 49 -7.08 9.84 20.85
N VAL B 50 -6.72 9.84 22.14
CA VAL B 50 -6.86 11.03 22.97
C VAL B 50 -6.04 12.18 22.39
N LEU B 51 -4.92 11.86 21.74
CA LEU B 51 -4.12 12.89 21.09
C LEU B 51 -4.88 13.61 19.98
N ASN B 52 -6.02 13.08 19.54
CA ASN B 52 -6.78 13.66 18.45
C ASN B 52 -8.00 14.45 18.89
N ARG B 53 -8.56 14.15 20.06
CA ARG B 53 -9.78 14.80 20.53
C ARG B 53 -9.56 15.68 21.75
N THR B 54 -8.32 15.88 22.18
CA THR B 54 -8.01 16.77 23.29
C THR B 54 -6.81 17.64 22.91
N LYS B 55 -6.73 18.81 23.53
CA LYS B 55 -5.62 19.73 23.32
C LYS B 55 -4.50 19.44 24.31
N SER B 56 -3.26 19.58 23.83
CA SER B 56 -2.08 19.28 24.63
C SER B 56 -1.81 20.39 25.64
N ARG B 57 -1.11 20.01 26.71
CA ARG B 57 -0.62 20.95 27.70
C ARG B 57 0.76 21.50 27.34
N ALA B 58 1.35 21.04 26.24
CA ALA B 58 2.65 21.50 25.76
C ALA B 58 3.73 21.32 26.83
N GLY B 59 3.77 20.12 27.40
CA GLY B 59 4.71 19.84 28.46
C GLY B 59 6.16 19.90 28.00
N LYS B 60 7.05 20.10 28.98
CA LYS B 60 8.49 20.14 28.74
C LYS B 60 9.07 18.74 28.79
N LEU B 61 10.13 18.53 28.00
CA LEU B 61 10.79 17.23 27.90
C LEU B 61 12.13 17.28 28.62
N ILE B 62 12.33 16.36 29.55
CA ILE B 62 13.58 16.22 30.29
C ILE B 62 14.21 14.88 29.94
N LEU B 63 15.43 14.91 29.42
CA LEU B 63 16.14 13.71 29.01
C LEU B 63 17.18 13.36 30.07
N THR B 64 17.13 12.12 30.57
CA THR B 64 18.10 11.63 31.54
C THR B 64 19.10 10.74 30.82
N THR B 65 20.38 11.11 30.86
CA THR B 65 21.44 10.28 30.32
C THR B 65 22.51 10.09 31.39
N ALA B 66 23.63 9.48 31.03
CA ALA B 66 24.70 9.24 31.99
C ALA B 66 26.02 9.09 31.24
N ILE B 67 27.09 8.95 32.02
CA ILE B 67 28.41 8.66 31.46
C ILE B 67 28.44 7.21 31.02
N ASN B 68 29.57 6.76 30.50
CA ASN B 68 29.70 5.38 30.04
C ASN B 68 29.48 4.42 31.20
N PRO B 69 28.68 3.36 31.03
CA PRO B 69 28.39 2.46 32.15
C PRO B 69 29.64 1.81 32.71
N THR B 70 29.63 1.58 34.02
CA THR B 70 30.69 0.87 34.71
C THR B 70 30.17 -0.43 35.32
N PRO B 71 31.04 -1.41 35.53
CA PRO B 71 30.58 -2.68 36.12
C PRO B 71 30.08 -2.56 37.55
N ALA B 72 30.46 -1.49 38.26
CA ALA B 72 30.15 -1.37 39.68
C ALA B 72 28.65 -1.20 39.94
N GLY B 73 28.00 -0.31 39.20
CA GLY B 73 26.60 -0.02 39.45
C GLY B 73 25.93 0.89 38.42
N GLU B 74 24.68 0.58 38.07
CA GLU B 74 23.91 1.34 37.08
C GLU B 74 22.72 2.04 37.73
N GLY B 75 22.82 3.36 37.90
CA GLY B 75 21.72 4.12 38.49
C GLY B 75 21.03 5.15 37.62
N LYS B 76 21.05 5.01 36.29
CA LYS B 76 20.41 6.00 35.43
C LYS B 76 18.88 5.99 35.57
N THR B 77 18.26 4.81 35.57
CA THR B 77 16.80 4.75 35.68
C THR B 77 16.32 5.18 37.06
N THR B 78 17.09 4.87 38.11
CA THR B 78 16.72 5.27 39.46
C THR B 78 16.63 6.80 39.58
N THR B 79 17.51 7.52 38.88
CA THR B 79 17.48 8.97 38.95
C THR B 79 16.27 9.55 38.24
N SER B 80 15.92 8.98 37.09
CA SER B 80 14.76 9.46 36.33
C SER B 80 13.49 9.41 37.17
N ILE B 81 13.28 8.31 37.88
CA ILE B 81 12.09 8.17 38.71
C ILE B 81 12.14 9.10 39.91
N GLY B 82 13.31 9.22 40.53
CA GLY B 82 13.44 10.10 41.69
C GLY B 82 13.19 11.56 41.36
N VAL B 83 13.67 12.01 40.21
CA VAL B 83 13.43 13.38 39.79
C VAL B 83 11.96 13.61 39.50
N ALA B 84 11.30 12.63 38.88
CA ALA B 84 9.86 12.75 38.63
C ALA B 84 9.09 12.86 39.93
N ASP B 85 9.44 12.03 40.92
CA ASP B 85 8.80 12.16 42.23
C ASP B 85 9.13 13.50 42.88
N ALA B 86 10.33 14.02 42.65
CA ALA B 86 10.70 15.31 43.22
C ALA B 86 9.88 16.44 42.63
N LEU B 87 9.69 16.43 41.31
CA LEU B 87 8.86 17.45 40.67
C LEU B 87 7.42 17.37 41.17
N ALA B 88 6.94 16.17 41.47
CA ALA B 88 5.61 16.03 42.05
C ALA B 88 5.55 16.64 43.45
N LYS B 89 6.64 16.50 44.22
CA LYS B 89 6.70 17.13 45.53
C LYS B 89 6.56 18.64 45.44
N LEU B 90 7.15 19.24 44.40
CA LEU B 90 7.10 20.67 44.18
C LEU B 90 5.77 21.15 43.61
N GLY B 91 4.79 20.25 43.48
CA GLY B 91 3.49 20.64 42.98
C GLY B 91 3.36 20.66 41.47
N LYS B 92 4.27 20.00 40.76
CA LYS B 92 4.23 19.98 39.30
C LYS B 92 3.48 18.75 38.80
N ASN B 93 2.87 18.90 37.62
CA ASN B 93 2.19 17.80 36.95
C ASN B 93 3.20 17.12 36.04
N VAL B 94 3.72 15.98 36.48
CA VAL B 94 4.88 15.34 35.86
C VAL B 94 4.55 13.89 35.55
N ILE B 95 5.13 13.39 34.45
CA ILE B 95 5.01 11.99 34.05
C ILE B 95 6.40 11.45 33.78
N ALA B 96 6.67 10.26 34.31
CA ALA B 96 7.91 9.55 34.00
C ALA B 96 7.65 8.58 32.85
N ALA B 97 8.43 8.70 31.78
CA ALA B 97 8.30 7.84 30.61
C ALA B 97 9.54 6.96 30.52
N LEU B 98 9.35 5.65 30.59
CA LEU B 98 10.44 4.70 30.66
C LEU B 98 10.16 3.53 29.72
N ARG B 99 11.12 2.61 29.65
CA ARG B 99 11.03 1.42 28.82
C ARG B 99 10.48 0.23 29.61
N GLU B 100 9.85 -0.70 28.89
CA GLU B 100 9.47 -1.99 29.46
C GLU B 100 10.60 -3.00 29.24
N PRO B 101 11.04 -3.70 30.28
CA PRO B 101 12.14 -4.66 30.12
C PRO B 101 11.69 -5.94 29.43
N SER B 102 12.68 -6.71 28.97
CA SER B 102 12.42 -8.00 28.35
C SER B 102 12.25 -9.08 29.41
N MET B 103 11.30 -9.99 29.16
CA MET B 103 11.03 -11.07 30.11
C MET B 103 12.09 -12.16 30.06
N GLY B 104 12.69 -12.38 28.90
CA GLY B 104 13.69 -13.42 28.71
C GLY B 104 14.78 -13.48 29.77
N PRO B 105 15.49 -12.37 29.98
CA PRO B 105 16.58 -12.39 30.97
C PRO B 105 16.15 -12.73 32.38
N VAL B 106 14.86 -12.59 32.72
CA VAL B 106 14.38 -12.89 34.06
C VAL B 106 14.68 -14.33 34.45
N PHE B 107 14.65 -15.24 33.49
CA PHE B 107 14.87 -16.66 33.74
C PHE B 107 16.33 -17.07 33.71
N GLY B 108 17.23 -16.20 33.27
CA GLY B 108 18.65 -16.51 33.32
C GLY B 108 19.22 -16.02 34.63
N ILE B 109 19.47 -14.72 34.71
CA ILE B 109 19.80 -14.06 35.96
C ILE B 109 18.50 -13.48 36.50
N LYS B 110 18.44 -13.28 37.81
CA LYS B 110 17.19 -12.90 38.45
C LYS B 110 16.68 -11.58 37.88
N GLY B 111 15.37 -11.37 38.03
CA GLY B 111 14.76 -10.14 37.58
C GLY B 111 15.01 -9.02 38.56
N GLY B 112 14.73 -7.79 38.12
CA GLY B 112 15.02 -6.63 38.94
C GLY B 112 13.91 -5.61 38.90
N ALA B 113 14.10 -4.56 39.68
CA ALA B 113 13.11 -3.51 39.85
C ALA B 113 13.18 -2.51 38.71
N ALA B 114 12.02 -1.89 38.43
CA ALA B 114 11.97 -0.72 37.55
C ALA B 114 12.52 0.46 38.34
N GLY B 115 13.85 0.56 38.36
CA GLY B 115 14.52 1.54 39.18
C GLY B 115 15.32 0.90 40.29
N GLY B 116 15.08 1.33 41.52
CA GLY B 116 15.78 0.78 42.67
C GLY B 116 15.59 1.57 43.94
N GLY B 117 15.68 0.90 45.08
CA GLY B 117 15.52 1.58 46.35
C GLY B 117 14.11 2.14 46.51
N TYR B 118 14.03 3.42 46.86
CA TYR B 118 12.77 4.11 46.99
C TYR B 118 12.41 4.93 45.75
N ALA B 119 13.05 4.64 44.62
CA ALA B 119 12.72 5.24 43.33
C ALA B 119 12.39 4.09 42.37
N GLN B 120 11.20 3.53 42.52
CA GLN B 120 10.76 2.38 41.74
C GLN B 120 9.43 2.67 41.06
N VAL B 121 9.06 1.75 40.16
CA VAL B 121 7.75 1.74 39.53
C VAL B 121 7.07 0.42 39.87
N VAL B 122 5.78 0.48 40.20
CA VAL B 122 5.01 -0.67 40.67
C VAL B 122 3.83 -0.88 39.73
N PRO B 123 3.36 -2.13 39.54
CA PRO B 123 3.79 -3.38 40.18
C PRO B 123 5.02 -4.04 39.55
N MET B 124 5.96 -4.47 40.40
CA MET B 124 7.22 -5.00 39.89
C MET B 124 7.02 -6.35 39.21
N GLU B 125 6.15 -7.21 39.75
CA GLU B 125 6.01 -8.56 39.24
C GLU B 125 5.45 -8.57 37.82
N ASP B 126 4.38 -7.81 37.59
CA ASP B 126 3.76 -7.79 36.26
C ASP B 126 4.70 -7.18 35.23
N ILE B 127 5.42 -6.12 35.59
CA ILE B 127 6.30 -5.45 34.64
C ILE B 127 7.40 -6.39 34.16
N ASN B 128 7.93 -7.21 35.06
CA ASN B 128 8.98 -8.16 34.68
C ASN B 128 8.46 -9.30 33.82
N LEU B 129 7.15 -9.59 33.88
CA LEU B 129 6.61 -10.74 33.18
C LEU B 129 5.83 -10.35 31.94
N HIS B 130 4.54 -10.69 31.90
CA HIS B 130 3.74 -10.44 30.72
C HIS B 130 3.35 -8.98 30.57
N PHE B 131 3.27 -8.24 31.68
CA PHE B 131 2.83 -6.85 31.69
C PHE B 131 1.46 -6.73 31.03
N THR B 132 1.37 -5.93 29.96
CA THR B 132 0.14 -5.78 29.21
C THR B 132 0.17 -6.52 27.88
N GLY B 133 1.22 -7.30 27.63
CA GLY B 133 1.29 -8.13 26.44
C GLY B 133 1.98 -7.53 25.24
N ASP B 134 2.66 -6.39 25.41
CA ASP B 134 3.31 -5.74 24.27
C ASP B 134 4.37 -6.62 23.63
N MET B 135 5.20 -7.27 24.45
CA MET B 135 6.28 -8.09 23.93
C MET B 135 5.74 -9.25 23.11
N HIS B 136 4.64 -9.86 23.56
CA HIS B 136 4.04 -10.96 22.81
C HIS B 136 3.51 -10.47 21.46
N ALA B 137 2.97 -9.25 21.42
CA ALA B 137 2.44 -8.71 20.17
C ALA B 137 3.56 -8.37 19.20
N ILE B 138 4.68 -7.82 19.71
CA ILE B 138 5.83 -7.55 18.86
C ILE B 138 6.34 -8.85 18.24
N GLY B 139 6.44 -9.90 19.04
CA GLY B 139 6.93 -11.17 18.52
C GLY B 139 5.98 -11.81 17.52
N ALA B 140 4.68 -11.71 17.78
CA ALA B 140 3.70 -12.29 16.85
C ALA B 140 3.75 -11.60 15.50
N ALA B 141 3.90 -10.27 15.50
CA ALA B 141 4.03 -9.55 14.24
C ALA B 141 5.32 -9.90 13.53
N ASN B 142 6.43 -10.00 14.28
CA ASN B 142 7.71 -10.38 13.68
C ASN B 142 7.64 -11.75 13.04
N ASN B 143 7.00 -12.71 13.71
CA ASN B 143 6.98 -14.08 13.22
C ASN B 143 5.92 -14.32 12.16
N LEU B 144 4.87 -13.50 12.11
CA LEU B 144 3.93 -13.56 11.01
C LEU B 144 4.59 -13.14 9.71
N LEU B 145 5.37 -12.06 9.74
CA LEU B 145 6.08 -11.61 8.55
C LEU B 145 7.05 -12.67 8.05
N ALA B 146 7.72 -13.37 8.97
CA ALA B 146 8.61 -14.45 8.56
C ALA B 146 7.83 -15.61 7.95
N ALA B 147 6.67 -15.93 8.53
CA ALA B 147 5.84 -17.00 7.98
C ALA B 147 5.33 -16.64 6.60
N MET B 148 4.92 -15.38 6.39
CA MET B 148 4.42 -14.95 5.09
C MET B 148 5.54 -14.82 4.08
N LEU B 149 6.75 -14.48 4.55
CA LEU B 149 7.91 -14.45 3.66
C LEU B 149 8.25 -15.84 3.13
N ASP B 150 8.39 -16.81 4.03
CA ASP B 150 8.69 -18.17 3.62
C ASP B 150 7.56 -18.80 2.82
N ASN B 151 6.30 -18.44 3.14
CA ASN B 151 5.18 -18.97 2.38
C ASN B 151 5.20 -18.47 0.93
N HIS B 152 5.52 -17.19 0.73
CA HIS B 152 5.58 -16.66 -0.63
C HIS B 152 6.63 -17.38 -1.45
N VAL B 153 7.82 -17.60 -0.89
CA VAL B 153 8.87 -18.32 -1.59
C VAL B 153 8.43 -19.75 -1.87
N TYR B 154 7.67 -20.34 -0.95
CA TYR B 154 7.23 -21.72 -1.12
C TYR B 154 6.17 -21.84 -2.21
N GLN B 155 5.25 -20.88 -2.29
CA GLN B 155 4.14 -20.97 -3.24
C GLN B 155 4.61 -20.69 -4.67
N THR B 156 5.10 -19.48 -4.92
CA THR B 156 5.48 -19.05 -6.27
C THR B 156 6.84 -18.37 -6.31
N ASN B 157 7.20 -17.60 -5.28
CA ASN B 157 8.35 -16.70 -5.32
C ASN B 157 8.30 -15.79 -6.54
N SER B 158 7.11 -15.24 -6.80
CA SER B 158 6.94 -14.30 -7.90
C SER B 158 7.71 -13.01 -7.66
N LEU B 159 8.10 -12.73 -6.42
CA LEU B 159 8.95 -11.59 -6.11
C LEU B 159 10.43 -11.89 -6.36
N ASN B 160 10.76 -13.11 -6.75
CA ASN B 160 12.13 -13.51 -7.08
C ASN B 160 13.09 -13.29 -5.92
N ILE B 161 12.65 -13.65 -4.72
CA ILE B 161 13.48 -13.48 -3.53
C ILE B 161 14.63 -14.48 -3.57
N ASN B 162 15.84 -13.99 -3.27
CA ASN B 162 16.99 -14.87 -3.14
C ASN B 162 17.10 -15.33 -1.69
N PRO B 163 16.97 -16.64 -1.43
CA PRO B 163 17.00 -17.10 -0.02
C PRO B 163 18.27 -16.77 0.72
N LYS B 164 19.42 -16.77 0.06
CA LYS B 164 20.68 -16.44 0.73
C LYS B 164 20.79 -14.96 1.06
N ARG B 165 19.85 -14.13 0.59
CA ARG B 165 19.84 -12.71 0.88
C ARG B 165 18.64 -12.30 1.74
N ILE B 166 18.08 -13.26 2.48
CA ILE B 166 16.98 -12.97 3.39
C ILE B 166 17.57 -12.46 4.70
N THR B 167 17.22 -11.22 5.06
CA THR B 167 17.72 -10.61 6.29
C THR B 167 16.76 -10.78 7.46
N TRP B 168 15.48 -11.00 7.20
CA TRP B 168 14.51 -11.10 8.28
C TRP B 168 14.75 -12.35 9.11
N ARG B 169 14.70 -12.18 10.43
CA ARG B 169 14.88 -13.27 11.38
C ARG B 169 13.67 -13.36 12.30
N ARG B 170 13.35 -14.59 12.70
CA ARG B 170 12.28 -14.81 13.67
C ARG B 170 12.74 -14.38 15.05
N CYS B 171 11.84 -14.44 16.02
CA CYS B 171 12.19 -14.00 17.37
C CYS B 171 11.45 -14.82 18.41
N VAL B 172 11.96 -14.75 19.63
CA VAL B 172 11.33 -15.34 20.80
C VAL B 172 11.83 -14.58 22.03
N ASP B 173 10.97 -14.40 23.01
CA ASP B 173 11.33 -13.64 24.21
C ASP B 173 11.94 -14.55 25.27
N MET B 174 12.96 -15.30 24.87
CA MET B 174 13.69 -16.21 25.76
C MET B 174 15.17 -16.14 25.42
N ASN B 175 16.02 -16.39 26.41
CA ASN B 175 17.46 -16.44 26.21
C ASN B 175 17.84 -17.86 25.77
N ASP B 176 17.69 -18.10 24.47
CA ASP B 176 17.87 -19.44 23.89
C ASP B 176 18.97 -19.38 22.84
N ARG B 177 20.20 -19.70 23.24
CA ARG B 177 21.33 -19.71 22.31
C ARG B 177 21.15 -20.75 21.22
N GLN B 178 20.33 -21.78 21.47
CA GLN B 178 20.13 -22.86 20.50
C GLN B 178 19.54 -22.36 19.20
N LEU B 179 18.84 -21.22 19.22
CA LEU B 179 18.12 -20.71 18.06
C LEU B 179 18.89 -19.61 17.33
N ARG B 180 20.15 -19.35 17.71
CA ARG B 180 20.92 -18.31 17.03
C ARG B 180 21.12 -18.63 15.56
N ASN B 181 21.50 -19.88 15.25
CA ASN B 181 21.77 -20.31 13.89
C ASN B 181 21.04 -21.62 13.64
N VAL B 182 20.07 -21.60 12.72
CA VAL B 182 19.25 -22.77 12.44
C VAL B 182 19.20 -22.99 10.93
N VAL B 183 18.78 -24.20 10.56
CA VAL B 183 18.39 -24.54 9.20
C VAL B 183 16.97 -25.08 9.28
N ASP B 184 16.06 -24.45 8.55
CA ASP B 184 14.66 -24.85 8.56
C ASP B 184 14.19 -25.14 7.14
N GLY B 185 12.91 -25.46 7.01
CA GLY B 185 12.38 -25.89 5.73
C GLY B 185 12.77 -27.28 5.31
N LEU B 186 13.14 -28.13 6.27
CA LEU B 186 13.57 -29.49 5.99
C LEU B 186 12.38 -30.44 5.93
N GLY B 187 12.60 -31.60 5.33
CA GLY B 187 11.58 -32.62 5.23
C GLY B 187 10.98 -32.76 3.84
N LYS B 188 9.71 -33.11 3.78
CA LYS B 188 9.03 -33.31 2.50
C LYS B 188 8.95 -32.00 1.72
N LYS B 189 8.53 -32.14 0.46
CA LYS B 189 8.35 -30.97 -0.40
C LYS B 189 7.28 -30.02 0.12
N VAL B 190 6.34 -30.52 0.94
CA VAL B 190 5.30 -29.67 1.52
C VAL B 190 5.74 -28.99 2.80
N ASP B 191 6.97 -29.23 3.27
CA ASP B 191 7.45 -28.70 4.54
C ASP B 191 8.34 -27.47 4.35
N GLY B 192 8.22 -26.78 3.23
CA GLY B 192 8.91 -25.52 3.03
C GLY B 192 10.11 -25.64 2.11
N VAL B 193 10.89 -24.56 2.08
CA VAL B 193 12.11 -24.47 1.28
C VAL B 193 13.30 -24.37 2.23
N THR B 194 14.25 -25.29 2.09
CA THR B 194 15.39 -25.34 3.00
C THR B 194 16.25 -24.09 2.86
N ARG B 195 16.63 -23.50 3.99
CA ARG B 195 17.47 -22.31 4.02
C ARG B 195 18.01 -22.13 5.43
N GLU B 196 19.06 -21.34 5.53
CA GLU B 196 19.59 -20.95 6.84
C GLU B 196 18.77 -19.80 7.42
N ASP B 197 18.65 -19.79 8.73
CA ASP B 197 17.78 -18.85 9.42
C ASP B 197 18.31 -18.66 10.84
N GLY B 198 17.58 -17.91 11.66
CA GLY B 198 17.99 -17.68 13.03
C GLY B 198 16.93 -16.91 13.78
N PHE B 199 17.06 -16.93 15.10
CA PHE B 199 16.16 -16.22 16.00
C PHE B 199 16.93 -15.16 16.77
N ASP B 200 16.29 -14.01 16.95
CA ASP B 200 16.74 -12.98 17.87
C ASP B 200 15.82 -12.95 19.08
N ILE B 201 16.28 -12.30 20.15
CA ILE B 201 15.36 -12.00 21.24
C ILE B 201 14.39 -10.91 20.76
N THR B 202 13.16 -10.96 21.27
CA THR B 202 12.08 -10.18 20.68
C THR B 202 12.40 -8.68 20.66
N VAL B 203 13.06 -8.18 21.71
CA VAL B 203 13.36 -6.76 21.77
C VAL B 203 14.38 -6.34 20.72
N ALA B 204 15.11 -7.29 20.13
CA ALA B 204 16.06 -6.97 19.07
C ALA B 204 15.42 -6.88 17.70
N SER B 205 14.17 -7.29 17.55
CA SER B 205 13.50 -7.26 16.26
C SER B 205 13.36 -5.83 15.76
N GLU B 206 13.39 -5.67 14.44
CA GLU B 206 13.17 -4.34 13.86
C GLU B 206 11.74 -3.85 14.09
N VAL B 207 10.80 -4.78 14.27
CA VAL B 207 9.42 -4.38 14.59
C VAL B 207 9.40 -3.54 15.87
N MET B 208 10.25 -3.89 16.84
CA MET B 208 10.30 -3.14 18.08
C MET B 208 10.80 -1.72 17.84
N ALA B 209 11.82 -1.57 17.00
CA ALA B 209 12.34 -0.24 16.71
C ALA B 209 11.34 0.60 15.93
N ALA B 210 10.66 0.00 14.95
CA ALA B 210 9.63 0.72 14.22
C ALA B 210 8.42 1.01 15.09
N PHE B 211 8.10 0.08 16.02
CA PHE B 211 7.06 0.31 17.00
C PHE B 211 7.33 1.57 17.81
N CYS B 212 8.59 1.78 18.20
CA CYS B 212 8.97 2.90 19.05
C CYS B 212 9.19 4.20 18.28
N LEU B 213 9.26 4.15 16.94
CA LEU B 213 9.52 5.32 16.12
C LEU B 213 8.32 5.68 15.24
N SER B 214 7.11 5.41 15.72
CA SER B 214 5.89 5.71 14.99
C SER B 214 5.07 6.72 15.78
N ASN B 215 4.70 7.82 15.12
CA ASN B 215 3.93 8.86 15.81
C ASN B 215 2.47 8.48 16.01
N ASN B 216 1.97 7.48 15.29
CA ASN B 216 0.56 7.09 15.38
C ASN B 216 0.40 5.74 14.69
N ILE B 217 -0.85 5.28 14.63
CA ILE B 217 -1.12 3.96 14.06
C ILE B 217 -0.96 3.97 12.55
N SER B 218 -1.21 5.11 11.90
CA SER B 218 -1.01 5.19 10.46
C SER B 218 0.47 5.14 10.09
N GLU B 219 1.32 5.81 10.88
CA GLU B 219 2.75 5.75 10.63
C GLU B 219 3.32 4.38 10.95
N LEU B 220 2.76 3.69 11.96
CA LEU B 220 3.21 2.34 12.27
C LEU B 220 2.98 1.41 11.08
N LYS B 221 1.78 1.43 10.51
CA LYS B 221 1.47 0.58 9.38
C LYS B 221 2.36 0.89 8.19
N GLU B 222 2.67 2.18 7.97
CA GLU B 222 3.56 2.56 6.88
C GLU B 222 4.99 2.12 7.16
N ASN B 223 5.45 2.31 8.39
CA ASN B 223 6.82 1.90 8.74
C ASN B 223 6.99 0.39 8.63
N LEU B 224 6.01 -0.38 9.09
CA LEU B 224 6.09 -1.84 8.98
C LEU B 224 6.16 -2.27 7.52
N GLY B 225 5.43 -1.58 6.64
CA GLY B 225 5.48 -1.92 5.23
C GLY B 225 6.83 -1.66 4.59
N ASN B 226 7.54 -0.64 5.06
CA ASN B 226 8.85 -0.30 4.50
C ASN B 226 9.95 -1.24 4.98
N ILE B 227 9.66 -2.15 5.90
CA ILE B 227 10.68 -3.07 6.41
C ILE B 227 11.25 -3.89 5.27
N VAL B 228 12.57 -3.86 5.12
CA VAL B 228 13.26 -4.65 4.11
C VAL B 228 13.56 -6.01 4.73
N VAL B 229 12.94 -7.06 4.18
CA VAL B 229 13.10 -8.40 4.71
C VAL B 229 14.08 -9.24 3.90
N ALA B 230 14.32 -8.90 2.64
CA ALA B 230 15.21 -9.67 1.78
C ALA B 230 15.52 -8.84 0.54
N TYR B 231 16.35 -9.41 -0.34
CA TYR B 231 16.67 -8.84 -1.64
C TYR B 231 16.35 -9.86 -2.72
N ASN B 232 15.91 -9.38 -3.87
CA ASN B 232 15.61 -10.28 -4.98
C ASN B 232 16.88 -10.61 -5.76
N TYR B 233 16.76 -11.50 -6.74
CA TYR B 233 17.92 -11.92 -7.51
C TYR B 233 18.56 -10.80 -8.33
N SER B 234 17.81 -9.76 -8.66
CA SER B 234 18.38 -8.62 -9.36
C SER B 234 18.95 -7.56 -8.43
N GLY B 235 18.98 -7.82 -7.12
CA GLY B 235 19.54 -6.90 -6.15
C GLY B 235 18.61 -5.85 -5.59
N LYS B 236 17.30 -5.89 -5.92
CA LYS B 236 16.41 -4.87 -5.38
C LYS B 236 15.79 -5.33 -4.05
N PRO B 237 15.49 -4.41 -3.15
CA PRO B 237 14.93 -4.81 -1.85
C PRO B 237 13.52 -5.34 -1.97
N VAL B 238 13.18 -6.28 -1.10
CA VAL B 238 11.83 -6.81 -0.96
C VAL B 238 11.30 -6.45 0.41
N THR B 239 10.13 -5.84 0.45
CA THR B 239 9.58 -5.27 1.67
C THR B 239 8.37 -6.07 2.15
N ALA B 240 7.97 -5.79 3.40
CA ALA B 240 6.75 -6.38 3.95
C ALA B 240 5.52 -5.91 3.18
N ARG B 241 5.56 -4.68 2.65
CA ARG B 241 4.47 -4.19 1.82
C ARG B 241 4.34 -5.01 0.54
N ASP B 242 5.47 -5.42 -0.05
CA ASP B 242 5.44 -6.29 -1.20
C ASP B 242 4.76 -7.62 -0.89
N LEU B 243 4.82 -8.06 0.37
CA LEU B 243 4.20 -9.29 0.80
C LEU B 243 2.78 -9.09 1.33
N ASN B 244 2.28 -7.85 1.32
CA ASN B 244 0.95 -7.52 1.84
C ASN B 244 0.79 -8.00 3.29
N ALA B 245 1.80 -7.71 4.11
CA ALA B 245 1.82 -8.19 5.49
C ALA B 245 1.66 -7.09 6.53
N HIS B 246 1.96 -5.83 6.19
CA HIS B 246 2.01 -4.78 7.20
C HIS B 246 0.62 -4.44 7.75
N GLY B 247 -0.43 -4.64 6.95
CA GLY B 247 -1.77 -4.44 7.48
C GLY B 247 -2.10 -5.40 8.61
N ALA B 248 -1.73 -6.67 8.45
CA ALA B 248 -1.96 -7.65 9.51
C ALA B 248 -1.03 -7.40 10.69
N MET B 249 0.21 -6.98 10.43
CA MET B 249 1.14 -6.68 11.52
C MET B 249 0.63 -5.53 12.37
N ALA B 250 0.10 -4.48 11.73
CA ALA B 250 -0.45 -3.35 12.47
C ALA B 250 -1.66 -3.76 13.29
N ALA B 251 -2.48 -4.69 12.78
CA ALA B 251 -3.63 -5.17 13.55
C ALA B 251 -3.18 -5.92 14.79
N ILE B 252 -2.14 -6.75 14.66
CA ILE B 252 -1.58 -7.46 15.81
C ILE B 252 -1.10 -6.46 16.86
N LEU B 253 -0.67 -5.29 16.44
CA LEU B 253 -0.08 -4.28 17.31
C LEU B 253 -1.04 -3.15 17.65
N LYS B 254 -2.33 -3.29 17.29
CA LYS B 254 -3.28 -2.20 17.48
C LYS B 254 -3.38 -1.79 18.95
N ASP B 255 -3.57 -2.77 19.84
CA ASP B 255 -3.64 -2.47 21.27
C ASP B 255 -2.27 -2.25 21.88
N ALA B 256 -1.24 -2.94 21.39
CA ALA B 256 0.10 -2.79 21.94
C ALA B 256 0.62 -1.36 21.83
N LEU B 257 0.25 -0.66 20.76
CA LEU B 257 0.70 0.71 20.55
C LEU B 257 0.13 1.69 21.58
N LYS B 258 -0.89 1.29 22.33
CA LYS B 258 -1.41 2.14 23.40
C LYS B 258 -0.43 2.12 24.57
N PRO B 259 0.07 3.28 25.01
CA PRO B 259 1.03 3.29 26.11
C PRO B 259 0.42 2.74 27.40
N ASN B 260 1.28 2.18 28.24
CA ASN B 260 0.85 1.53 29.48
C ASN B 260 1.07 2.49 30.65
N LEU B 261 0.01 2.70 31.42
CA LEU B 261 0.05 3.62 32.56
C LEU B 261 0.27 2.83 33.85
N VAL B 262 1.32 3.19 34.58
CA VAL B 262 1.57 2.65 35.92
C VAL B 262 1.90 3.83 36.83
N GLN B 263 2.65 3.57 37.90
CA GLN B 263 2.92 4.62 38.87
C GLN B 263 4.20 4.32 39.63
N THR B 264 4.77 5.36 40.23
CA THR B 264 5.90 5.21 41.13
C THR B 264 5.41 4.86 42.54
N LEU B 265 6.36 4.67 43.46
CA LEU B 265 6.01 4.37 44.84
C LEU B 265 5.29 5.53 45.52
N GLU B 266 5.49 6.76 45.06
CA GLU B 266 4.92 7.94 45.68
C GLU B 266 3.70 8.48 44.94
N GLY B 267 3.16 7.71 43.99
CA GLY B 267 1.95 8.10 43.29
C GLY B 267 2.15 8.91 42.03
N THR B 268 3.38 9.12 41.61
CA THR B 268 3.62 9.88 40.38
C THR B 268 3.23 9.04 39.17
N PRO B 269 2.47 9.59 38.23
CA PRO B 269 2.11 8.82 37.03
C PRO B 269 3.36 8.41 36.24
N ALA B 270 3.33 7.18 35.72
CA ALA B 270 4.45 6.64 34.97
C ALA B 270 3.93 5.86 33.77
N ILE B 271 4.61 6.03 32.63
CA ILE B 271 4.25 5.36 31.38
C ILE B 271 5.42 4.51 30.94
N LEU B 272 5.16 3.21 30.74
CA LEU B 272 6.16 2.26 30.25
C LEU B 272 5.71 1.75 28.89
N HIS B 273 6.56 1.91 27.88
CA HIS B 273 6.18 1.55 26.51
C HIS B 273 7.44 1.34 25.67
N GLY B 274 7.62 0.14 25.15
CA GLY B 274 8.70 -0.16 24.23
C GLY B 274 10.03 -0.36 24.94
N GLY B 275 10.93 -1.06 24.25
CA GLY B 275 12.26 -1.29 24.76
C GLY B 275 13.20 -1.94 23.76
N PRO B 276 13.66 -1.19 22.76
CA PRO B 276 14.62 -1.72 21.80
C PRO B 276 16.05 -1.67 22.33
N PHE B 277 16.95 -2.32 21.60
CA PHE B 277 18.37 -2.24 21.94
C PHE B 277 18.89 -0.82 21.79
N ALA B 278 20.00 -0.54 22.46
CA ALA B 278 20.64 0.76 22.40
C ALA B 278 21.89 0.77 21.52
N ASN B 279 22.23 -0.38 20.90
CA ASN B 279 23.36 -0.44 19.98
C ASN B 279 22.90 -0.60 18.53
N ILE B 280 22.12 -1.66 18.24
CA ILE B 280 21.55 -1.81 16.90
C ILE B 280 20.26 -1.00 16.75
N ALA B 281 19.83 -0.29 17.78
CA ALA B 281 18.69 0.60 17.71
C ALA B 281 18.97 1.80 18.61
N HIS B 282 17.96 2.65 18.82
CA HIS B 282 18.14 3.93 19.48
C HIS B 282 18.00 3.87 21.00
N GLY B 283 17.51 2.76 21.55
CA GLY B 283 17.51 2.58 23.00
C GLY B 283 16.67 3.57 23.78
N CYS B 284 15.50 3.93 23.24
CA CYS B 284 14.60 4.85 23.90
C CYS B 284 13.21 4.22 23.99
N ASN B 285 12.35 4.80 24.83
CA ASN B 285 10.96 4.36 24.83
C ASN B 285 10.23 4.94 23.61
N SER B 286 8.99 4.51 23.44
CA SER B 286 8.24 4.85 22.23
C SER B 286 8.01 6.35 22.13
N ILE B 287 7.81 6.80 20.89
CA ILE B 287 7.47 8.21 20.66
C ILE B 287 6.07 8.50 21.18
N ILE B 288 5.14 7.56 21.02
CA ILE B 288 3.77 7.79 21.46
C ILE B 288 3.71 8.02 22.96
N ALA B 289 4.50 7.26 23.73
CA ALA B 289 4.52 7.44 25.17
C ALA B 289 5.07 8.81 25.53
N THR B 290 6.16 9.23 24.88
CA THR B 290 6.74 10.54 25.16
C THR B 290 5.80 11.66 24.72
N LYS B 291 5.21 11.52 23.53
CA LYS B 291 4.21 12.49 23.08
C LYS B 291 3.02 12.51 24.03
N MET B 292 2.59 11.33 24.49
CA MET B 292 1.48 11.25 25.44
C MET B 292 1.80 11.97 26.73
N GLY B 293 3.03 11.82 27.23
CA GLY B 293 3.43 12.52 28.43
C GLY B 293 3.35 14.02 28.25
N MET B 294 3.93 14.53 27.16
CA MET B 294 3.89 15.95 26.88
C MET B 294 2.47 16.44 26.63
N HIS B 295 1.56 15.57 26.23
CA HIS B 295 0.19 15.97 25.97
C HIS B 295 -0.64 16.03 27.25
N MET B 296 -0.33 15.19 28.23
CA MET B 296 -1.16 15.09 29.42
C MET B 296 -0.52 15.74 30.64
N ALA B 297 0.75 16.13 30.57
CA ALA B 297 1.46 16.67 31.71
C ALA B 297 2.29 17.88 31.28
N ASP B 298 2.75 18.64 32.27
CA ASP B 298 3.59 19.80 32.04
C ASP B 298 5.08 19.47 31.99
N TYR B 299 5.48 18.31 32.52
CA TYR B 299 6.88 17.89 32.50
C TYR B 299 6.94 16.39 32.25
N VAL B 300 7.91 15.98 31.43
CA VAL B 300 8.12 14.58 31.10
C VAL B 300 9.57 14.23 31.36
N VAL B 301 9.79 13.20 32.17
CA VAL B 301 11.13 12.69 32.44
C VAL B 301 11.28 11.37 31.68
N THR B 302 12.19 11.35 30.71
CA THR B 302 12.49 10.16 29.95
C THR B 302 13.99 9.92 29.98
N GLU B 303 14.42 8.79 29.42
CA GLU B 303 15.82 8.41 29.45
C GLU B 303 16.19 7.65 28.18
N ALA B 304 17.48 7.38 28.04
CA ALA B 304 18.01 6.59 26.93
C ALA B 304 19.07 5.65 27.47
N GLY B 305 19.15 4.46 26.89
CA GLY B 305 20.05 3.44 27.39
C GLY B 305 21.51 3.79 27.16
N PHE B 306 22.37 3.10 27.92
CA PHE B 306 23.82 3.28 27.87
C PHE B 306 24.22 4.73 28.14
N GLY B 307 25.40 5.13 27.66
CA GLY B 307 25.91 6.46 27.93
C GLY B 307 25.39 7.49 26.93
N ALA B 308 25.84 8.73 27.15
CA ALA B 308 25.41 9.84 26.29
C ALA B 308 25.99 9.74 24.89
N ASP B 309 27.05 8.95 24.69
CA ASP B 309 27.60 8.77 23.35
C ASP B 309 26.74 7.86 22.48
N LEU B 310 25.86 7.06 23.09
CA LEU B 310 24.98 6.18 22.34
C LEU B 310 23.51 6.54 22.53
N GLY B 311 23.00 6.47 23.76
CA GLY B 311 21.58 6.71 23.96
C GLY B 311 21.17 8.14 23.69
N ALA B 312 21.88 9.11 24.29
CA ALA B 312 21.54 10.51 24.09
C ALA B 312 21.75 10.92 22.64
N GLU B 313 22.79 10.41 21.99
CA GLU B 313 23.03 10.73 20.59
C GLU B 313 21.89 10.23 19.71
N LYS B 314 21.41 9.01 19.97
CA LYS B 314 20.32 8.46 19.17
C LYS B 314 18.97 9.02 19.59
N PHE B 315 18.81 9.41 20.85
CA PHE B 315 17.60 10.11 21.26
C PHE B 315 17.44 11.43 20.52
N LEU B 316 18.54 12.15 20.33
CA LEU B 316 18.51 13.48 19.73
C LEU B 316 18.53 13.43 18.21
N ASP B 317 19.40 12.61 17.62
CA ASP B 317 19.58 12.58 16.18
C ASP B 317 18.64 11.63 15.46
N ILE B 318 17.90 10.79 16.19
CA ILE B 318 16.96 9.86 15.55
C ILE B 318 15.56 10.09 16.10
N LYS B 319 15.36 9.88 17.41
CA LYS B 319 14.02 9.95 17.97
C LYS B 319 13.45 11.36 17.86
N CYS B 320 14.19 12.35 18.36
CA CYS B 320 13.70 13.72 18.31
C CYS B 320 13.50 14.19 16.87
N ARG B 321 14.30 13.68 15.93
CA ARG B 321 14.15 14.05 14.53
C ARG B 321 12.85 13.50 13.96
N LYS B 322 12.54 12.22 14.20
CA LYS B 322 11.29 11.65 13.68
C LYS B 322 10.07 12.15 14.42
N ALA B 323 10.23 12.55 15.69
CA ALA B 323 9.09 13.00 16.48
C ALA B 323 8.84 14.50 16.37
N GLY B 324 9.83 15.27 15.94
CA GLY B 324 9.67 16.71 15.90
C GLY B 324 9.64 17.34 17.28
N ILE B 325 10.47 16.84 18.19
CA ILE B 325 10.55 17.36 19.55
C ILE B 325 11.99 17.73 19.85
N ARG B 326 12.19 18.41 20.98
CA ARG B 326 13.49 18.85 21.39
C ARG B 326 13.50 18.88 22.92
N PRO B 327 14.49 18.26 23.55
CA PRO B 327 14.55 18.31 25.02
C PRO B 327 14.85 19.72 25.51
N ASP B 328 14.21 20.08 26.62
CA ASP B 328 14.44 21.38 27.24
C ASP B 328 15.57 21.36 28.26
N ALA B 329 15.90 20.20 28.80
CA ALA B 329 16.97 20.06 29.77
C ALA B 329 17.45 18.62 29.75
N VAL B 330 18.73 18.43 30.09
CA VAL B 330 19.36 17.11 30.10
C VAL B 330 19.98 16.89 31.47
N ILE B 331 19.71 15.73 32.06
CA ILE B 331 20.32 15.32 33.32
C ILE B 331 21.39 14.29 33.00
N ILE B 332 22.63 14.56 33.43
CA ILE B 332 23.76 13.68 33.21
C ILE B 332 24.10 13.05 34.55
N VAL B 333 23.89 11.74 34.66
CA VAL B 333 24.08 11.01 35.91
C VAL B 333 25.49 10.43 35.94
N ALA B 334 26.13 10.52 37.11
CA ALA B 334 27.47 9.97 37.29
C ALA B 334 27.68 9.70 38.77
N THR B 335 28.68 8.88 39.05
CA THR B 335 29.09 8.56 40.42
C THR B 335 30.59 8.71 40.55
N VAL B 336 31.03 8.90 41.80
CA VAL B 336 32.46 9.02 42.07
C VAL B 336 33.16 7.69 41.80
N ARG B 337 32.49 6.57 42.10
CA ARG B 337 33.08 5.26 41.84
C ARG B 337 33.29 5.03 40.35
N ALA B 338 32.33 5.47 39.53
CA ALA B 338 32.45 5.27 38.09
C ALA B 338 33.58 6.12 37.50
N LEU B 339 33.75 7.34 38.01
CA LEU B 339 34.80 8.21 37.50
C LEU B 339 36.17 7.71 37.93
N LYS B 340 36.29 7.19 39.15
CA LYS B 340 37.54 6.58 39.59
C LYS B 340 37.83 5.28 38.87
N TYR B 341 36.80 4.61 38.36
CA TYR B 341 37.03 3.42 37.54
C TYR B 341 37.64 3.81 36.19
N ASN B 342 37.27 4.97 35.66
CA ASN B 342 37.87 5.47 34.43
C ASN B 342 39.29 5.97 34.62
N GLY B 343 39.74 6.09 35.86
CA GLY B 343 41.09 6.54 36.16
C GLY B 343 42.10 5.45 36.42
N GLY B 344 41.69 4.18 36.40
CA GLY B 344 42.58 3.06 36.60
C GLY B 344 42.31 2.23 37.84
N VAL B 345 41.40 2.67 38.72
CA VAL B 345 41.13 1.94 39.95
C VAL B 345 40.34 0.67 39.63
N ALA B 346 40.70 -0.43 40.30
CA ALA B 346 40.00 -1.68 40.11
C ALA B 346 38.61 -1.62 40.73
N LYS B 347 37.81 -2.65 40.44
CA LYS B 347 36.42 -2.67 40.90
C LYS B 347 36.29 -2.85 42.41
N ASP B 348 37.35 -3.26 43.10
CA ASP B 348 37.31 -3.49 44.54
C ASP B 348 37.94 -2.37 45.35
N GLN B 349 38.66 -1.45 44.72
CA GLN B 349 39.32 -0.36 45.41
C GLN B 349 38.56 0.95 45.28
N LEU B 350 37.28 0.87 44.89
CA LEU B 350 36.49 2.08 44.64
C LEU B 350 36.04 2.75 45.93
N ASN B 351 35.97 2.01 47.04
CA ASN B 351 35.51 2.59 48.30
C ASN B 351 36.57 3.44 48.98
N ASN B 352 37.81 3.39 48.53
CA ASN B 352 38.87 4.21 49.09
C ASN B 352 38.97 5.53 48.33
N GLU B 353 39.32 6.58 49.06
CA GLU B 353 39.45 7.90 48.44
C GLU B 353 40.66 7.93 47.51
N ASN B 354 40.46 8.53 46.33
CA ASN B 354 41.53 8.60 45.33
C ASN B 354 41.26 9.84 44.46
N LEU B 355 41.81 10.97 44.91
CA LEU B 355 41.65 12.22 44.16
C LEU B 355 42.46 12.22 42.87
N GLU B 356 43.51 11.41 42.79
CA GLU B 356 44.33 11.37 41.58
C GLU B 356 43.58 10.68 40.43
N ALA B 357 42.97 9.54 40.71
CA ALA B 357 42.20 8.84 39.67
C ALA B 357 40.91 9.56 39.34
N LEU B 358 40.33 10.29 40.31
CA LEU B 358 39.11 11.04 40.05
C LEU B 358 39.35 12.13 39.01
N GLU B 359 40.52 12.76 39.05
CA GLU B 359 40.85 13.78 38.06
C GLU B 359 41.17 13.18 36.70
N LYS B 360 41.59 11.91 36.66
CA LYS B 360 41.88 11.25 35.40
C LYS B 360 40.62 10.69 34.73
N GLY B 361 39.59 10.38 35.51
CA GLY B 361 38.37 9.83 34.96
C GLY B 361 37.31 10.88 34.70
N LEU B 362 37.49 12.06 35.31
CA LEU B 362 36.56 13.15 35.06
C LEU B 362 36.47 13.58 33.59
N PRO B 363 37.54 13.53 32.75
CA PRO B 363 37.38 13.89 31.33
C PRO B 363 36.28 13.12 30.61
N ASN B 364 35.93 11.92 31.08
CA ASN B 364 34.80 11.20 30.49
C ASN B 364 33.50 11.96 30.73
N LEU B 365 33.26 12.38 31.98
CA LEU B 365 32.08 13.18 32.28
C LEU B 365 32.15 14.53 31.59
N LEU B 366 33.35 15.13 31.54
CA LEU B 366 33.50 16.42 30.88
C LEU B 366 33.23 16.33 29.39
N LYS B 367 33.57 15.20 28.76
CA LYS B 367 33.32 15.03 27.34
C LYS B 367 31.83 14.97 27.04
N HIS B 368 31.06 14.28 27.89
CA HIS B 368 29.61 14.23 27.70
C HIS B 368 28.97 15.59 27.94
N ILE B 369 29.53 16.37 28.86
CA ILE B 369 29.02 17.73 29.08
C ILE B 369 29.26 18.59 27.85
N GLU B 370 30.45 18.49 27.25
CA GLU B 370 30.74 19.27 26.05
C GLU B 370 29.85 18.84 24.88
N ASN B 371 29.52 17.55 24.79
CA ASN B 371 28.65 17.09 23.72
C ASN B 371 27.24 17.61 23.89
N ILE B 372 26.71 17.60 25.11
CA ILE B 372 25.33 18.02 25.33
C ILE B 372 25.20 19.54 25.22
N THR B 373 26.16 20.28 25.77
CA THR B 373 26.04 21.73 25.85
C THR B 373 26.61 22.47 24.65
N GLN B 374 27.65 21.93 24.01
CA GLN B 374 28.33 22.63 22.93
C GLN B 374 28.08 22.06 21.55
N VAL B 375 27.68 20.79 21.43
CA VAL B 375 27.35 20.22 20.13
C VAL B 375 25.86 20.31 19.86
N TYR B 376 25.04 19.87 20.82
CA TYR B 376 23.59 19.94 20.67
C TYR B 376 23.00 21.21 21.27
N LYS B 377 23.75 21.92 22.11
CA LYS B 377 23.33 23.20 22.68
C LYS B 377 22.05 23.04 23.51
N ILE B 378 22.12 22.15 24.50
CA ILE B 378 21.02 21.87 25.39
C ILE B 378 21.49 22.14 26.82
N PRO B 379 20.74 22.88 27.63
CA PRO B 379 21.13 23.06 29.03
C PRO B 379 21.24 21.72 29.75
N ALA B 380 22.28 21.59 30.56
CA ALA B 380 22.60 20.32 31.20
C ALA B 380 22.80 20.54 32.70
N VAL B 381 22.60 19.45 33.44
CA VAL B 381 22.85 19.41 34.88
C VAL B 381 23.41 18.04 35.22
N VAL B 382 24.44 18.03 36.06
CA VAL B 382 25.09 16.77 36.47
C VAL B 382 24.45 16.32 37.78
N ALA B 383 23.92 15.10 37.78
CA ALA B 383 23.32 14.50 38.97
C ALA B 383 24.26 13.42 39.50
N ILE B 384 24.79 13.65 40.69
CA ILE B 384 25.71 12.71 41.31
C ILE B 384 24.92 11.88 42.32
N ASN B 385 24.74 10.60 42.04
CA ASN B 385 24.14 9.68 42.99
C ASN B 385 25.12 9.48 44.14
N ARG B 386 24.91 10.19 45.23
CA ARG B 386 25.89 10.24 46.31
C ARG B 386 25.88 8.94 47.09
N PHE B 387 27.07 8.40 47.31
CA PHE B 387 27.30 7.23 48.14
C PHE B 387 27.81 7.67 49.51
N PRO B 388 27.61 6.84 50.54
CA PRO B 388 28.04 7.27 51.89
C PRO B 388 29.52 7.53 52.01
N LEU B 389 30.36 6.80 51.27
CA LEU B 389 31.81 6.93 51.36
C LEU B 389 32.37 8.01 50.45
N ASP B 390 31.51 8.80 49.80
CA ASP B 390 31.98 9.92 48.99
C ASP B 390 32.35 11.09 49.88
N THR B 391 33.63 11.45 49.88
CA THR B 391 34.12 12.52 50.72
C THR B 391 33.74 13.88 50.14
N ASP B 392 33.83 14.92 50.99
CA ASP B 392 33.52 16.28 50.54
C ASP B 392 34.57 16.78 49.56
N ALA B 393 35.80 16.28 49.64
CA ALA B 393 36.83 16.70 48.69
C ALA B 393 36.59 16.11 47.31
N GLU B 394 36.09 14.86 47.25
CA GLU B 394 35.77 14.26 45.95
C GLU B 394 34.61 14.98 45.28
N LEU B 395 33.58 15.33 46.06
CA LEU B 395 32.44 16.03 45.48
C LEU B 395 32.79 17.44 45.06
N ALA B 396 33.77 18.06 45.73
CA ALA B 396 34.18 19.41 45.36
C ALA B 396 35.00 19.42 44.07
N LEU B 397 35.77 18.37 43.82
CA LEU B 397 36.56 18.30 42.59
C LEU B 397 35.65 18.11 41.37
N VAL B 398 34.69 17.19 41.47
CA VAL B 398 33.73 17.00 40.38
C VAL B 398 32.94 18.27 40.14
N ARG B 399 32.57 18.97 41.22
CA ARG B 399 31.85 20.22 41.09
C ARG B 399 32.69 21.28 40.40
N SER B 400 33.97 21.40 40.78
CA SER B 400 34.82 22.46 40.25
C SER B 400 35.05 22.30 38.75
N LYS B 401 35.36 21.08 38.31
CA LYS B 401 35.64 20.86 36.88
C LYS B 401 34.39 21.05 36.03
N CYS B 402 33.21 20.83 36.59
CA CYS B 402 31.98 21.03 35.83
C CYS B 402 31.53 22.49 35.84
N GLU B 403 31.84 23.23 36.91
CA GLU B 403 31.55 24.66 36.92
C GLU B 403 32.34 25.40 35.87
N GLU B 404 33.51 24.87 35.47
CA GLU B 404 34.29 25.51 34.42
C GLU B 404 33.61 25.44 33.07
N LEU B 405 32.75 24.44 32.86
CA LEU B 405 31.99 24.30 31.61
C LEU B 405 30.61 24.91 31.70
N GLY B 406 30.29 25.60 32.80
CA GLY B 406 29.00 26.24 32.93
C GLY B 406 27.87 25.31 33.30
N VAL B 407 28.16 24.22 34.00
CA VAL B 407 27.15 23.23 34.37
C VAL B 407 27.24 22.98 35.87
N LYS B 408 26.10 23.08 36.56
CA LYS B 408 26.05 22.82 37.98
C LYS B 408 26.14 21.32 38.26
N VAL B 409 26.46 21.00 39.52
CA VAL B 409 26.52 19.62 39.99
C VAL B 409 25.54 19.52 41.16
N ALA B 410 24.46 18.76 40.96
CA ALA B 410 23.45 18.54 41.98
C ALA B 410 23.59 17.14 42.55
N LEU B 411 23.47 17.03 43.86
CA LEU B 411 23.58 15.75 44.54
C LEU B 411 22.23 15.06 44.59
N SER B 412 22.22 13.77 44.31
CA SER B 412 21.00 12.96 44.26
C SER B 412 21.08 11.87 45.30
N GLU B 413 20.02 11.74 46.09
CA GLU B 413 19.89 10.69 47.10
C GLU B 413 18.53 10.01 46.98
N VAL B 414 18.08 9.80 45.76
CA VAL B 414 16.74 9.25 45.53
C VAL B 414 16.67 7.76 45.83
N TRP B 415 17.81 7.07 45.83
CA TRP B 415 17.80 5.62 46.09
C TRP B 415 17.41 5.33 47.53
N ALA B 416 17.82 6.17 48.47
CA ALA B 416 17.55 5.94 49.88
C ALA B 416 16.43 6.81 50.44
N ASN B 417 16.15 7.95 49.82
CA ASN B 417 15.17 8.89 50.35
C ASN B 417 14.00 9.18 49.41
N GLY B 418 14.02 8.66 48.19
CA GLY B 418 12.91 8.84 47.28
C GLY B 418 12.85 10.22 46.66
N GLY B 419 11.64 10.79 46.56
CA GLY B 419 11.48 12.08 45.93
C GLY B 419 12.20 13.20 46.65
N GLU B 420 12.36 13.09 47.96
CA GLU B 420 13.08 14.12 48.72
C GLU B 420 14.55 14.20 48.32
N GLY B 421 15.13 13.09 47.85
CA GLY B 421 16.52 13.08 47.43
C GLY B 421 16.80 13.72 46.09
N GLY B 422 15.77 14.04 45.31
CA GLY B 422 15.95 14.68 44.03
C GLY B 422 15.51 16.12 43.92
N ILE B 423 15.16 16.77 45.04
CA ILE B 423 14.71 18.15 45.01
C ILE B 423 15.83 19.05 44.47
N GLU B 424 17.08 18.77 44.88
CA GLU B 424 18.20 19.57 44.42
C GLU B 424 18.40 19.43 42.92
N VAL B 425 18.22 18.23 42.39
CA VAL B 425 18.32 18.02 40.95
C VAL B 425 17.15 18.67 40.23
N ALA B 426 15.94 18.50 40.77
CA ALA B 426 14.74 19.03 40.13
C ALA B 426 14.76 20.55 40.07
N ASN B 427 15.24 21.19 41.14
CA ASN B 427 15.26 22.65 41.18
C ASN B 427 16.21 23.22 40.13
N GLU B 428 17.35 22.56 39.91
CA GLU B 428 18.26 23.01 38.86
C GLU B 428 17.68 22.78 37.47
N VAL B 429 16.92 21.70 37.29
CA VAL B 429 16.28 21.45 36.00
C VAL B 429 15.24 22.53 35.70
N LEU B 430 14.41 22.86 36.69
CA LEU B 430 13.45 23.93 36.52
C LEU B 430 14.14 25.26 36.24
N LYS B 431 15.30 25.49 36.87
CA LYS B 431 16.07 26.70 36.58
C LYS B 431 16.61 26.70 35.16
N LEU B 432 17.03 25.52 34.66
CA LEU B 432 17.52 25.43 33.29
C LEU B 432 16.41 25.67 32.27
N ILE B 433 15.17 25.34 32.62
CA ILE B 433 14.07 25.52 31.67
C ILE B 433 13.66 26.97 31.59
N GLU B 434 13.61 27.66 32.73
CA GLU B 434 13.23 29.07 32.74
C GLU B 434 14.28 29.92 32.02
N GLU B 435 15.56 29.68 32.32
CA GLU B 435 16.69 30.32 31.69
C GLU B 435 17.26 29.46 30.57
N GLY B 436 16.40 28.88 29.73
CA GLY B 436 16.87 27.98 28.70
C GLY B 436 17.65 28.68 27.60
N GLU B 437 18.66 27.97 27.09
CA GLU B 437 19.46 28.51 25.99
C GLU B 437 18.68 28.40 24.68
N ASN B 438 18.01 27.26 24.48
CA ASN B 438 17.07 27.06 23.36
C ASN B 438 17.73 27.21 22.00
N ASN B 439 18.95 26.69 21.86
CA ASN B 439 19.56 26.67 20.53
C ASN B 439 19.84 25.24 20.04
N PHE B 440 18.83 24.37 20.07
CA PHE B 440 19.04 22.96 19.79
C PHE B 440 19.55 22.75 18.36
N GLU B 441 20.64 21.98 18.22
CA GLU B 441 21.22 21.65 16.92
C GLU B 441 21.47 20.15 16.84
N TYR B 442 21.25 19.58 15.65
CA TYR B 442 21.60 18.19 15.41
C TYR B 442 23.12 18.05 15.22
N CYS B 443 23.59 16.80 15.26
CA CYS B 443 25.00 16.53 15.02
C CYS B 443 25.33 16.53 13.52
N TYR B 444 24.39 16.11 12.68
CA TYR B 444 24.59 16.09 11.24
C TYR B 444 23.24 16.41 10.58
N GLU B 445 23.25 16.44 9.25
CA GLU B 445 22.05 16.73 8.48
C GLU B 445 21.74 15.56 7.54
N GLU B 446 20.46 15.46 7.18
CA GLU B 446 19.98 14.33 6.38
C GLU B 446 20.60 14.32 4.99
N ASP B 447 20.96 15.49 4.45
CA ASP B 447 21.50 15.55 3.11
C ASP B 447 22.90 14.95 3.00
N MET B 448 23.59 14.81 4.12
CA MET B 448 24.92 14.21 4.12
C MET B 448 24.82 12.71 3.81
N THR B 449 25.90 12.16 3.27
CA THR B 449 25.95 10.74 2.96
C THR B 449 26.21 9.94 4.24
N ILE B 450 26.12 8.61 4.09
CA ILE B 450 26.30 7.72 5.25
C ILE B 450 27.68 7.90 5.86
N LYS B 451 28.71 7.95 5.01
CA LYS B 451 30.07 8.09 5.52
C LYS B 451 30.31 9.45 6.16
N GLU B 452 29.68 10.50 5.64
CA GLU B 452 29.82 11.82 6.25
C GLU B 452 29.13 11.86 7.61
N LYS B 453 27.98 11.19 7.75
CA LYS B 453 27.28 11.16 9.03
C LYS B 453 28.08 10.39 10.07
N LEU B 454 28.68 9.26 9.68
CA LEU B 454 29.50 8.49 10.62
C LEU B 454 30.71 9.30 11.07
N ASN B 455 31.32 10.05 10.14
CA ASN B 455 32.47 10.87 10.51
C ASN B 455 32.08 12.00 11.44
N ALA B 456 30.87 12.55 11.28
CA ALA B 456 30.41 13.61 12.17
C ALA B 456 30.17 13.07 13.58
N ILE B 457 29.63 11.86 13.69
CA ILE B 457 29.39 11.28 15.01
C ILE B 457 30.70 10.91 15.68
N ALA B 458 31.63 10.31 14.94
CA ALA B 458 32.88 9.85 15.54
C ALA B 458 33.75 11.01 15.99
N THR B 459 33.76 12.11 15.22
CA THR B 459 34.63 13.23 15.55
C THR B 459 34.02 14.13 16.61
N LYS B 460 32.74 14.49 16.44
CA LYS B 460 32.11 15.42 17.37
C LYS B 460 31.77 14.74 18.70
N ILE B 461 31.17 13.55 18.64
CA ILE B 461 30.65 12.90 19.85
C ILE B 461 31.71 11.99 20.46
N TYR B 462 32.23 11.05 19.67
CA TYR B 462 33.16 10.06 20.23
C TYR B 462 34.54 10.66 20.50
N GLY B 463 34.95 11.64 19.72
CA GLY B 463 36.29 12.20 19.85
C GLY B 463 37.35 11.53 19.01
N ALA B 464 36.96 10.79 17.97
CA ALA B 464 37.90 10.09 17.11
C ALA B 464 38.41 11.02 16.02
N ASP B 465 39.53 10.62 15.40
CA ASP B 465 40.08 11.37 14.28
C ASP B 465 39.34 11.09 12.98
N GLY B 466 38.80 9.87 12.83
CA GLY B 466 38.09 9.53 11.62
C GLY B 466 37.52 8.14 11.72
N VAL B 467 37.00 7.65 10.60
CA VAL B 467 36.34 6.35 10.52
C VAL B 467 37.01 5.54 9.41
N ASN B 468 37.38 4.30 9.73
CA ASN B 468 37.93 3.37 8.76
C ASN B 468 36.90 2.29 8.43
N TYR B 469 36.95 1.80 7.20
CA TYR B 469 35.99 0.82 6.70
C TYR B 469 36.70 -0.38 6.11
N THR B 470 36.11 -1.55 6.28
CA THR B 470 36.58 -2.76 5.63
C THR B 470 36.09 -2.80 4.19
N LYS B 471 36.62 -3.75 3.41
CA LYS B 471 36.21 -3.88 2.02
C LYS B 471 34.73 -4.26 1.91
N GLU B 472 34.26 -5.14 2.79
CA GLU B 472 32.84 -5.49 2.80
C GLU B 472 31.98 -4.31 3.21
N ALA B 473 32.47 -3.50 4.16
CA ALA B 473 31.69 -2.35 4.62
C ALA B 473 31.51 -1.31 3.52
N ASN B 474 32.56 -1.02 2.75
CA ASN B 474 32.44 -0.07 1.66
C ASN B 474 31.50 -0.58 0.59
N LYS B 475 31.49 -1.89 0.35
CA LYS B 475 30.58 -2.46 -0.63
C LYS B 475 29.13 -2.37 -0.17
N GLN B 476 28.88 -2.66 1.11
CA GLN B 476 27.51 -2.61 1.63
C GLN B 476 27.00 -1.17 1.68
N ILE B 477 27.85 -0.23 2.09
CA ILE B 477 27.44 1.18 2.16
C ILE B 477 27.15 1.73 0.77
N ALA B 478 27.99 1.39 -0.21
CA ALA B 478 27.76 1.86 -1.57
C ALA B 478 26.47 1.29 -2.15
N GLU B 479 26.17 0.03 -1.82
CA GLU B 479 24.92 -0.57 -2.27
C GLU B 479 23.72 0.15 -1.67
N LEU B 480 23.81 0.54 -0.40
CA LEU B 480 22.73 1.29 0.23
C LEU B 480 22.53 2.65 -0.44
N GLU B 481 23.63 3.30 -0.81
CA GLU B 481 23.53 4.59 -1.48
C GLU B 481 22.87 4.46 -2.86
N GLU B 482 23.19 3.38 -3.58
CA GLU B 482 22.60 3.17 -4.89
C GLU B 482 21.08 2.99 -4.79
N LEU B 483 20.62 2.35 -3.73
CA LEU B 483 19.20 2.07 -3.56
C LEU B 483 18.42 3.22 -2.95
N GLY B 484 19.09 4.27 -2.47
CA GLY B 484 18.43 5.45 -1.97
C GLY B 484 18.24 5.53 -0.48
N PHE B 485 19.09 4.88 0.32
CA PHE B 485 18.98 4.90 1.77
C PHE B 485 19.97 5.84 2.42
N GLY B 486 20.69 6.64 1.64
CA GLY B 486 21.69 7.55 2.19
C GLY B 486 21.13 8.77 2.89
N ASN B 487 19.83 9.02 2.79
CA ASN B 487 19.21 10.16 3.45
C ASN B 487 18.76 9.85 4.87
N LEU B 488 18.89 8.61 5.31
CA LEU B 488 18.41 8.18 6.61
C LEU B 488 19.47 8.42 7.69
N PRO B 489 19.05 8.56 8.95
CA PRO B 489 20.02 8.66 10.04
C PRO B 489 20.81 7.37 10.18
N VAL B 490 21.90 7.45 10.93
CA VAL B 490 22.79 6.31 11.16
C VAL B 490 22.75 5.94 12.64
N CYS B 491 22.75 4.63 12.90
CA CYS B 491 22.75 4.08 14.25
C CYS B 491 24.00 3.25 14.45
N VAL B 492 24.95 3.77 15.21
CA VAL B 492 26.25 3.11 15.39
C VAL B 492 26.13 2.06 16.49
N ALA B 493 26.52 0.82 16.16
CA ALA B 493 26.50 -0.29 17.11
C ALA B 493 27.94 -0.55 17.56
N LYS B 494 28.33 0.04 18.68
CA LYS B 494 29.65 -0.15 19.26
C LYS B 494 29.52 -0.42 20.75
N THR B 495 30.65 -0.70 21.39
CA THR B 495 30.66 -0.94 22.83
C THR B 495 30.21 0.29 23.59
N GLN B 496 29.57 0.07 24.74
CA GLN B 496 29.10 1.16 25.58
C GLN B 496 30.07 1.54 26.69
N TYR B 497 31.06 0.68 26.97
CA TYR B 497 31.97 0.91 28.08
C TYR B 497 33.07 1.92 27.77
N SER B 498 33.09 2.46 26.56
CA SER B 498 34.13 3.41 26.17
C SER B 498 33.60 4.31 25.07
N LEU B 499 34.15 5.54 25.00
CA LEU B 499 33.86 6.43 23.90
C LEU B 499 34.38 5.90 22.57
N SER B 500 35.39 5.04 22.59
CA SER B 500 35.93 4.43 21.40
C SER B 500 35.21 3.12 21.10
N ASP B 501 35.69 2.41 20.08
CA ASP B 501 35.22 1.07 19.78
C ASP B 501 36.00 0.00 20.53
N ASP B 502 36.98 0.41 21.33
CA ASP B 502 37.77 -0.50 22.16
C ASP B 502 37.29 -0.36 23.60
N GLN B 503 36.71 -1.44 24.14
CA GLN B 503 36.10 -1.42 25.47
C GLN B 503 37.11 -1.24 26.60
N THR B 504 38.41 -1.24 26.31
CA THR B 504 39.42 -1.05 27.35
C THR B 504 39.87 0.41 27.50
N LYS B 505 39.64 1.25 26.49
CA LYS B 505 40.06 2.65 26.53
C LYS B 505 39.07 3.44 27.37
N LEU B 506 39.34 3.53 28.67
CA LEU B 506 38.47 4.26 29.58
C LEU B 506 38.80 5.75 29.53
N GLY B 507 38.17 6.53 30.40
CA GLY B 507 38.39 7.96 30.47
C GLY B 507 37.94 8.72 29.23
N ARG B 508 38.90 9.36 28.56
CA ARG B 508 38.64 10.13 27.35
C ARG B 508 39.75 9.80 26.38
N PRO B 509 39.60 8.72 25.60
CA PRO B 509 40.68 8.34 24.69
C PRO B 509 40.87 9.36 23.57
N THR B 510 42.14 9.51 23.17
CA THR B 510 42.53 10.44 22.13
C THR B 510 43.38 9.70 21.11
N GLY B 511 43.41 10.25 19.90
CA GLY B 511 44.12 9.64 18.78
C GLY B 511 43.75 8.19 18.56
N PHE B 512 42.50 7.96 18.15
CA PHE B 512 42.01 6.63 17.84
C PHE B 512 41.07 6.74 16.65
N THR B 513 40.68 5.59 16.11
CA THR B 513 39.78 5.56 14.97
C THR B 513 38.74 4.46 15.15
N ILE B 514 37.58 4.67 14.53
CA ILE B 514 36.48 3.72 14.60
C ILE B 514 36.57 2.78 13.39
N GLU B 515 36.46 1.48 13.65
CA GLU B 515 36.58 0.46 12.61
C GLU B 515 35.20 -0.10 12.29
N VAL B 516 34.69 0.23 11.11
CA VAL B 516 33.38 -0.23 10.65
C VAL B 516 33.57 -1.46 9.78
N ARG B 517 32.81 -2.53 10.06
CA ARG B 517 32.91 -3.77 9.31
C ARG B 517 31.61 -4.17 8.61
N GLN B 518 30.48 -3.60 8.99
CA GLN B 518 29.20 -4.02 8.41
C GLN B 518 28.20 -2.88 8.51
N ALA B 519 27.29 -2.83 7.54
CA ALA B 519 26.23 -1.84 7.50
C ALA B 519 24.96 -2.50 7.00
N ASN B 520 23.86 -2.31 7.73
CA ASN B 520 22.58 -2.90 7.38
C ASN B 520 21.50 -1.83 7.40
N ILE B 521 20.39 -2.12 6.72
CA ILE B 521 19.29 -1.18 6.55
C ILE B 521 18.12 -1.61 7.43
N SER B 522 17.60 -0.68 8.21
CA SER B 522 16.36 -0.85 8.97
C SER B 522 15.38 0.20 8.45
N ALA B 523 14.81 -0.07 7.27
CA ALA B 523 13.97 0.92 6.61
C ALA B 523 12.63 1.12 7.32
N GLY B 524 12.19 0.12 8.11
CA GLY B 524 10.98 0.31 8.88
C GLY B 524 11.15 1.35 9.97
N ALA B 525 12.19 1.21 10.79
CA ALA B 525 12.47 2.20 11.82
C ALA B 525 13.01 3.48 11.21
N GLY B 526 13.71 3.39 10.08
CA GLY B 526 14.17 4.56 9.37
C GLY B 526 15.59 4.99 9.68
N PHE B 527 16.51 4.03 9.81
CA PHE B 527 17.92 4.37 9.97
C PHE B 527 18.78 3.22 9.45
N VAL B 528 20.06 3.52 9.25
CA VAL B 528 21.05 2.55 8.81
C VAL B 528 21.88 2.13 10.01
N VAL B 529 21.96 0.83 10.24
CA VAL B 529 22.72 0.27 11.36
C VAL B 529 24.17 0.05 10.91
N VAL B 530 25.11 0.62 11.65
CA VAL B 530 26.53 0.52 11.34
C VAL B 530 27.20 -0.24 12.48
N MET B 531 27.84 -1.34 12.15
CA MET B 531 28.43 -2.25 13.12
C MET B 531 29.93 -2.01 13.22
N THR B 532 30.43 -1.87 14.45
CA THR B 532 31.88 -1.82 14.67
C THR B 532 32.41 -3.11 15.29
N GLY B 533 31.57 -4.11 15.46
CA GLY B 533 32.01 -5.35 16.06
C GLY B 533 30.92 -6.40 16.01
N GLU B 534 31.05 -7.40 16.89
CA GLU B 534 30.07 -8.45 17.01
C GLU B 534 29.02 -8.06 18.04
N ILE B 535 27.75 -8.30 17.70
CA ILE B 535 26.62 -7.94 18.56
C ILE B 535 25.82 -9.21 18.84
N MET B 536 25.46 -9.43 20.10
CA MET B 536 24.67 -10.58 20.51
C MET B 536 23.20 -10.19 20.51
N LYS B 537 22.46 -10.66 19.51
CA LYS B 537 21.03 -10.39 19.44
C LYS B 537 20.19 -11.49 20.09
N MET B 538 20.83 -12.52 20.66
CA MET B 538 20.13 -13.59 21.37
C MET B 538 21.02 -14.06 22.51
N PRO B 539 20.75 -13.62 23.74
CA PRO B 539 21.59 -14.01 24.87
C PRO B 539 21.34 -15.46 25.27
N GLY B 540 22.28 -15.99 26.05
CA GLY B 540 22.22 -17.37 26.49
C GLY B 540 21.99 -17.55 27.98
N LEU B 541 21.51 -18.74 28.37
CA LEU B 541 21.26 -19.04 29.78
C LEU B 541 22.55 -19.47 30.47
N PRO B 542 22.73 -19.12 31.74
CA PRO B 542 23.92 -19.52 32.48
C PRO B 542 23.81 -20.98 32.93
N LYS B 543 24.84 -21.41 33.66
CA LYS B 543 24.91 -22.81 34.09
C LYS B 543 23.79 -23.15 35.07
N LEU B 544 23.42 -22.21 35.93
CA LEU B 544 22.33 -22.38 36.88
C LEU B 544 21.34 -21.25 36.66
N PRO B 545 20.35 -21.43 35.79
CA PRO B 545 19.40 -20.34 35.51
C PRO B 545 18.55 -20.01 36.72
N ALA B 546 18.22 -18.71 36.85
CA ALA B 546 17.33 -18.26 37.91
C ALA B 546 15.97 -18.93 37.86
N ALA B 547 15.59 -19.50 36.71
CA ALA B 547 14.31 -20.18 36.59
C ALA B 547 14.20 -21.35 37.57
N GLU B 548 15.33 -22.00 37.91
CA GLU B 548 15.29 -23.12 38.83
C GLU B 548 14.85 -22.72 40.24
N ARG B 549 14.98 -21.45 40.60
CA ARG B 549 14.56 -20.97 41.91
C ARG B 549 13.13 -20.44 41.94
N ILE B 550 12.52 -20.22 40.77
CA ILE B 550 11.17 -19.66 40.71
C ILE B 550 10.17 -20.74 41.10
N ASP B 551 9.20 -20.39 41.94
CA ASP B 551 8.22 -21.34 42.43
C ASP B 551 6.88 -20.64 42.60
N VAL B 552 5.82 -21.44 42.74
CA VAL B 552 4.46 -20.96 42.96
C VAL B 552 3.85 -21.77 44.09
N ASP B 553 3.18 -21.10 45.02
CA ASP B 553 2.59 -21.77 46.16
C ASP B 553 1.16 -22.21 45.81
N GLU B 554 0.43 -22.73 46.81
CA GLU B 554 -0.90 -23.26 46.58
C GLU B 554 -1.93 -22.18 46.27
N ASN B 555 -1.64 -20.92 46.59
CA ASN B 555 -2.54 -19.81 46.35
C ASN B 555 -2.15 -19.01 45.12
N GLY B 556 -1.13 -19.44 44.39
CA GLY B 556 -0.70 -18.71 43.21
C GLY B 556 0.22 -17.55 43.46
N LYS B 557 1.02 -17.61 44.54
CA LYS B 557 1.98 -16.55 44.85
C LYS B 557 3.35 -16.95 44.33
N ILE B 558 3.99 -16.05 43.59
CA ILE B 558 5.27 -16.33 42.96
C ILE B 558 6.39 -15.94 43.92
N SER B 559 7.35 -16.85 44.09
CA SER B 559 8.54 -16.59 44.89
C SER B 559 9.78 -16.92 44.07
N GLY B 560 10.87 -16.23 44.39
CA GLY B 560 12.15 -16.49 43.75
C GLY B 560 12.43 -15.67 42.51
N LEU B 561 11.55 -14.73 42.14
CA LEU B 561 11.82 -13.88 40.98
C LEU B 561 13.00 -12.96 41.23
N PHE B 562 13.22 -12.54 42.48
CA PHE B 562 14.28 -11.59 42.79
C PHE B 562 15.07 -12.06 44.02
N PHE C 7 -35.03 16.46 -42.17
CA PHE C 7 -33.83 15.69 -41.86
C PHE C 7 -32.73 16.60 -41.31
N LYS C 8 -32.33 16.33 -40.07
CA LYS C 8 -31.29 17.09 -39.40
C LYS C 8 -30.10 16.18 -39.15
N THR C 9 -28.88 16.67 -39.37
CA THR C 9 -27.72 15.85 -39.10
C THR C 9 -27.49 15.74 -37.59
N ASP C 10 -26.70 14.75 -37.19
CA ASP C 10 -26.45 14.54 -35.77
C ASP C 10 -25.77 15.74 -35.13
N ILE C 11 -24.92 16.44 -35.88
CA ILE C 11 -24.26 17.62 -35.33
C ILE C 11 -25.25 18.77 -35.21
N GLU C 12 -26.14 18.91 -36.18
CA GLU C 12 -27.18 19.92 -36.07
C GLU C 12 -28.04 19.69 -34.84
N ILE C 13 -28.40 18.43 -34.57
CA ILE C 13 -29.24 18.10 -33.43
C ILE C 13 -28.52 18.41 -32.12
N ALA C 14 -27.22 18.06 -32.04
CA ALA C 14 -26.47 18.35 -30.82
C ALA C 14 -26.29 19.85 -30.62
N GLN C 15 -26.21 20.62 -31.71
CA GLN C 15 -26.06 22.07 -31.59
C GLN C 15 -27.36 22.75 -31.19
N GLU C 16 -28.52 22.19 -31.58
CA GLU C 16 -29.79 22.81 -31.23
C GLU C 16 -30.32 22.37 -29.86
N ALA C 17 -29.75 21.34 -29.25
CA ALA C 17 -30.21 20.91 -27.94
C ALA C 17 -29.60 21.80 -26.86
N ASN C 18 -30.33 21.98 -25.77
CA ASN C 18 -29.88 22.84 -24.69
C ASN C 18 -29.40 22.02 -23.51
N PRO C 19 -28.11 21.73 -23.39
CA PRO C 19 -27.62 20.91 -22.28
C PRO C 19 -27.54 21.70 -20.99
N GLN C 20 -27.90 21.03 -19.89
CA GLN C 20 -27.88 21.62 -18.57
C GLN C 20 -26.46 21.66 -18.00
N ASP C 21 -26.26 22.57 -17.05
CA ASP C 21 -25.01 22.60 -16.30
C ASP C 21 -24.79 21.25 -15.62
N ILE C 22 -23.56 20.73 -15.73
CA ILE C 22 -23.27 19.39 -15.23
C ILE C 22 -23.46 19.31 -13.72
N ARG C 23 -23.38 20.44 -13.02
CA ARG C 23 -23.68 20.45 -11.58
C ARG C 23 -25.13 20.11 -11.32
N ASP C 24 -26.03 20.44 -12.25
CA ASP C 24 -27.43 20.05 -12.13
C ASP C 24 -27.64 18.58 -12.52
N ILE C 25 -26.88 18.09 -13.49
CA ILE C 25 -26.95 16.67 -13.84
C ILE C 25 -26.46 15.82 -12.68
N ALA C 26 -25.39 16.26 -12.01
CA ALA C 26 -24.88 15.53 -10.86
C ALA C 26 -25.88 15.53 -9.71
N LYS C 27 -26.68 16.58 -9.59
CA LYS C 27 -27.69 16.65 -8.53
C LYS C 27 -28.77 15.57 -8.71
N LYS C 28 -29.05 15.18 -9.96
CA LYS C 28 -30.04 14.15 -10.21
C LYS C 28 -29.62 12.81 -9.61
N ILE C 29 -28.32 12.58 -9.49
CA ILE C 29 -27.80 11.34 -8.92
C ILE C 29 -27.15 11.58 -7.57
N ASN C 30 -27.54 12.66 -6.88
CA ASN C 30 -27.14 12.92 -5.50
C ASN C 30 -25.63 13.09 -5.36
N LEU C 31 -25.02 13.82 -6.29
CA LEU C 31 -23.62 14.15 -6.22
C LEU C 31 -23.47 15.62 -5.87
N SER C 32 -22.66 15.90 -4.84
CA SER C 32 -22.44 17.28 -4.40
C SER C 32 -21.29 17.91 -5.19
N GLU C 33 -21.01 19.18 -4.88
CA GLU C 33 -19.93 19.86 -5.57
C GLU C 33 -18.57 19.29 -5.16
N ASP C 34 -18.44 18.85 -3.91
CA ASP C 34 -17.20 18.26 -3.43
C ASP C 34 -16.99 16.84 -3.94
N ASP C 35 -17.99 16.25 -4.60
CA ASP C 35 -17.89 14.90 -5.13
C ASP C 35 -17.48 14.87 -6.60
N ILE C 36 -17.45 16.01 -7.28
CA ILE C 36 -17.15 16.06 -8.71
C ILE C 36 -16.11 17.15 -8.96
N GLU C 37 -15.36 16.97 -10.05
CA GLU C 37 -14.39 17.96 -10.51
C GLU C 37 -14.77 18.38 -11.91
N LEU C 38 -15.03 19.67 -12.09
CA LEU C 38 -15.56 20.17 -13.35
C LEU C 38 -14.47 20.28 -14.41
N TYR C 39 -14.84 19.92 -15.64
CA TYR C 39 -14.04 20.15 -16.85
C TYR C 39 -14.93 20.96 -17.78
N GLY C 40 -15.02 22.26 -17.52
CA GLY C 40 -16.04 23.08 -18.13
C GLY C 40 -17.37 22.88 -17.43
N LYS C 41 -18.40 23.52 -17.97
CA LYS C 41 -19.73 23.45 -17.38
C LYS C 41 -20.57 22.29 -17.89
N TYR C 42 -20.05 21.47 -18.80
CA TYR C 42 -20.79 20.36 -19.36
C TYR C 42 -20.11 19.00 -19.19
N LYS C 43 -18.98 18.96 -18.48
CA LYS C 43 -18.27 17.71 -18.23
C LYS C 43 -17.76 17.71 -16.79
N ALA C 44 -17.67 16.52 -16.21
CA ALA C 44 -17.15 16.40 -14.85
C ALA C 44 -16.64 14.99 -14.62
N LYS C 45 -15.65 14.88 -13.74
CA LYS C 45 -15.17 13.60 -13.26
C LYS C 45 -15.70 13.35 -11.86
N ILE C 46 -16.17 12.14 -11.61
CA ILE C 46 -16.76 11.77 -10.33
C ILE C 46 -15.69 11.12 -9.47
N ASP C 47 -15.50 11.65 -8.27
CA ASP C 47 -14.54 11.07 -7.32
C ASP C 47 -14.98 9.66 -6.99
N TYR C 48 -14.09 8.68 -7.21
CA TYR C 48 -14.44 7.29 -6.95
C TYR C 48 -14.53 6.97 -5.47
N ASN C 49 -14.02 7.84 -4.61
CA ASN C 49 -14.11 7.63 -3.17
C ASN C 49 -15.52 7.84 -2.63
N VAL C 50 -16.44 8.40 -3.44
CA VAL C 50 -17.82 8.57 -3.00
C VAL C 50 -18.43 7.21 -2.66
N LEU C 51 -17.96 6.14 -3.31
CA LEU C 51 -18.42 4.79 -3.02
C LEU C 51 -18.15 4.36 -1.59
N ASN C 52 -17.33 5.11 -0.85
CA ASN C 52 -16.97 4.74 0.52
C ASN C 52 -17.72 5.56 1.57
N ARG C 53 -18.21 6.75 1.23
CA ARG C 53 -18.88 7.62 2.17
C ARG C 53 -20.37 7.79 1.88
N THR C 54 -20.92 7.00 0.96
CA THR C 54 -22.35 6.99 0.68
C THR C 54 -22.84 5.55 0.62
N LYS C 55 -24.12 5.36 0.89
CA LYS C 55 -24.74 4.04 0.85
C LYS C 55 -25.23 3.74 -0.55
N SER C 56 -25.07 2.49 -0.97
CA SER C 56 -25.42 2.11 -2.32
C SER C 56 -26.93 2.03 -2.49
N ARG C 57 -27.39 2.29 -3.71
CA ARG C 57 -28.80 2.13 -4.06
C ARG C 57 -29.10 0.76 -4.64
N ALA C 58 -28.07 -0.07 -4.86
CA ALA C 58 -28.25 -1.42 -5.39
C ALA C 58 -29.04 -1.40 -6.70
N GLY C 59 -28.61 -0.53 -7.61
CA GLY C 59 -29.33 -0.37 -8.86
C GLY C 59 -29.29 -1.62 -9.72
N LYS C 60 -30.26 -1.70 -10.63
CA LYS C 60 -30.33 -2.82 -11.55
C LYS C 60 -29.44 -2.58 -12.75
N LEU C 61 -28.91 -3.67 -13.31
CA LEU C 61 -27.99 -3.61 -14.43
C LEU C 61 -28.72 -4.11 -15.68
N ILE C 62 -28.74 -3.27 -16.71
CA ILE C 62 -29.36 -3.60 -17.99
C ILE C 62 -28.26 -3.64 -19.04
N LEU C 63 -28.10 -4.78 -19.70
CA LEU C 63 -27.07 -4.96 -20.70
C LEU C 63 -27.68 -4.87 -22.08
N THR C 64 -27.12 -4.00 -22.92
CA THR C 64 -27.57 -3.83 -24.29
C THR C 64 -26.61 -4.54 -25.23
N THR C 65 -27.13 -5.49 -26.00
CA THR C 65 -26.35 -6.18 -27.01
C THR C 65 -27.09 -6.14 -28.34
N ALA C 66 -26.59 -6.85 -29.34
CA ALA C 66 -27.22 -6.90 -30.65
C ALA C 66 -26.82 -8.19 -31.34
N ILE C 67 -27.41 -8.41 -32.51
CA ILE C 67 -27.04 -9.54 -33.35
C ILE C 67 -25.67 -9.27 -33.98
N ASN C 68 -25.18 -10.20 -34.78
CA ASN C 68 -23.89 -10.03 -35.42
C ASN C 68 -23.91 -8.79 -36.30
N PRO C 69 -22.86 -7.97 -36.26
CA PRO C 69 -22.87 -6.72 -37.03
C PRO C 69 -23.04 -6.95 -38.52
N THR C 70 -23.73 -6.00 -39.15
CA THR C 70 -23.97 -5.89 -40.57
C THR C 70 -23.25 -4.66 -41.12
N PRO C 71 -23.06 -4.58 -42.43
CA PRO C 71 -22.23 -3.48 -42.98
C PRO C 71 -22.71 -2.07 -42.66
N ALA C 72 -24.00 -1.82 -42.53
CA ALA C 72 -24.48 -0.44 -42.37
C ALA C 72 -25.56 -0.31 -41.30
N GLY C 73 -25.32 -0.92 -40.14
CA GLY C 73 -26.26 -0.87 -39.03
C GLY C 73 -25.55 -0.45 -37.77
N GLU C 74 -25.18 -1.44 -36.95
CA GLU C 74 -24.40 -1.21 -35.74
C GLU C 74 -25.04 -0.16 -34.83
N GLY C 75 -26.32 -0.33 -34.51
CA GLY C 75 -27.05 0.69 -33.78
C GLY C 75 -27.31 0.39 -32.32
N LYS C 76 -26.36 -0.30 -31.69
CA LYS C 76 -26.49 -0.67 -30.27
C LYS C 76 -26.56 0.56 -29.36
N THR C 77 -25.66 1.52 -29.57
CA THR C 77 -25.58 2.68 -28.68
C THR C 77 -26.81 3.58 -28.77
N THR C 78 -27.38 3.72 -29.97
CA THR C 78 -28.60 4.52 -30.09
C THR C 78 -29.72 3.95 -29.22
N THR C 79 -29.79 2.62 -29.11
CA THR C 79 -30.81 2.00 -28.29
C THR C 79 -30.52 2.18 -26.80
N SER C 80 -29.25 2.06 -26.39
CA SER C 80 -28.90 2.21 -24.99
C SER C 80 -29.27 3.60 -24.47
N ILE C 81 -28.97 4.64 -25.26
CA ILE C 81 -29.27 6.00 -24.84
C ILE C 81 -30.78 6.24 -24.85
N GLY C 82 -31.47 5.74 -25.88
CA GLY C 82 -32.90 5.92 -25.96
C GLY C 82 -33.64 5.26 -24.81
N VAL C 83 -33.20 4.06 -24.41
CA VAL C 83 -33.81 3.38 -23.27
C VAL C 83 -33.55 4.14 -21.99
N ALA C 84 -32.32 4.65 -21.81
CA ALA C 84 -32.02 5.45 -20.63
C ALA C 84 -32.89 6.71 -20.57
N ASP C 85 -33.05 7.39 -21.70
CA ASP C 85 -33.96 8.53 -21.74
C ASP C 85 -35.40 8.10 -21.51
N ALA C 86 -35.78 6.91 -21.98
CA ALA C 86 -37.14 6.42 -21.77
C ALA C 86 -37.42 6.15 -20.31
N LEU C 87 -36.47 5.50 -19.61
CA LEU C 87 -36.64 5.25 -18.19
C LEU C 87 -36.72 6.56 -17.41
N ALA C 88 -36.00 7.59 -17.85
CA ALA C 88 -36.11 8.89 -17.21
C ALA C 88 -37.49 9.50 -17.42
N LYS C 89 -38.08 9.31 -18.59
CA LYS C 89 -39.44 9.78 -18.83
C LYS C 89 -40.43 9.11 -17.89
N LEU C 90 -40.22 7.83 -17.60
CA LEU C 90 -41.09 7.07 -16.72
C LEU C 90 -40.86 7.38 -15.25
N GLY C 91 -40.01 8.36 -14.94
CA GLY C 91 -39.77 8.75 -13.56
C GLY C 91 -38.73 7.95 -12.82
N LYS C 92 -37.86 7.23 -13.53
CA LYS C 92 -36.85 6.40 -12.90
C LYS C 92 -35.53 7.16 -12.77
N ASN C 93 -34.76 6.79 -11.75
CA ASN C 93 -33.42 7.34 -11.54
C ASN C 93 -32.43 6.44 -12.27
N VAL C 94 -32.00 6.86 -13.46
CA VAL C 94 -31.27 6.02 -14.39
C VAL C 94 -29.98 6.70 -14.83
N ILE C 95 -28.96 5.89 -15.08
CA ILE C 95 -27.68 6.35 -15.60
C ILE C 95 -27.31 5.49 -16.81
N ALA C 96 -26.86 6.14 -17.88
CA ALA C 96 -26.35 5.43 -19.05
C ALA C 96 -24.83 5.33 -18.94
N ALA C 97 -24.30 4.10 -19.02
CA ALA C 97 -22.87 3.85 -18.94
C ALA C 97 -22.39 3.36 -20.30
N LEU C 98 -21.47 4.11 -20.91
CA LEU C 98 -20.99 3.83 -22.25
C LEU C 98 -19.47 3.97 -22.30
N ARG C 99 -18.89 3.69 -23.46
CA ARG C 99 -17.46 3.80 -23.67
C ARG C 99 -17.09 5.15 -24.26
N GLU C 100 -15.85 5.58 -24.01
CA GLU C 100 -15.30 6.73 -24.72
C GLU C 100 -14.61 6.26 -25.99
N PRO C 101 -14.93 6.86 -27.15
CA PRO C 101 -14.31 6.41 -28.40
C PRO C 101 -12.87 6.87 -28.51
N SER C 102 -12.16 6.26 -29.45
CA SER C 102 -10.78 6.64 -29.73
C SER C 102 -10.74 7.87 -30.64
N MET C 103 -9.80 8.77 -30.35
CA MET C 103 -9.68 9.99 -31.16
C MET C 103 -9.00 9.73 -32.50
N GLY C 104 -8.11 8.75 -32.55
CA GLY C 104 -7.37 8.43 -33.75
C GLY C 104 -8.20 8.31 -35.02
N PRO C 105 -9.20 7.43 -35.02
CA PRO C 105 -10.02 7.25 -36.23
C PRO C 105 -10.73 8.51 -36.71
N VAL C 106 -10.91 9.51 -35.85
CA VAL C 106 -11.61 10.73 -36.26
C VAL C 106 -10.89 11.40 -37.41
N PHE C 107 -9.56 11.30 -37.45
CA PHE C 107 -8.76 11.92 -38.51
C PHE C 107 -8.59 11.03 -39.73
N GLY C 108 -8.97 9.75 -39.65
CA GLY C 108 -8.95 8.88 -40.81
C GLY C 108 -10.28 8.86 -41.54
N ILE C 109 -11.25 8.10 -41.01
CA ILE C 109 -12.62 8.13 -41.50
C ILE C 109 -13.40 9.10 -40.64
N LYS C 110 -14.50 9.63 -41.18
CA LYS C 110 -15.19 10.72 -40.49
C LYS C 110 -15.66 10.26 -39.11
N GLY C 111 -15.58 11.17 -38.15
CA GLY C 111 -16.04 10.89 -36.81
C GLY C 111 -17.52 11.12 -36.66
N GLY C 112 -18.10 10.54 -35.62
CA GLY C 112 -19.53 10.58 -35.43
C GLY C 112 -19.90 10.77 -33.97
N ALA C 113 -21.21 10.85 -33.75
CA ALA C 113 -21.80 11.08 -32.44
C ALA C 113 -21.82 9.80 -31.62
N ALA C 114 -21.82 9.97 -30.29
CA ALA C 114 -22.05 8.88 -29.37
C ALA C 114 -23.53 8.51 -29.46
N GLY C 115 -23.84 7.68 -30.45
CA GLY C 115 -25.22 7.34 -30.76
C GLY C 115 -25.64 7.85 -32.12
N GLY C 116 -26.76 8.58 -32.17
CA GLY C 116 -27.24 9.11 -33.43
C GLY C 116 -28.67 9.64 -33.37
N GLY C 117 -28.99 10.59 -34.23
CA GLY C 117 -30.33 11.14 -34.25
C GLY C 117 -30.64 11.88 -32.96
N TYR C 118 -31.77 11.54 -32.34
CA TYR C 118 -32.18 12.13 -31.08
C TYR C 118 -31.83 11.27 -29.88
N ALA C 119 -30.91 10.32 -30.04
CA ALA C 119 -30.38 9.50 -28.96
C ALA C 119 -28.87 9.68 -28.95
N GLN C 120 -28.41 10.82 -28.44
CA GLN C 120 -27.00 11.18 -28.44
C GLN C 120 -26.54 11.52 -27.02
N VAL C 121 -25.24 11.67 -26.87
CA VAL C 121 -24.62 12.17 -25.64
C VAL C 121 -23.86 13.44 -25.97
N VAL C 122 -23.97 14.43 -25.09
CA VAL C 122 -23.44 15.78 -25.32
C VAL C 122 -22.44 16.10 -24.21
N PRO C 123 -21.34 16.82 -24.48
CA PRO C 123 -20.94 17.46 -25.75
C PRO C 123 -20.25 16.53 -26.74
N MET C 124 -20.72 16.61 -28.00
CA MET C 124 -20.25 15.71 -29.04
C MET C 124 -18.81 16.00 -29.44
N GLU C 125 -18.44 17.27 -29.54
CA GLU C 125 -17.12 17.64 -30.03
C GLU C 125 -16.03 17.21 -29.06
N ASP C 126 -16.22 17.49 -27.76
CA ASP C 126 -15.21 17.14 -26.77
C ASP C 126 -15.02 15.63 -26.66
N ILE C 127 -16.12 14.87 -26.73
CA ILE C 127 -16.03 13.42 -26.57
C ILE C 127 -15.18 12.80 -27.67
N ASN C 128 -15.32 13.31 -28.90
CA ASN C 128 -14.54 12.77 -30.02
C ASN C 128 -13.07 13.13 -29.93
N LEU C 129 -12.72 14.18 -29.19
CA LEU C 129 -11.34 14.67 -29.16
C LEU C 129 -10.64 14.31 -27.86
N HIS C 130 -10.17 15.33 -27.12
CA HIS C 130 -9.40 15.08 -25.91
C HIS C 130 -10.28 14.66 -24.74
N PHE C 131 -11.56 15.05 -24.76
CA PHE C 131 -12.49 14.78 -23.66
C PHE C 131 -11.91 15.27 -22.33
N THR C 132 -11.75 14.36 -21.37
CA THR C 132 -11.16 14.71 -20.08
C THR C 132 -9.72 14.22 -19.94
N GLY C 133 -9.12 13.69 -21.01
CA GLY C 133 -7.73 13.32 -21.00
C GLY C 133 -7.42 11.88 -20.65
N ASP C 134 -8.43 11.01 -20.59
CA ASP C 134 -8.20 9.63 -20.18
C ASP C 134 -7.27 8.90 -21.15
N MET C 135 -7.48 9.08 -22.46
CA MET C 135 -6.66 8.37 -23.43
C MET C 135 -5.20 8.77 -23.34
N HIS C 136 -4.94 10.06 -23.09
CA HIS C 136 -3.55 10.52 -22.95
C HIS C 136 -2.88 9.89 -21.73
N ALA C 137 -3.63 9.72 -20.64
CA ALA C 137 -3.05 9.15 -19.44
C ALA C 137 -2.75 7.66 -19.62
N ILE C 138 -3.64 6.94 -20.30
CA ILE C 138 -3.39 5.54 -20.61
C ILE C 138 -2.15 5.41 -21.49
N GLY C 139 -2.03 6.26 -22.49
CA GLY C 139 -0.86 6.19 -23.37
C GLY C 139 0.42 6.54 -22.65
N ALA C 140 0.37 7.53 -21.75
CA ALA C 140 1.56 7.91 -21.00
C ALA C 140 2.01 6.79 -20.07
N ALA C 141 1.06 6.10 -19.43
CA ALA C 141 1.42 4.97 -18.59
C ALA C 141 1.99 3.83 -19.42
N ASN C 142 1.39 3.55 -20.58
CA ASN C 142 1.90 2.51 -21.47
C ASN C 142 3.33 2.81 -21.91
N ASN C 143 3.61 4.07 -22.26
CA ASN C 143 4.91 4.43 -22.78
C ASN C 143 5.96 4.67 -21.69
N LEU C 144 5.51 4.99 -20.46
CA LEU C 144 6.45 5.03 -19.35
C LEU C 144 6.99 3.64 -19.02
N LEU C 145 6.11 2.64 -19.02
CA LEU C 145 6.55 1.27 -18.77
C LEU C 145 7.53 0.81 -19.83
N ALA C 146 7.30 1.18 -21.09
CA ALA C 146 8.24 0.84 -22.15
C ALA C 146 9.57 1.53 -21.96
N ALA C 147 9.56 2.80 -21.54
CA ALA C 147 10.80 3.52 -21.31
C ALA C 147 11.59 2.90 -20.16
N MET C 148 10.89 2.50 -19.09
CA MET C 148 11.56 1.90 -17.94
C MET C 148 12.04 0.48 -18.24
N LEU C 149 11.33 -0.23 -19.11
CA LEU C 149 11.77 -1.55 -19.54
C LEU C 149 13.08 -1.46 -20.33
N ASP C 150 13.12 -0.61 -21.35
CA ASP C 150 14.33 -0.44 -22.13
C ASP C 150 15.46 0.16 -21.30
N ASN C 151 15.13 1.03 -20.34
CA ASN C 151 16.15 1.59 -19.47
C ASN C 151 16.81 0.51 -18.62
N HIS C 152 16.01 -0.42 -18.09
CA HIS C 152 16.57 -1.51 -17.29
C HIS C 152 17.54 -2.35 -18.09
N VAL C 153 17.16 -2.73 -19.31
CA VAL C 153 18.04 -3.53 -20.16
C VAL C 153 19.31 -2.76 -20.49
N TYR C 154 19.19 -1.45 -20.69
CA TYR C 154 20.34 -0.64 -21.05
C TYR C 154 21.31 -0.47 -19.87
N GLN C 155 20.77 -0.28 -18.66
CA GLN C 155 21.62 0.00 -17.51
C GLN C 155 22.35 -1.24 -17.04
N THR C 156 21.60 -2.27 -16.63
CA THR C 156 22.20 -3.48 -16.07
C THR C 156 21.62 -4.77 -16.65
N ASN C 157 20.33 -4.78 -16.97
CA ASN C 157 19.60 -6.01 -17.30
C ASN C 157 19.82 -7.08 -16.24
N SER C 158 19.74 -6.67 -14.97
CA SER C 158 19.86 -7.61 -13.86
C SER C 158 18.69 -8.60 -13.80
N LEU C 159 17.57 -8.28 -14.46
CA LEU C 159 16.45 -9.21 -14.58
C LEU C 159 16.65 -10.24 -15.69
N ASN C 160 17.75 -10.16 -16.43
CA ASN C 160 18.09 -11.12 -17.48
C ASN C 160 17.01 -11.18 -18.55
N ILE C 161 16.50 -10.02 -18.95
CA ILE C 161 15.48 -9.95 -19.98
C ILE C 161 16.09 -10.30 -21.33
N ASN C 162 15.40 -11.15 -22.09
CA ASN C 162 15.81 -11.47 -23.45
C ASN C 162 15.18 -10.46 -24.41
N PRO C 163 15.97 -9.66 -25.13
CA PRO C 163 15.36 -8.64 -26.01
C PRO C 163 14.45 -9.20 -27.08
N LYS C 164 14.74 -10.39 -27.61
CA LYS C 164 13.88 -10.99 -28.63
C LYS C 164 12.56 -11.51 -28.05
N ARG C 165 12.41 -11.52 -26.73
CA ARG C 165 11.19 -11.99 -26.08
C ARG C 165 10.43 -10.88 -25.36
N ILE C 166 10.65 -9.62 -25.76
CA ILE C 166 9.90 -8.51 -25.18
C ILE C 166 8.57 -8.38 -25.90
N THR C 167 7.47 -8.54 -25.15
CA THR C 167 6.14 -8.45 -25.71
C THR C 167 5.52 -7.06 -25.60
N TRP C 168 5.99 -6.23 -24.69
CA TRP C 168 5.40 -4.91 -24.50
C TRP C 168 5.64 -4.03 -25.71
N ARG C 169 4.60 -3.33 -26.13
CA ARG C 169 4.66 -2.41 -27.25
C ARG C 169 4.24 -1.01 -26.81
N ARG C 170 4.85 -0.01 -27.44
CA ARG C 170 4.48 1.38 -27.19
C ARG C 170 3.14 1.67 -27.88
N CYS C 171 2.64 2.89 -27.69
CA CYS C 171 1.33 3.22 -28.25
C CYS C 171 1.28 4.68 -28.65
N VAL C 172 0.28 4.99 -29.48
CA VAL C 172 -0.02 6.36 -29.88
C VAL C 172 -1.49 6.39 -30.29
N ASP C 173 -2.14 7.51 -30.00
CA ASP C 173 -3.57 7.64 -30.32
C ASP C 173 -3.77 8.16 -31.74
N MET C 174 -3.10 7.50 -32.69
CA MET C 174 -3.18 7.85 -34.10
C MET C 174 -3.18 6.58 -34.93
N ASN C 175 -3.80 6.65 -36.11
CA ASN C 175 -3.82 5.54 -37.06
C ASN C 175 -2.57 5.64 -37.94
N ASP C 176 -1.46 5.10 -37.43
CA ASP C 176 -0.16 5.25 -38.07
C ASP C 176 0.43 3.88 -38.40
N ARG C 177 0.23 3.43 -39.63
CA ARG C 177 0.79 2.15 -40.07
C ARG C 177 2.31 2.14 -40.07
N GLN C 178 2.94 3.32 -40.14
CA GLN C 178 4.40 3.39 -40.18
C GLN C 178 5.03 2.83 -38.92
N LEU C 179 4.31 2.81 -37.80
CA LEU C 179 4.85 2.41 -36.51
C LEU C 179 4.48 0.98 -36.14
N ARG C 180 3.88 0.22 -37.06
CA ARG C 180 3.52 -1.17 -36.75
C ARG C 180 4.76 -1.99 -36.44
N ASN C 181 5.79 -1.87 -37.26
CA ASN C 181 7.03 -2.62 -37.09
C ASN C 181 8.20 -1.65 -37.20
N VAL C 182 8.94 -1.50 -36.10
CA VAL C 182 10.05 -0.57 -36.04
C VAL C 182 11.27 -1.28 -35.46
N VAL C 183 12.43 -0.65 -35.68
CA VAL C 183 13.67 -1.01 -35.01
C VAL C 183 14.19 0.24 -34.33
N ASP C 184 14.37 0.17 -33.02
CA ASP C 184 14.84 1.31 -32.24
C ASP C 184 16.09 0.93 -31.46
N GLY C 185 16.59 1.87 -30.66
CA GLY C 185 17.85 1.67 -29.97
C GLY C 185 19.07 1.78 -30.85
N LEU C 186 18.96 2.47 -31.98
CA LEU C 186 20.06 2.62 -32.92
C LEU C 186 20.92 3.82 -32.54
N GLY C 187 22.14 3.85 -33.08
CA GLY C 187 23.04 4.96 -32.84
C GLY C 187 24.16 4.64 -31.89
N LYS C 188 24.58 5.63 -31.10
CA LYS C 188 25.69 5.46 -30.17
C LYS C 188 25.33 4.44 -29.10
N LYS C 189 26.35 4.05 -28.33
CA LYS C 189 26.12 3.13 -27.22
C LYS C 189 25.23 3.76 -26.14
N VAL C 190 25.17 5.09 -26.09
CA VAL C 190 24.32 5.78 -25.12
C VAL C 190 22.88 5.94 -25.62
N ASP C 191 22.57 5.45 -26.82
CA ASP C 191 21.26 5.62 -27.42
C ASP C 191 20.40 4.36 -27.30
N GLY C 192 20.69 3.50 -26.34
CA GLY C 192 19.84 2.35 -26.05
C GLY C 192 20.42 1.05 -26.56
N VAL C 193 19.57 0.03 -26.53
CA VAL C 193 19.89 -1.31 -27.00
C VAL C 193 19.05 -1.61 -28.22
N THR C 194 19.70 -1.93 -29.34
CA THR C 194 18.99 -2.18 -30.59
C THR C 194 18.09 -3.40 -30.47
N ARG C 195 16.85 -3.26 -30.93
CA ARG C 195 15.89 -4.36 -30.88
C ARG C 195 14.70 -4.00 -31.77
N GLU C 196 13.95 -5.04 -32.15
CA GLU C 196 12.70 -4.84 -32.87
C GLU C 196 11.60 -4.46 -31.91
N ASP C 197 10.66 -3.65 -32.38
CA ASP C 197 9.63 -3.09 -31.52
C ASP C 197 8.43 -2.74 -32.40
N GLY C 198 7.42 -2.11 -31.79
CA GLY C 198 6.24 -1.72 -32.54
C GLY C 198 5.30 -0.90 -31.68
N PHE C 199 4.37 -0.23 -32.35
CA PHE C 199 3.37 0.60 -31.70
C PHE C 199 1.97 0.04 -31.98
N ASP C 200 1.12 0.09 -30.97
CA ASP C 200 -0.30 -0.15 -31.12
C ASP C 200 -1.04 1.17 -30.97
N ILE C 201 -2.30 1.18 -31.40
CA ILE C 201 -3.16 2.30 -31.05
C ILE C 201 -3.47 2.23 -29.56
N THR C 202 -3.63 3.40 -28.93
CA THR C 202 -3.65 3.47 -27.47
C THR C 202 -4.76 2.61 -26.88
N VAL C 203 -5.92 2.56 -27.54
CA VAL C 203 -7.04 1.78 -27.01
C VAL C 203 -6.76 0.28 -27.06
N ALA C 204 -5.77 -0.16 -27.83
CA ALA C 204 -5.39 -1.57 -27.88
C ALA C 204 -4.42 -1.96 -26.78
N SER C 205 -3.85 -1.00 -26.07
CA SER C 205 -2.88 -1.30 -25.02
C SER C 205 -3.51 -2.13 -23.91
N GLU C 206 -2.69 -2.98 -23.29
CA GLU C 206 -3.15 -3.76 -22.14
C GLU C 206 -3.49 -2.87 -20.95
N VAL C 207 -2.90 -1.68 -20.87
CA VAL C 207 -3.24 -0.73 -19.82
C VAL C 207 -4.73 -0.39 -19.88
N MET C 208 -5.27 -0.25 -21.09
CA MET C 208 -6.69 0.07 -21.23
C MET C 208 -7.57 -1.05 -20.69
N ALA C 209 -7.20 -2.30 -20.96
CA ALA C 209 -7.98 -3.43 -20.46
C ALA C 209 -7.91 -3.53 -18.95
N ALA C 210 -6.71 -3.32 -18.37
CA ALA C 210 -6.58 -3.33 -16.92
C ALA C 210 -7.26 -2.12 -16.29
N PHE C 211 -7.21 -0.98 -16.98
CA PHE C 211 -7.91 0.22 -16.52
C PHE C 211 -9.41 -0.05 -16.37
N CYS C 212 -10.00 -0.78 -17.32
CA CYS C 212 -11.43 -1.03 -17.34
C CYS C 212 -11.85 -2.19 -16.44
N LEU C 213 -10.90 -3.00 -15.96
CA LEU C 213 -11.21 -4.17 -15.15
C LEU C 213 -10.68 -4.05 -13.72
N SER C 214 -10.65 -2.83 -13.19
CA SER C 214 -10.18 -2.58 -11.84
C SER C 214 -11.33 -2.02 -11.00
N ASN C 215 -11.60 -2.65 -9.86
CA ASN C 215 -12.69 -2.23 -8.98
C ASN C 215 -12.35 -0.97 -8.20
N ASN C 216 -11.09 -0.59 -8.11
CA ASN C 216 -10.66 0.58 -7.36
C ASN C 216 -9.23 0.91 -7.74
N ILE C 217 -8.67 1.92 -7.07
CA ILE C 217 -7.31 2.36 -7.39
C ILE C 217 -6.28 1.36 -6.88
N SER C 218 -6.58 0.66 -5.78
CA SER C 218 -5.65 -0.35 -5.28
C SER C 218 -5.57 -1.55 -6.23
N GLU C 219 -6.71 -1.97 -6.78
CA GLU C 219 -6.69 -3.06 -7.74
C GLU C 219 -6.03 -2.64 -9.05
N LEU C 220 -6.18 -1.36 -9.43
CA LEU C 220 -5.51 -0.87 -10.64
C LEU C 220 -3.99 -0.99 -10.49
N LYS C 221 -3.45 -0.52 -9.37
CA LYS C 221 -2.01 -0.58 -9.15
C LYS C 221 -1.52 -2.03 -9.13
N GLU C 222 -2.33 -2.93 -8.57
CA GLU C 222 -1.95 -4.35 -8.55
C GLU C 222 -2.04 -4.96 -9.94
N ASN C 223 -3.08 -4.62 -10.70
CA ASN C 223 -3.22 -5.15 -12.05
C ASN C 223 -2.09 -4.66 -12.97
N LEU C 224 -1.73 -3.39 -12.86
CA LEU C 224 -0.64 -2.86 -13.67
C LEU C 224 0.67 -3.57 -13.34
N GLY C 225 0.89 -3.91 -12.07
CA GLY C 225 2.10 -4.61 -11.69
C GLY C 225 2.18 -6.02 -12.25
N ASN C 226 1.02 -6.67 -12.42
CA ASN C 226 0.99 -8.03 -12.95
C ASN C 226 1.22 -8.09 -14.45
N ILE C 227 1.29 -6.94 -15.13
CA ILE C 227 1.49 -6.93 -16.57
C ILE C 227 2.80 -7.61 -16.93
N VAL C 228 2.72 -8.60 -17.81
CA VAL C 228 3.91 -9.29 -18.30
C VAL C 228 4.45 -8.52 -19.51
N VAL C 229 5.65 -7.98 -19.36
CA VAL C 229 6.25 -7.18 -20.43
C VAL C 229 7.29 -7.94 -21.25
N ALA C 230 7.87 -9.01 -20.70
CA ALA C 230 8.92 -9.75 -21.40
C ALA C 230 9.12 -11.07 -20.68
N TYR C 231 10.04 -11.88 -21.21
CA TYR C 231 10.48 -13.13 -20.60
C TYR C 231 11.98 -13.10 -20.44
N ASN C 232 12.47 -13.72 -19.36
CA ASN C 232 13.91 -13.78 -19.14
C ASN C 232 14.51 -14.95 -19.92
N TYR C 233 15.84 -15.05 -19.87
CA TYR C 233 16.53 -16.13 -20.57
C TYR C 233 16.16 -17.50 -20.03
N SER C 234 15.67 -17.57 -18.79
CA SER C 234 15.20 -18.82 -18.21
C SER C 234 13.74 -19.13 -18.56
N GLY C 235 13.10 -18.29 -19.38
CA GLY C 235 11.73 -18.52 -19.80
C GLY C 235 10.67 -18.03 -18.85
N LYS C 236 11.06 -17.36 -17.75
CA LYS C 236 10.11 -16.88 -16.76
C LYS C 236 9.63 -15.47 -17.09
N PRO C 237 8.40 -15.14 -16.73
CA PRO C 237 7.87 -13.81 -17.07
C PRO C 237 8.53 -12.71 -16.26
N VAL C 238 8.65 -11.55 -16.89
CA VAL C 238 9.13 -10.32 -16.25
C VAL C 238 7.98 -9.32 -16.27
N THR C 239 7.66 -8.76 -15.11
CA THR C 239 6.47 -7.96 -14.93
C THR C 239 6.82 -6.49 -14.73
N ALA C 240 5.79 -5.64 -14.82
CA ALA C 240 5.96 -4.23 -14.50
C ALA C 240 6.32 -4.05 -13.04
N ARG C 241 5.87 -4.95 -12.17
CA ARG C 241 6.26 -4.89 -10.77
C ARG C 241 7.75 -5.15 -10.61
N ASP C 242 8.30 -6.08 -11.40
CA ASP C 242 9.74 -6.32 -11.37
C ASP C 242 10.53 -5.07 -11.74
N LEU C 243 9.94 -4.19 -12.54
CA LEU C 243 10.58 -2.93 -12.93
C LEU C 243 10.23 -1.78 -12.00
N ASN C 244 9.43 -2.02 -10.96
CA ASN C 244 8.99 -0.99 -10.03
C ASN C 244 8.35 0.19 -10.77
N ALA C 245 7.45 -0.14 -11.71
CA ALA C 245 6.83 0.85 -12.56
C ALA C 245 5.34 1.06 -12.29
N HIS C 246 4.66 0.08 -11.67
CA HIS C 246 3.21 0.16 -11.56
C HIS C 246 2.76 1.27 -10.62
N GLY C 247 3.59 1.62 -9.64
CA GLY C 247 3.25 2.75 -8.79
C GLY C 247 3.19 4.06 -9.56
N ALA C 248 4.16 4.26 -10.45
CA ALA C 248 4.16 5.48 -11.28
C ALA C 248 3.05 5.43 -12.32
N MET C 249 2.75 4.25 -12.86
CA MET C 249 1.66 4.12 -13.81
C MET C 249 0.32 4.45 -13.16
N ALA C 250 0.09 3.96 -11.94
CA ALA C 250 -1.15 4.26 -11.24
C ALA C 250 -1.28 5.74 -10.93
N ALA C 251 -0.15 6.41 -10.64
CA ALA C 251 -0.18 7.85 -10.41
C ALA C 251 -0.59 8.60 -11.67
N ILE C 252 -0.06 8.19 -12.82
CA ILE C 252 -0.45 8.79 -14.10
C ILE C 252 -1.95 8.63 -14.33
N LEU C 253 -2.54 7.56 -13.81
CA LEU C 253 -3.94 7.21 -14.05
C LEU C 253 -4.85 7.57 -12.87
N LYS C 254 -4.33 8.31 -11.88
CA LYS C 254 -5.11 8.59 -10.67
C LYS C 254 -6.40 9.34 -11.00
N ASP C 255 -6.29 10.44 -11.77
CA ASP C 255 -7.48 11.19 -12.14
C ASP C 255 -8.25 10.51 -13.26
N ALA C 256 -7.56 9.83 -14.18
CA ALA C 256 -8.24 9.18 -15.29
C ALA C 256 -9.22 8.12 -14.81
N LEU C 257 -8.91 7.43 -13.71
CA LEU C 257 -9.79 6.40 -13.19
C LEU C 257 -11.12 6.96 -12.68
N LYS C 258 -11.22 8.27 -12.50
CA LYS C 258 -12.50 8.88 -12.13
C LYS C 258 -13.43 8.87 -13.34
N PRO C 259 -14.62 8.27 -13.23
CA PRO C 259 -15.52 8.25 -14.39
C PRO C 259 -15.94 9.65 -14.81
N ASN C 260 -16.25 9.80 -16.09
CA ASN C 260 -16.60 11.08 -16.68
C ASN C 260 -18.11 11.20 -16.77
N LEU C 261 -18.67 12.26 -16.19
CA LEU C 261 -20.10 12.50 -16.16
C LEU C 261 -20.48 13.46 -17.27
N VAL C 262 -21.39 13.03 -18.14
CA VAL C 262 -21.98 13.89 -19.16
C VAL C 262 -23.49 13.69 -19.14
N GLN C 263 -24.15 13.91 -20.27
CA GLN C 263 -25.60 13.84 -20.31
C GLN C 263 -26.07 13.54 -21.72
N THR C 264 -27.30 13.03 -21.81
CA THR C 264 -27.96 12.83 -23.09
C THR C 264 -28.62 14.12 -23.55
N LEU C 265 -29.26 14.07 -24.73
CA LEU C 265 -29.96 15.24 -25.24
C LEU C 265 -31.13 15.65 -24.36
N GLU C 266 -31.68 14.72 -23.59
CA GLU C 266 -32.84 15.00 -22.74
C GLU C 266 -32.47 15.20 -21.28
N GLY C 267 -31.19 15.32 -20.97
CA GLY C 267 -30.74 15.58 -19.62
C GLY C 267 -30.50 14.37 -18.76
N THR C 268 -30.59 13.17 -19.31
CA THR C 268 -30.34 11.97 -18.54
C THR C 268 -28.85 11.83 -18.24
N PRO C 269 -28.48 11.55 -16.99
CA PRO C 269 -27.05 11.39 -16.68
C PRO C 269 -26.42 10.27 -17.48
N ALA C 270 -25.19 10.49 -17.93
CA ALA C 270 -24.46 9.53 -18.73
C ALA C 270 -23.00 9.51 -18.27
N ILE C 271 -22.43 8.32 -18.19
CA ILE C 271 -21.05 8.13 -17.75
C ILE C 271 -20.27 7.46 -18.87
N LEU C 272 -19.20 8.10 -19.31
CA LEU C 272 -18.31 7.59 -20.34
C LEU C 272 -16.95 7.31 -19.72
N HIS C 273 -16.48 6.08 -19.83
CA HIS C 273 -15.24 5.69 -19.17
C HIS C 273 -14.67 4.45 -19.85
N GLY C 274 -13.47 4.56 -20.40
CA GLY C 274 -12.79 3.43 -20.99
C GLY C 274 -13.32 3.08 -22.37
N GLY C 275 -12.49 2.37 -23.13
CA GLY C 275 -12.86 1.93 -24.45
C GLY C 275 -11.88 0.95 -25.07
N PRO C 276 -11.86 -0.28 -24.58
CA PRO C 276 -10.99 -1.30 -25.17
C PRO C 276 -11.63 -1.94 -26.40
N PHE C 277 -10.81 -2.71 -27.12
CA PHE C 277 -11.30 -3.49 -28.24
C PHE C 277 -12.26 -4.57 -27.76
N ALA C 278 -13.09 -5.05 -28.69
CA ALA C 278 -14.05 -6.11 -28.39
C ALA C 278 -13.61 -7.46 -28.93
N ASN C 279 -12.44 -7.54 -29.56
CA ASN C 279 -11.90 -8.80 -30.07
C ASN C 279 -10.70 -9.26 -29.25
N ILE C 280 -9.64 -8.44 -29.18
CA ILE C 280 -8.50 -8.76 -28.31
C ILE C 280 -8.74 -8.34 -26.87
N ALA C 281 -9.90 -7.76 -26.57
CA ALA C 281 -10.28 -7.43 -25.20
C ALA C 281 -11.79 -7.64 -25.08
N HIS C 282 -12.35 -7.21 -23.95
CA HIS C 282 -13.75 -7.52 -23.62
C HIS C 282 -14.74 -6.50 -24.14
N GLY C 283 -14.28 -5.34 -24.63
CA GLY C 283 -15.18 -4.41 -25.30
C GLY C 283 -16.29 -3.83 -24.45
N CYS C 284 -15.99 -3.51 -23.18
CA CYS C 284 -16.97 -2.93 -22.28
C CYS C 284 -16.40 -1.66 -21.67
N ASN C 285 -17.28 -0.85 -21.08
CA ASN C 285 -16.78 0.28 -20.32
C ASN C 285 -16.24 -0.19 -18.98
N SER C 286 -15.63 0.73 -18.23
CA SER C 286 -14.92 0.37 -17.02
C SER C 286 -15.88 -0.20 -15.97
N ILE C 287 -15.31 -1.02 -15.09
CA ILE C 287 -16.07 -1.53 -13.94
C ILE C 287 -16.40 -0.40 -12.98
N ILE C 288 -15.48 0.55 -12.82
CA ILE C 288 -15.70 1.67 -11.91
C ILE C 288 -16.93 2.46 -12.32
N ALA C 289 -17.08 2.69 -13.63
CA ALA C 289 -18.25 3.43 -14.12
C ALA C 289 -19.54 2.65 -13.88
N THR C 290 -19.54 1.35 -14.19
CA THR C 290 -20.73 0.54 -13.99
C THR C 290 -21.07 0.40 -12.51
N LYS C 291 -20.06 0.15 -11.66
CA LYS C 291 -20.30 0.10 -10.23
C LYS C 291 -20.80 1.42 -9.69
N MET C 292 -20.19 2.52 -10.15
CA MET C 292 -20.60 3.84 -9.67
C MET C 292 -22.04 4.13 -10.06
N GLY C 293 -22.43 3.73 -11.28
CA GLY C 293 -23.82 3.90 -11.69
C GLY C 293 -24.78 3.11 -10.82
N MET C 294 -24.49 1.83 -10.60
CA MET C 294 -25.33 1.00 -9.74
C MET C 294 -25.35 1.51 -8.30
N HIS C 295 -24.32 2.25 -7.90
CA HIS C 295 -24.23 2.79 -6.56
C HIS C 295 -25.01 4.11 -6.41
N MET C 296 -25.10 4.89 -7.50
CA MET C 296 -25.75 6.20 -7.48
C MET C 296 -27.14 6.21 -8.09
N ALA C 297 -27.56 5.14 -8.75
CA ALA C 297 -28.84 5.14 -9.46
C ALA C 297 -29.55 3.82 -9.22
N ASP C 298 -30.84 3.82 -9.58
CA ASP C 298 -31.66 2.61 -9.46
C ASP C 298 -31.59 1.73 -10.70
N TYR C 299 -31.19 2.28 -11.84
CA TYR C 299 -31.07 1.52 -13.08
C TYR C 299 -29.85 1.99 -13.86
N VAL C 300 -29.12 1.05 -14.43
CA VAL C 300 -27.92 1.35 -15.22
C VAL C 300 -28.07 0.66 -16.57
N VAL C 301 -27.97 1.43 -17.65
CA VAL C 301 -27.98 0.90 -19.01
C VAL C 301 -26.56 0.98 -19.55
N THR C 302 -25.97 -0.20 -19.82
CA THR C 302 -24.65 -0.30 -20.40
C THR C 302 -24.71 -1.20 -21.62
N GLU C 303 -23.58 -1.33 -22.32
CA GLU C 303 -23.54 -2.11 -23.55
C GLU C 303 -22.18 -2.76 -23.69
N ALA C 304 -22.06 -3.62 -24.70
CA ALA C 304 -20.82 -4.30 -25.04
C ALA C 304 -20.67 -4.31 -26.55
N GLY C 305 -19.43 -4.19 -27.02
CA GLY C 305 -19.20 -4.05 -28.45
C GLY C 305 -19.52 -5.31 -29.23
N PHE C 306 -19.70 -5.12 -30.54
CA PHE C 306 -20.03 -6.20 -31.47
C PHE C 306 -21.31 -6.93 -31.05
N GLY C 307 -21.46 -8.18 -31.48
CA GLY C 307 -22.66 -8.94 -31.21
C GLY C 307 -22.63 -9.64 -29.87
N ALA C 308 -23.72 -10.36 -29.58
CA ALA C 308 -23.84 -11.07 -28.32
C ALA C 308 -22.90 -12.27 -28.24
N ASP C 309 -22.38 -12.73 -29.38
CA ASP C 309 -21.42 -13.83 -29.37
C ASP C 309 -20.03 -13.39 -28.91
N LEU C 310 -19.74 -12.09 -28.95
CA LEU C 310 -18.45 -11.57 -28.53
C LEU C 310 -18.59 -10.64 -27.33
N GLY C 311 -19.30 -9.51 -27.47
CA GLY C 311 -19.35 -8.54 -26.39
C GLY C 311 -20.11 -9.05 -25.17
N ALA C 312 -21.32 -9.57 -25.38
CA ALA C 312 -22.11 -10.07 -24.27
C ALA C 312 -21.43 -11.26 -23.60
N GLU C 313 -20.79 -12.12 -24.39
CA GLU C 313 -20.07 -13.24 -23.82
C GLU C 313 -18.94 -12.78 -22.93
N LYS C 314 -18.20 -11.75 -23.37
CA LYS C 314 -17.09 -11.24 -22.57
C LYS C 314 -17.57 -10.33 -21.44
N PHE C 315 -18.71 -9.65 -21.62
CA PHE C 315 -19.28 -8.89 -20.52
C PHE C 315 -19.67 -9.81 -19.37
N LEU C 316 -20.21 -10.98 -19.68
CA LEU C 316 -20.71 -11.90 -18.66
C LEU C 316 -19.60 -12.77 -18.08
N ASP C 317 -18.74 -13.32 -18.95
CA ASP C 317 -17.73 -14.29 -18.53
C ASP C 317 -16.43 -13.65 -18.08
N ILE C 318 -16.24 -12.35 -18.29
CA ILE C 318 -15.00 -11.68 -17.89
C ILE C 318 -15.32 -10.54 -16.94
N LYS C 319 -16.08 -9.55 -17.42
CA LYS C 319 -16.35 -8.35 -16.61
C LYS C 319 -17.19 -8.69 -15.38
N CYS C 320 -18.34 -9.34 -15.58
CA CYS C 320 -19.22 -9.63 -14.44
C CYS C 320 -18.55 -10.53 -13.41
N ARG C 321 -17.67 -11.42 -13.87
CA ARG C 321 -16.94 -12.28 -12.93
C ARG C 321 -15.98 -11.47 -12.07
N LYS C 322 -15.23 -10.57 -12.70
CA LYS C 322 -14.23 -9.79 -11.99
C LYS C 322 -14.88 -8.69 -11.15
N ALA C 323 -16.06 -8.23 -11.54
CA ALA C 323 -16.75 -7.17 -10.81
C ALA C 323 -17.71 -7.70 -9.75
N GLY C 324 -18.12 -8.95 -9.84
CA GLY C 324 -19.09 -9.48 -8.89
C GLY C 324 -20.47 -8.92 -9.09
N ILE C 325 -20.89 -8.72 -10.34
CA ILE C 325 -22.20 -8.19 -10.67
C ILE C 325 -22.89 -9.16 -11.62
N ARG C 326 -24.18 -8.91 -11.85
CA ARG C 326 -24.99 -9.75 -12.69
C ARG C 326 -26.09 -8.92 -13.35
N PRO C 327 -26.24 -8.99 -14.67
CA PRO C 327 -27.31 -8.23 -15.32
C PRO C 327 -28.69 -8.79 -14.97
N ASP C 328 -29.64 -7.89 -14.79
CA ASP C 328 -31.01 -8.28 -14.51
C ASP C 328 -31.86 -8.43 -15.76
N ALA C 329 -31.46 -7.82 -16.88
CA ALA C 329 -32.19 -7.93 -18.13
C ALA C 329 -31.22 -7.62 -19.28
N VAL C 330 -31.49 -8.21 -20.43
CA VAL C 330 -30.65 -8.04 -21.61
C VAL C 330 -31.52 -7.54 -22.77
N ILE C 331 -31.05 -6.51 -23.45
CA ILE C 331 -31.70 -5.98 -24.64
C ILE C 331 -30.90 -6.43 -25.85
N ILE C 332 -31.55 -7.14 -26.77
CA ILE C 332 -30.93 -7.63 -27.99
C ILE C 332 -31.47 -6.80 -29.15
N VAL C 333 -30.60 -6.01 -29.77
CA VAL C 333 -30.99 -5.09 -30.84
C VAL C 333 -30.83 -5.79 -32.18
N ALA C 334 -31.80 -5.57 -33.06
CA ALA C 334 -31.75 -6.13 -34.41
C ALA C 334 -32.64 -5.29 -35.31
N THR C 335 -32.43 -5.44 -36.62
CA THR C 335 -33.25 -4.77 -37.62
C THR C 335 -33.69 -5.77 -38.67
N VAL C 336 -34.76 -5.42 -39.38
CA VAL C 336 -35.26 -6.28 -40.45
C VAL C 336 -34.26 -6.33 -41.60
N ARG C 337 -33.61 -5.19 -41.88
CA ARG C 337 -32.60 -5.16 -42.94
C ARG C 337 -31.42 -6.05 -42.63
N ALA C 338 -31.00 -6.09 -41.36
CA ALA C 338 -29.85 -6.90 -40.98
C ALA C 338 -30.17 -8.39 -41.09
N LEU C 339 -31.38 -8.78 -40.72
CA LEU C 339 -31.75 -10.20 -40.79
C LEU C 339 -31.91 -10.65 -42.24
N LYS C 340 -32.45 -9.79 -43.10
CA LYS C 340 -32.53 -10.12 -44.53
C LYS C 340 -31.14 -10.13 -45.17
N TYR C 341 -30.17 -9.43 -44.58
CA TYR C 341 -28.80 -9.51 -45.07
C TYR C 341 -28.20 -10.88 -44.77
N ASN C 342 -28.57 -11.50 -43.64
CA ASN C 342 -28.12 -12.84 -43.32
C ASN C 342 -28.83 -13.90 -44.14
N GLY C 343 -29.87 -13.54 -44.90
CA GLY C 343 -30.60 -14.46 -45.73
C GLY C 343 -30.20 -14.49 -47.18
N GLY C 344 -29.25 -13.67 -47.59
CA GLY C 344 -28.76 -13.64 -48.95
C GLY C 344 -28.99 -12.34 -49.70
N VAL C 345 -29.75 -11.40 -49.14
CA VAL C 345 -30.02 -10.14 -49.84
C VAL C 345 -28.77 -9.27 -49.81
N ALA C 346 -28.45 -8.66 -50.95
CA ALA C 346 -27.31 -7.78 -51.06
C ALA C 346 -27.59 -6.46 -50.32
N LYS C 347 -26.54 -5.66 -50.19
CA LYS C 347 -26.63 -4.39 -49.46
C LYS C 347 -27.50 -3.36 -50.17
N ASP C 348 -27.84 -3.58 -51.44
CA ASP C 348 -28.62 -2.62 -52.20
C ASP C 348 -30.09 -3.01 -52.34
N GLN C 349 -30.45 -4.26 -52.02
CA GLN C 349 -31.82 -4.74 -52.16
C GLN C 349 -32.52 -4.90 -50.81
N LEU C 350 -32.00 -4.25 -49.76
CA LEU C 350 -32.55 -4.44 -48.42
C LEU C 350 -33.88 -3.73 -48.22
N ASN C 351 -34.17 -2.69 -49.00
CA ASN C 351 -35.39 -1.92 -48.83
C ASN C 351 -36.63 -2.61 -49.39
N ASN C 352 -36.46 -3.69 -50.15
CA ASN C 352 -37.60 -4.41 -50.71
C ASN C 352 -38.06 -5.49 -49.74
N GLU C 353 -39.37 -5.74 -49.73
CA GLU C 353 -39.93 -6.76 -48.85
C GLU C 353 -39.48 -8.14 -49.31
N ASN C 354 -39.05 -8.97 -48.36
CA ASN C 354 -38.58 -10.32 -48.68
C ASN C 354 -38.77 -11.19 -47.44
N LEU C 355 -39.94 -11.82 -47.35
CA LEU C 355 -40.24 -12.69 -46.22
C LEU C 355 -39.44 -13.99 -46.25
N GLU C 356 -38.97 -14.41 -47.43
CA GLU C 356 -38.20 -15.64 -47.53
C GLU C 356 -36.80 -15.48 -46.95
N ALA C 357 -36.12 -14.40 -47.32
CA ALA C 357 -34.78 -14.16 -46.78
C ALA C 357 -34.82 -13.77 -45.31
N LEU C 358 -35.92 -13.14 -44.87
CA LEU C 358 -36.05 -12.81 -43.45
C LEU C 358 -36.10 -14.08 -42.60
N GLU C 359 -36.75 -15.13 -43.11
CA GLU C 359 -36.79 -16.39 -42.38
C GLU C 359 -35.46 -17.14 -42.43
N LYS C 360 -34.63 -16.87 -43.45
CA LYS C 360 -33.34 -17.53 -43.53
C LYS C 360 -32.29 -16.86 -42.65
N GLY C 361 -32.44 -15.57 -42.37
CA GLY C 361 -31.50 -14.85 -41.54
C GLY C 361 -31.94 -14.75 -40.10
N LEU C 362 -33.22 -15.03 -39.85
CA LEU C 362 -33.72 -15.02 -38.47
C LEU C 362 -33.02 -15.99 -37.52
N PRO C 363 -32.54 -17.18 -37.95
CA PRO C 363 -31.81 -18.05 -37.00
C PRO C 363 -30.64 -17.37 -36.31
N ASN C 364 -30.09 -16.31 -36.92
CA ASN C 364 -29.03 -15.55 -36.25
C ASN C 364 -29.55 -14.90 -34.97
N LEU C 365 -30.69 -14.21 -35.06
CA LEU C 365 -31.29 -13.62 -33.87
C LEU C 365 -31.74 -14.69 -32.88
N LEU C 366 -32.26 -15.81 -33.39
CA LEU C 366 -32.71 -16.88 -32.51
C LEU C 366 -31.56 -17.51 -31.73
N LYS C 367 -30.37 -17.59 -32.33
CA LYS C 367 -29.23 -18.17 -31.63
C LYS C 367 -28.78 -17.29 -30.49
N HIS C 368 -28.78 -15.97 -30.68
CA HIS C 368 -28.40 -15.06 -29.61
C HIS C 368 -29.43 -15.07 -28.49
N ILE C 369 -30.70 -15.27 -28.82
CA ILE C 369 -31.74 -15.37 -27.79
C ILE C 369 -31.52 -16.62 -26.95
N GLU C 370 -31.21 -17.75 -27.59
CA GLU C 370 -30.99 -18.99 -26.86
C GLU C 370 -29.75 -18.91 -25.97
N ASN C 371 -28.71 -18.20 -26.42
CA ASN C 371 -27.50 -18.08 -25.62
C ASN C 371 -27.75 -17.26 -24.36
N ILE C 372 -28.52 -16.16 -24.48
CA ILE C 372 -28.75 -15.30 -23.34
C ILE C 372 -29.74 -15.95 -22.37
N THR C 373 -30.79 -16.59 -22.90
CA THR C 373 -31.86 -17.10 -22.05
C THR C 373 -31.64 -18.54 -21.59
N GLN C 374 -30.95 -19.37 -22.38
CA GLN C 374 -30.80 -20.78 -22.05
C GLN C 374 -29.41 -21.17 -21.58
N VAL C 375 -28.38 -20.41 -21.94
CA VAL C 375 -27.02 -20.68 -21.47
C VAL C 375 -26.68 -19.83 -20.23
N TYR C 376 -26.91 -18.52 -20.32
CA TYR C 376 -26.66 -17.64 -19.18
C TYR C 376 -27.87 -17.43 -18.29
N LYS C 377 -29.07 -17.75 -18.77
CA LYS C 377 -30.30 -17.69 -17.99
C LYS C 377 -30.58 -16.28 -17.47
N ILE C 378 -30.65 -15.34 -18.40
CA ILE C 378 -30.94 -13.94 -18.10
C ILE C 378 -32.17 -13.53 -18.88
N PRO C 379 -33.14 -12.85 -18.26
CA PRO C 379 -34.30 -12.38 -19.02
C PRO C 379 -33.88 -11.45 -20.14
N ALA C 380 -34.49 -11.63 -21.31
CA ALA C 380 -34.11 -10.91 -22.51
C ALA C 380 -35.34 -10.31 -23.18
N VAL C 381 -35.10 -9.26 -23.97
CA VAL C 381 -36.12 -8.63 -24.78
C VAL C 381 -35.47 -8.19 -26.09
N VAL C 382 -36.16 -8.43 -27.20
CA VAL C 382 -35.65 -8.08 -28.52
C VAL C 382 -36.16 -6.68 -28.87
N ALA C 383 -35.23 -5.78 -29.18
CA ALA C 383 -35.54 -4.42 -29.59
C ALA C 383 -35.26 -4.28 -31.07
N ILE C 384 -36.31 -4.03 -31.84
CA ILE C 384 -36.20 -3.90 -33.30
C ILE C 384 -36.21 -2.42 -33.63
N ASN C 385 -35.08 -1.91 -34.12
CA ASN C 385 -35.00 -0.55 -34.62
C ASN C 385 -35.80 -0.47 -35.93
N ARG C 386 -37.02 0.02 -35.83
CA ARG C 386 -37.95 -0.01 -36.95
C ARG C 386 -37.60 1.03 -37.99
N PHE C 387 -37.56 0.61 -39.26
CA PHE C 387 -37.39 1.49 -40.41
C PHE C 387 -38.74 1.74 -41.08
N PRO C 388 -38.87 2.87 -41.79
CA PRO C 388 -40.18 3.19 -42.39
C PRO C 388 -40.68 2.16 -43.38
N LEU C 389 -39.79 1.50 -44.12
CA LEU C 389 -40.18 0.55 -45.14
C LEU C 389 -40.37 -0.87 -44.59
N ASP C 390 -40.35 -1.04 -43.28
CA ASP C 390 -40.59 -2.35 -42.67
C ASP C 390 -42.09 -2.63 -42.67
N THR C 391 -42.49 -3.67 -43.39
CA THR C 391 -43.90 -4.02 -43.49
C THR C 391 -44.38 -4.72 -42.22
N ASP C 392 -45.70 -4.75 -42.05
CA ASP C 392 -46.28 -5.41 -40.88
C ASP C 392 -46.09 -6.93 -40.94
N ALA C 393 -45.97 -7.49 -42.14
CA ALA C 393 -45.75 -8.93 -42.25
C ALA C 393 -44.33 -9.30 -41.82
N GLU C 394 -43.36 -8.44 -42.12
CA GLU C 394 -41.99 -8.68 -41.67
C GLU C 394 -41.87 -8.57 -40.16
N LEU C 395 -42.51 -7.57 -39.56
CA LEU C 395 -42.45 -7.39 -38.11
C LEU C 395 -43.23 -8.48 -37.38
N ALA C 396 -44.29 -9.02 -38.01
CA ALA C 396 -45.05 -10.08 -37.37
C ALA C 396 -44.30 -11.42 -37.42
N LEU C 397 -43.50 -11.64 -38.46
CA LEU C 397 -42.75 -12.88 -38.56
C LEU C 397 -41.65 -12.95 -37.51
N VAL C 398 -40.90 -11.85 -37.34
CA VAL C 398 -39.86 -11.80 -36.33
C VAL C 398 -40.46 -11.96 -34.94
N ARG C 399 -41.62 -11.35 -34.70
CA ARG C 399 -42.27 -11.49 -33.40
C ARG C 399 -42.69 -12.93 -33.12
N SER C 400 -43.28 -13.59 -34.12
CA SER C 400 -43.78 -14.94 -33.91
C SER C 400 -42.64 -15.92 -33.63
N LYS C 401 -41.55 -15.83 -34.39
CA LYS C 401 -40.43 -16.74 -34.18
C LYS C 401 -39.75 -16.50 -32.85
N CYS C 402 -39.82 -15.28 -32.32
CA CYS C 402 -39.22 -14.99 -31.01
C CYS C 402 -40.15 -15.38 -29.87
N GLU C 403 -41.48 -15.33 -30.10
CA GLU C 403 -42.41 -15.79 -29.08
C GLU C 403 -42.24 -17.27 -28.78
N GLU C 404 -41.75 -18.04 -29.75
CA GLU C 404 -41.53 -19.47 -29.53
C GLU C 404 -40.42 -19.71 -28.51
N LEU C 405 -39.49 -18.77 -28.36
CA LEU C 405 -38.42 -18.87 -27.37
C LEU C 405 -38.77 -18.15 -26.07
N GLY C 406 -39.99 -17.64 -25.95
CA GLY C 406 -40.41 -16.98 -24.72
C GLY C 406 -39.89 -15.58 -24.54
N VAL C 407 -39.61 -14.87 -25.63
CA VAL C 407 -39.04 -13.52 -25.57
C VAL C 407 -39.91 -12.59 -26.42
N LYS C 408 -40.32 -11.47 -25.84
CA LYS C 408 -41.13 -10.49 -26.55
C LYS C 408 -40.27 -9.69 -27.53
N VAL C 409 -40.96 -9.05 -28.47
CA VAL C 409 -40.33 -8.18 -29.46
C VAL C 409 -40.93 -6.79 -29.32
N ALA C 410 -40.12 -5.84 -28.89
CA ALA C 410 -40.53 -4.45 -28.75
C ALA C 410 -39.94 -3.62 -29.86
N LEU C 411 -40.75 -2.73 -30.43
CA LEU C 411 -40.31 -1.86 -31.52
C LEU C 411 -39.68 -0.59 -30.95
N SER C 412 -38.56 -0.18 -31.55
CA SER C 412 -37.79 0.97 -31.09
C SER C 412 -37.75 2.03 -32.18
N GLU C 413 -38.01 3.27 -31.80
CA GLU C 413 -37.95 4.43 -32.68
C GLU C 413 -37.17 5.56 -32.03
N VAL C 414 -36.08 5.21 -31.33
CA VAL C 414 -35.33 6.19 -30.56
C VAL C 414 -34.49 7.11 -31.44
N TRP C 415 -34.16 6.69 -32.67
CA TRP C 415 -33.32 7.52 -33.52
C TRP C 415 -34.04 8.81 -33.94
N ALA C 416 -35.36 8.73 -34.15
CA ALA C 416 -36.13 9.88 -34.59
C ALA C 416 -36.93 10.54 -33.48
N ASN C 417 -37.25 9.81 -32.41
CA ASN C 417 -38.12 10.34 -31.35
C ASN C 417 -37.48 10.37 -29.97
N GLY C 418 -36.27 9.83 -29.80
CA GLY C 418 -35.61 9.93 -28.52
C GLY C 418 -36.18 8.98 -27.49
N GLY C 419 -36.35 9.47 -26.25
CA GLY C 419 -36.85 8.63 -25.19
C GLY C 419 -38.26 8.12 -25.43
N GLU C 420 -39.07 8.90 -26.15
CA GLU C 420 -40.42 8.45 -26.46
C GLU C 420 -40.41 7.21 -27.37
N GLY C 421 -39.37 7.06 -28.19
CA GLY C 421 -39.25 5.89 -29.05
C GLY C 421 -38.80 4.64 -28.33
N GLY C 422 -38.33 4.76 -27.10
CA GLY C 422 -37.89 3.62 -26.31
C GLY C 422 -38.77 3.26 -25.14
N ILE C 423 -39.95 3.87 -25.00
CA ILE C 423 -40.83 3.56 -23.87
C ILE C 423 -41.26 2.10 -23.91
N GLU C 424 -41.56 1.59 -25.11
CA GLU C 424 -42.00 0.20 -25.23
C GLU C 424 -40.91 -0.78 -24.82
N VAL C 425 -39.66 -0.49 -25.17
CA VAL C 425 -38.56 -1.35 -24.75
C VAL C 425 -38.32 -1.22 -23.26
N ALA C 426 -38.34 0.01 -22.73
CA ALA C 426 -38.06 0.23 -21.32
C ALA C 426 -39.08 -0.44 -20.42
N ASN C 427 -40.37 -0.36 -20.79
CA ASN C 427 -41.40 -0.98 -19.97
C ASN C 427 -41.29 -2.50 -19.99
N GLU C 428 -40.90 -3.08 -21.12
CA GLU C 428 -40.66 -4.52 -21.16
C GLU C 428 -39.47 -4.90 -20.31
N VAL C 429 -38.46 -4.03 -20.22
CA VAL C 429 -37.31 -4.29 -19.36
C VAL C 429 -37.74 -4.26 -17.90
N LEU C 430 -38.53 -3.25 -17.51
CA LEU C 430 -39.04 -3.19 -16.14
C LEU C 430 -39.87 -4.42 -15.81
N LYS C 431 -40.62 -4.95 -16.78
CA LYS C 431 -41.36 -6.19 -16.54
C LYS C 431 -40.41 -7.36 -16.36
N LEU C 432 -39.32 -7.40 -17.12
CA LEU C 432 -38.36 -8.49 -16.99
C LEU C 432 -37.60 -8.42 -15.67
N ILE C 433 -37.44 -7.23 -15.10
CA ILE C 433 -36.71 -7.11 -13.85
C ILE C 433 -37.60 -7.48 -12.66
N GLU C 434 -38.84 -6.98 -12.64
CA GLU C 434 -39.72 -7.26 -11.51
C GLU C 434 -40.14 -8.73 -11.47
N GLU C 435 -40.79 -9.20 -12.52
CA GLU C 435 -41.13 -10.61 -12.66
C GLU C 435 -40.12 -11.29 -13.58
N GLY C 436 -40.28 -12.59 -13.76
CA GLY C 436 -39.35 -13.37 -14.57
C GLY C 436 -38.08 -13.75 -13.83
N GLU C 437 -37.70 -15.02 -13.95
CA GLU C 437 -36.55 -15.59 -13.24
C GLU C 437 -35.22 -15.21 -13.87
N ASN C 438 -34.18 -15.24 -13.05
CA ASN C 438 -32.79 -14.99 -13.44
C ASN C 438 -31.91 -16.00 -12.71
N ASN C 439 -31.54 -17.08 -13.40
CA ASN C 439 -30.62 -18.05 -12.83
C ASN C 439 -29.26 -17.92 -13.49
N PHE C 440 -28.64 -16.74 -13.37
CA PHE C 440 -27.43 -16.44 -14.13
C PHE C 440 -26.35 -17.49 -13.90
N GLU C 441 -25.84 -18.03 -15.00
CA GLU C 441 -24.77 -19.01 -15.02
C GLU C 441 -23.70 -18.54 -15.98
N TYR C 442 -22.44 -18.80 -15.63
CA TYR C 442 -21.37 -18.52 -16.57
C TYR C 442 -21.34 -19.59 -17.65
N CYS C 443 -20.58 -19.31 -18.71
CA CYS C 443 -20.42 -20.30 -19.77
C CYS C 443 -19.45 -21.40 -19.38
N TYR C 444 -18.45 -21.07 -18.57
CA TYR C 444 -17.46 -22.03 -18.10
C TYR C 444 -17.06 -21.66 -16.68
N GLU C 445 -16.16 -22.45 -16.10
CA GLU C 445 -15.65 -22.22 -14.76
C GLU C 445 -14.14 -22.04 -14.80
N GLU C 446 -13.61 -21.33 -13.80
CA GLU C 446 -12.19 -20.98 -13.80
C GLU C 446 -11.30 -22.21 -13.71
N ASP C 447 -11.79 -23.29 -13.08
CA ASP C 447 -10.97 -24.48 -12.90
C ASP C 447 -10.69 -25.21 -14.19
N MET C 448 -11.48 -24.96 -15.23
CA MET C 448 -11.26 -25.61 -16.52
C MET C 448 -9.98 -25.08 -17.17
N THR C 449 -9.38 -25.90 -18.02
CA THR C 449 -8.18 -25.49 -18.71
C THR C 449 -8.53 -24.55 -19.87
N ILE C 450 -7.50 -23.98 -20.50
CA ILE C 450 -7.72 -23.03 -21.58
C ILE C 450 -8.49 -23.68 -22.72
N LYS C 451 -8.09 -24.89 -23.11
CA LYS C 451 -8.77 -25.57 -24.21
C LYS C 451 -10.21 -25.94 -23.84
N GLU C 452 -10.45 -26.29 -22.58
CA GLU C 452 -11.82 -26.61 -22.17
C GLU C 452 -12.70 -25.36 -22.20
N LYS C 453 -12.14 -24.21 -21.80
CA LYS C 453 -12.90 -22.96 -21.86
C LYS C 453 -13.18 -22.56 -23.30
N LEU C 454 -12.19 -22.71 -24.18
CA LEU C 454 -12.40 -22.40 -25.59
C LEU C 454 -13.45 -23.33 -26.20
N ASN C 455 -13.44 -24.61 -25.82
CA ASN C 455 -14.45 -25.54 -26.31
C ASN C 455 -15.83 -25.21 -25.78
N ALA C 456 -15.93 -24.72 -24.55
CA ALA C 456 -17.23 -24.35 -23.99
C ALA C 456 -17.83 -23.16 -24.73
N ILE C 457 -16.99 -22.18 -25.09
CA ILE C 457 -17.48 -21.00 -25.80
C ILE C 457 -17.89 -21.38 -27.22
N ALA C 458 -17.06 -22.16 -27.91
CA ALA C 458 -17.33 -22.47 -29.32
C ALA C 458 -18.57 -23.33 -29.48
N THR C 459 -18.80 -24.27 -28.56
CA THR C 459 -19.93 -25.18 -28.70
C THR C 459 -21.22 -24.56 -28.20
N LYS C 460 -21.19 -23.94 -27.01
CA LYS C 460 -22.41 -23.37 -26.44
C LYS C 460 -22.81 -22.07 -27.12
N ILE C 461 -21.86 -21.16 -27.32
CA ILE C 461 -22.18 -19.81 -27.80
C ILE C 461 -22.12 -19.76 -29.32
N TYR C 462 -21.00 -20.15 -29.90
CA TYR C 462 -20.83 -20.01 -31.34
C TYR C 462 -21.64 -21.05 -32.11
N GLY C 463 -21.80 -22.23 -31.54
CA GLY C 463 -22.47 -23.32 -32.22
C GLY C 463 -21.56 -24.22 -33.02
N ALA C 464 -20.26 -24.22 -32.72
CA ALA C 464 -19.31 -25.03 -33.45
C ALA C 464 -19.25 -26.45 -32.88
N ASP C 465 -18.71 -27.36 -33.68
CA ASP C 465 -18.52 -28.74 -33.22
C ASP C 465 -17.30 -28.86 -32.32
N GLY C 466 -16.28 -28.04 -32.54
CA GLY C 466 -15.08 -28.11 -31.72
C GLY C 466 -14.10 -27.04 -32.12
N VAL C 467 -12.91 -27.13 -31.53
CA VAL C 467 -11.85 -26.15 -31.76
C VAL C 467 -10.59 -26.90 -32.19
N ASN C 468 -9.98 -26.43 -33.28
CA ASN C 468 -8.70 -26.95 -33.75
C ASN C 468 -7.61 -25.93 -33.48
N TYR C 469 -6.39 -26.44 -33.24
CA TYR C 469 -5.26 -25.61 -32.89
C TYR C 469 -4.10 -25.88 -33.84
N THR C 470 -3.34 -24.83 -34.16
CA THR C 470 -2.11 -24.98 -34.90
C THR C 470 -0.99 -25.41 -33.95
N LYS C 471 0.15 -25.80 -34.53
CA LYS C 471 1.26 -26.23 -33.70
C LYS C 471 1.77 -25.10 -32.81
N GLU C 472 1.83 -23.87 -33.36
CA GLU C 472 2.22 -22.72 -32.56
C GLU C 472 1.23 -22.48 -31.43
N ALA C 473 -0.06 -22.69 -31.70
CA ALA C 473 -1.08 -22.49 -30.66
C ALA C 473 -0.93 -23.50 -29.53
N ASN C 474 -0.71 -24.78 -29.88
CA ASN C 474 -0.54 -25.80 -28.84
C ASN C 474 0.71 -25.53 -28.00
N LYS C 475 1.78 -25.03 -28.63
CA LYS C 475 3.00 -24.73 -27.89
C LYS C 475 2.79 -23.54 -26.95
N GLN C 476 2.13 -22.49 -27.44
CA GLN C 476 1.89 -21.30 -26.61
C GLN C 476 0.95 -21.59 -25.46
N ILE C 477 -0.11 -22.37 -25.71
CA ILE C 477 -1.08 -22.67 -24.65
C ILE C 477 -0.42 -23.51 -23.56
N ALA C 478 0.39 -24.49 -23.95
CA ALA C 478 1.07 -25.32 -22.96
C ALA C 478 2.05 -24.50 -22.12
N GLU C 479 2.73 -23.53 -22.74
CA GLU C 479 3.62 -22.66 -21.98
C GLU C 479 2.84 -21.83 -20.97
N LEU C 480 1.65 -21.35 -21.35
CA LEU C 480 0.82 -20.60 -20.42
C LEU C 480 0.39 -21.47 -19.23
N GLU C 481 0.09 -22.74 -19.49
CA GLU C 481 -0.30 -23.64 -18.41
C GLU C 481 0.84 -23.87 -17.43
N GLU C 482 2.06 -24.04 -17.94
CA GLU C 482 3.20 -24.25 -17.04
C GLU C 482 3.46 -23.04 -16.16
N LEU C 483 3.21 -21.83 -16.69
CA LEU C 483 3.46 -20.61 -15.92
C LEU C 483 2.32 -20.25 -15.00
N GLY C 484 1.17 -20.93 -15.10
CA GLY C 484 0.07 -20.73 -14.20
C GLY C 484 -1.03 -19.80 -14.67
N PHE C 485 -1.22 -19.63 -15.97
CA PHE C 485 -2.25 -18.74 -16.50
C PHE C 485 -3.47 -19.49 -17.01
N GLY C 486 -3.54 -20.81 -16.80
CA GLY C 486 -4.67 -21.58 -17.28
C GLY C 486 -5.96 -21.39 -16.50
N ASN C 487 -5.88 -20.71 -15.35
CA ASN C 487 -7.05 -20.46 -14.52
C ASN C 487 -7.81 -19.19 -14.88
N LEU C 488 -7.28 -18.39 -15.81
CA LEU C 488 -7.89 -17.11 -16.17
C LEU C 488 -8.90 -17.29 -17.28
N PRO C 489 -9.85 -16.36 -17.41
CA PRO C 489 -10.80 -16.41 -18.53
C PRO C 489 -10.08 -16.25 -19.87
N VAL C 490 -10.80 -16.58 -20.94
CA VAL C 490 -10.28 -16.49 -22.29
C VAL C 490 -11.07 -15.44 -23.06
N CYS C 491 -10.37 -14.67 -23.89
CA CYS C 491 -10.96 -13.63 -24.73
C CYS C 491 -10.68 -14.00 -26.19
N VAL C 492 -11.73 -14.46 -26.89
CA VAL C 492 -11.56 -14.96 -28.25
C VAL C 492 -11.57 -13.79 -29.22
N ALA C 493 -10.53 -13.71 -30.04
CA ALA C 493 -10.41 -12.66 -31.07
C ALA C 493 -10.73 -13.28 -32.41
N LYS C 494 -11.99 -13.16 -32.82
CA LYS C 494 -12.46 -13.65 -34.11
C LYS C 494 -13.27 -12.55 -34.80
N THR C 495 -13.66 -12.83 -36.04
CA THR C 495 -14.46 -11.87 -36.78
C THR C 495 -15.80 -11.68 -36.10
N GLN C 496 -16.35 -10.48 -36.23
CA GLN C 496 -17.63 -10.16 -35.62
C GLN C 496 -18.80 -10.38 -36.57
N TYR C 497 -18.53 -10.50 -37.86
CA TYR C 497 -19.60 -10.58 -38.86
C TYR C 497 -20.26 -11.96 -38.92
N SER C 498 -19.81 -12.92 -38.12
CA SER C 498 -20.38 -14.26 -38.16
C SER C 498 -20.16 -14.94 -36.82
N LEU C 499 -21.06 -15.89 -36.51
CA LEU C 499 -20.87 -16.74 -35.33
C LEU C 499 -19.64 -17.62 -35.47
N SER C 500 -19.21 -17.90 -36.70
CA SER C 500 -18.02 -18.68 -36.95
C SER C 500 -16.80 -17.76 -37.07
N ASP C 501 -15.65 -18.34 -37.41
CA ASP C 501 -14.46 -17.56 -37.71
C ASP C 501 -14.37 -17.19 -39.19
N ASP C 502 -15.36 -17.58 -39.99
CA ASP C 502 -15.41 -17.23 -41.41
C ASP C 502 -16.48 -16.13 -41.56
N GLN C 503 -16.03 -14.94 -41.97
CA GLN C 503 -16.92 -13.79 -42.03
C GLN C 503 -17.99 -13.90 -43.10
N THR C 504 -17.95 -14.94 -43.95
CA THR C 504 -18.96 -15.11 -44.99
C THR C 504 -20.11 -16.00 -44.55
N LYS C 505 -19.93 -16.81 -43.51
CA LYS C 505 -20.98 -17.71 -43.04
C LYS C 505 -21.99 -16.88 -42.24
N LEU C 506 -22.95 -16.32 -42.95
CA LEU C 506 -23.99 -15.52 -42.31
C LEU C 506 -25.08 -16.43 -41.75
N GLY C 507 -26.14 -15.81 -41.23
CA GLY C 507 -27.24 -16.57 -40.67
C GLY C 507 -26.83 -17.36 -39.42
N ARG C 508 -26.94 -18.68 -39.49
CA ARG C 508 -26.58 -19.55 -38.37
C ARG C 508 -25.82 -20.76 -38.87
N PRO C 509 -24.50 -20.66 -38.99
CA PRO C 509 -23.70 -21.81 -39.42
C PRO C 509 -23.74 -22.94 -38.41
N THR C 510 -23.55 -24.15 -38.92
CA THR C 510 -23.63 -25.36 -38.12
C THR C 510 -22.32 -26.14 -38.23
N GLY C 511 -22.27 -27.10 -39.15
CA GLY C 511 -21.07 -27.89 -39.39
C GLY C 511 -19.75 -27.15 -39.60
N PHE C 512 -19.20 -26.50 -38.57
CA PHE C 512 -17.93 -25.79 -38.73
C PHE C 512 -17.09 -25.97 -37.47
N THR C 513 -15.83 -25.55 -37.56
CA THR C 513 -14.89 -25.64 -36.45
C THR C 513 -14.07 -24.37 -36.36
N ILE C 514 -13.59 -24.07 -35.15
CA ILE C 514 -12.80 -22.87 -34.90
C ILE C 514 -11.32 -23.22 -35.01
N GLU C 515 -10.59 -22.40 -35.76
CA GLU C 515 -9.16 -22.61 -36.00
C GLU C 515 -8.37 -21.59 -35.19
N VAL C 516 -7.69 -22.06 -34.13
CA VAL C 516 -6.90 -21.21 -33.25
C VAL C 516 -5.45 -21.23 -33.71
N ARG C 517 -4.86 -20.05 -33.87
CA ARG C 517 -3.49 -19.92 -34.36
C ARG C 517 -2.53 -19.22 -33.40
N GLN C 518 -3.02 -18.50 -32.39
CA GLN C 518 -2.13 -17.79 -31.50
C GLN C 518 -2.82 -17.58 -30.15
N ALA C 519 -2.02 -17.61 -29.08
CA ALA C 519 -2.51 -17.38 -27.72
C ALA C 519 -1.49 -16.56 -26.94
N ASN C 520 -1.94 -15.47 -26.34
CA ASN C 520 -1.09 -14.60 -25.54
C ASN C 520 -1.75 -14.29 -24.21
N ILE C 521 -0.95 -13.82 -23.26
CA ILE C 521 -1.40 -13.57 -21.89
C ILE C 521 -1.48 -12.06 -21.68
N SER C 522 -2.60 -11.62 -21.13
CA SER C 522 -2.80 -10.24 -20.66
C SER C 522 -3.02 -10.33 -19.15
N ALA C 523 -1.92 -10.48 -18.41
CA ALA C 523 -2.02 -10.72 -16.98
C ALA C 523 -2.48 -9.50 -16.20
N GLY C 524 -2.33 -8.30 -16.76
CA GLY C 524 -2.85 -7.12 -16.09
C GLY C 524 -4.37 -7.11 -16.02
N ALA C 525 -5.01 -7.30 -17.18
CA ALA C 525 -6.48 -7.37 -17.20
C ALA C 525 -6.98 -8.70 -16.63
N GLY C 526 -6.21 -9.77 -16.77
CA GLY C 526 -6.57 -11.04 -16.18
C GLY C 526 -7.31 -11.98 -17.11
N PHE C 527 -6.88 -12.05 -18.37
CA PHE C 527 -7.43 -13.04 -19.29
C PHE C 527 -6.39 -13.41 -20.33
N VAL C 528 -6.65 -14.52 -21.02
CA VAL C 528 -5.80 -15.03 -22.09
C VAL C 528 -6.44 -14.68 -23.42
N VAL C 529 -5.68 -14.02 -24.28
CA VAL C 529 -6.16 -13.65 -25.60
C VAL C 529 -5.86 -14.81 -26.54
N VAL C 530 -6.91 -15.31 -27.19
CA VAL C 530 -6.80 -16.44 -28.12
C VAL C 530 -7.18 -15.91 -29.50
N MET C 531 -6.25 -16.04 -30.45
CA MET C 531 -6.44 -15.47 -31.78
C MET C 531 -6.95 -16.56 -32.71
N THR C 532 -8.03 -16.27 -33.42
CA THR C 532 -8.50 -17.12 -34.50
C THR C 532 -8.22 -16.52 -35.87
N GLY C 533 -7.48 -15.42 -35.91
CA GLY C 533 -7.12 -14.79 -37.16
C GLY C 533 -6.11 -13.70 -36.93
N GLU C 534 -5.95 -12.84 -37.95
CA GLU C 534 -5.02 -11.71 -37.86
C GLU C 534 -5.75 -10.48 -37.36
N ILE C 535 -5.11 -9.76 -36.44
CA ILE C 535 -5.73 -8.62 -35.78
C ILE C 535 -4.91 -7.36 -36.06
N MET C 536 -5.60 -6.28 -36.41
CA MET C 536 -4.97 -4.99 -36.65
C MET C 536 -5.06 -4.18 -35.36
N LYS C 537 -3.94 -4.08 -34.65
CA LYS C 537 -3.87 -3.29 -33.44
C LYS C 537 -3.41 -1.86 -33.72
N MET C 538 -3.17 -1.54 -34.99
CA MET C 538 -2.80 -0.18 -35.41
C MET C 538 -3.41 0.03 -36.79
N PRO C 539 -4.54 0.73 -36.87
CA PRO C 539 -5.17 0.95 -38.17
C PRO C 539 -4.41 1.98 -38.99
N GLY C 540 -4.73 2.02 -40.28
CA GLY C 540 -4.05 2.91 -41.21
C GLY C 540 -4.93 4.01 -41.76
N LEU C 541 -4.30 5.09 -42.25
CA LEU C 541 -5.03 6.21 -42.82
C LEU C 541 -5.38 5.93 -44.28
N PRO C 542 -6.54 6.39 -44.75
CA PRO C 542 -6.93 6.19 -46.15
C PRO C 542 -6.20 7.17 -47.05
N LYS C 543 -6.53 7.09 -48.34
CA LYS C 543 -5.88 7.94 -49.34
C LYS C 543 -6.20 9.41 -49.12
N LEU C 544 -7.44 9.71 -48.70
CA LEU C 544 -7.88 11.07 -48.39
C LEU C 544 -8.37 11.09 -46.96
N PRO C 545 -7.50 11.34 -45.99
CA PRO C 545 -7.93 11.33 -44.58
C PRO C 545 -8.91 12.46 -44.29
N ALA C 546 -9.83 12.17 -43.36
CA ALA C 546 -10.80 13.17 -42.92
C ALA C 546 -10.14 14.41 -42.34
N ALA C 547 -8.88 14.30 -41.90
CA ALA C 547 -8.17 15.45 -41.36
C ALA C 547 -8.05 16.59 -42.36
N GLU C 548 -7.98 16.26 -43.67
CA GLU C 548 -7.83 17.31 -44.67
C GLU C 548 -9.03 18.23 -44.74
N ARG C 549 -10.20 17.79 -44.26
CA ARG C 549 -11.40 18.62 -44.26
C ARG C 549 -11.60 19.38 -42.96
N ILE C 550 -10.85 19.03 -41.91
CA ILE C 550 -11.01 19.69 -40.62
C ILE C 550 -10.39 21.07 -40.68
N ASP C 551 -11.10 22.07 -40.15
CA ASP C 551 -10.63 23.44 -40.19
C ASP C 551 -11.07 24.16 -38.92
N VAL C 552 -10.43 25.30 -38.67
CA VAL C 552 -10.75 26.16 -37.53
C VAL C 552 -10.83 27.60 -38.02
N ASP C 553 -11.85 28.32 -37.56
CA ASP C 553 -12.06 29.70 -37.99
C ASP C 553 -11.30 30.65 -37.06
N GLU C 554 -11.51 31.95 -37.26
CA GLU C 554 -10.81 32.96 -36.49
C GLU C 554 -11.26 33.02 -35.04
N ASN C 555 -12.42 32.46 -34.71
CA ASN C 555 -12.94 32.45 -33.35
C ASN C 555 -12.71 31.13 -32.65
N GLY C 556 -12.02 30.18 -33.28
CA GLY C 556 -11.77 28.90 -32.66
C GLY C 556 -12.89 27.90 -32.80
N LYS C 557 -13.68 28.00 -33.86
CA LYS C 557 -14.77 27.07 -34.11
C LYS C 557 -14.32 26.00 -35.10
N ILE C 558 -14.56 24.74 -34.74
CA ILE C 558 -14.11 23.61 -35.54
C ILE C 558 -15.18 23.25 -36.55
N SER C 559 -14.77 23.07 -37.81
CA SER C 559 -15.64 22.61 -38.87
C SER C 559 -15.00 21.42 -39.57
N GLY C 560 -15.83 20.53 -40.11
CA GLY C 560 -15.35 19.40 -40.87
C GLY C 560 -15.10 18.13 -40.07
N LEU C 561 -15.40 18.12 -38.77
CA LEU C 561 -15.23 16.90 -38.00
C LEU C 561 -16.22 15.82 -38.44
N PHE C 562 -17.41 16.21 -38.88
CA PHE C 562 -18.46 15.28 -39.23
C PHE C 562 -19.06 15.61 -40.59
N PHE D 7 -30.41 -10.34 5.76
CA PHE D 7 -29.20 -11.14 5.92
C PHE D 7 -28.06 -10.28 6.44
N LYS D 8 -27.49 -10.68 7.57
CA LYS D 8 -26.46 -9.91 8.25
C LYS D 8 -25.30 -10.85 8.58
N THR D 9 -24.08 -10.36 8.37
CA THR D 9 -22.91 -11.18 8.68
C THR D 9 -22.68 -11.22 10.19
N ASP D 10 -21.86 -12.20 10.61
CA ASP D 10 -21.58 -12.40 12.02
C ASP D 10 -20.93 -11.17 12.67
N ILE D 11 -20.08 -10.43 11.93
CA ILE D 11 -19.46 -9.23 12.48
C ILE D 11 -20.49 -8.12 12.65
N GLU D 12 -21.39 -7.96 11.66
CA GLU D 12 -22.42 -6.92 11.78
C GLU D 12 -23.31 -7.15 12.99
N ILE D 13 -23.67 -8.41 13.24
CA ILE D 13 -24.50 -8.73 14.40
C ILE D 13 -23.74 -8.45 15.68
N ALA D 14 -22.46 -8.81 15.73
CA ALA D 14 -21.64 -8.55 16.92
C ALA D 14 -21.42 -7.05 17.12
N GLN D 15 -21.32 -6.29 16.02
CA GLN D 15 -21.12 -4.85 16.15
C GLN D 15 -22.40 -4.13 16.53
N GLU D 16 -23.56 -4.64 16.11
CA GLU D 16 -24.85 -4.02 16.44
C GLU D 16 -25.37 -4.42 17.82
N ALA D 17 -24.75 -5.41 18.47
CA ALA D 17 -25.19 -5.84 19.78
C ALA D 17 -24.60 -4.93 20.86
N ASN D 18 -25.33 -4.81 21.97
CA ASN D 18 -24.94 -3.97 23.10
C ASN D 18 -24.45 -4.85 24.25
N PRO D 19 -23.15 -5.09 24.37
CA PRO D 19 -22.66 -5.92 25.48
C PRO D 19 -22.61 -5.12 26.77
N GLN D 20 -22.97 -5.77 27.87
CA GLN D 20 -22.96 -5.13 29.17
C GLN D 20 -21.54 -5.08 29.74
N ASP D 21 -21.34 -4.16 30.66
CA ASP D 21 -20.08 -4.11 31.40
C ASP D 21 -19.86 -5.44 32.11
N ILE D 22 -18.64 -5.97 31.99
CA ILE D 22 -18.35 -7.31 32.50
C ILE D 22 -18.53 -7.39 34.01
N ARG D 23 -18.46 -6.27 34.73
CA ARG D 23 -18.74 -6.28 36.15
C ARG D 23 -20.20 -6.60 36.43
N ASP D 24 -21.10 -6.23 35.50
CA ASP D 24 -22.50 -6.60 35.64
C ASP D 24 -22.75 -8.06 35.26
N ILE D 25 -21.99 -8.57 34.29
CA ILE D 25 -22.07 -10.00 33.96
C ILE D 25 -21.59 -10.83 35.15
N ALA D 26 -20.53 -10.37 35.83
CA ALA D 26 -20.03 -11.07 37.00
C ALA D 26 -21.04 -11.06 38.14
N LYS D 27 -21.86 -10.01 38.23
CA LYS D 27 -22.88 -9.95 39.27
C LYS D 27 -23.93 -11.04 39.08
N LYS D 28 -24.20 -11.45 37.83
CA LYS D 28 -25.17 -12.50 37.59
C LYS D 28 -24.73 -13.83 38.21
N ILE D 29 -23.43 -14.05 38.34
CA ILE D 29 -22.92 -15.29 38.92
C ILE D 29 -22.26 -15.03 40.28
N ASN D 30 -22.65 -13.93 40.94
CA ASN D 30 -22.25 -13.66 42.32
C ASN D 30 -20.73 -13.51 42.47
N LEU D 31 -20.12 -12.79 41.54
CA LEU D 31 -18.70 -12.48 41.61
C LEU D 31 -18.53 -11.00 41.97
N SER D 32 -17.73 -10.73 42.98
CA SER D 32 -17.48 -9.38 43.45
C SER D 32 -16.34 -8.72 42.67
N GLU D 33 -16.06 -7.47 43.02
CA GLU D 33 -14.97 -6.74 42.36
C GLU D 33 -13.61 -7.34 42.71
N ASP D 34 -13.47 -7.82 43.95
CA ASP D 34 -12.21 -8.43 44.38
C ASP D 34 -12.02 -9.85 43.84
N ASP D 35 -13.04 -10.40 43.18
CA ASP D 35 -12.94 -11.75 42.62
C ASP D 35 -12.55 -11.77 41.15
N ILE D 36 -12.53 -10.61 40.47
CA ILE D 36 -12.22 -10.56 39.05
C ILE D 36 -11.18 -9.48 38.79
N GLU D 37 -10.44 -9.66 37.70
CA GLU D 37 -9.45 -8.71 37.20
C GLU D 37 -9.85 -8.29 35.80
N LEU D 38 -10.06 -6.99 35.62
CA LEU D 38 -10.60 -6.48 34.35
C LEU D 38 -9.54 -6.43 33.27
N TYR D 39 -9.93 -6.79 32.05
CA TYR D 39 -9.16 -6.59 30.83
C TYR D 39 -10.06 -5.77 29.90
N GLY D 40 -10.13 -4.47 30.16
CA GLY D 40 -11.16 -3.66 29.55
C GLY D 40 -12.47 -3.86 30.27
N LYS D 41 -13.52 -3.25 29.72
CA LYS D 41 -14.84 -3.33 30.34
C LYS D 41 -15.68 -4.50 29.84
N TYR D 42 -15.14 -5.33 28.94
CA TYR D 42 -15.89 -6.45 28.39
C TYR D 42 -15.18 -7.79 28.58
N LYS D 43 -14.06 -7.83 29.30
CA LYS D 43 -13.34 -9.06 29.55
C LYS D 43 -12.84 -9.05 30.99
N ALA D 44 -12.75 -10.24 31.57
CA ALA D 44 -12.25 -10.35 32.94
C ALA D 44 -11.72 -11.76 33.17
N LYS D 45 -10.72 -11.85 34.06
CA LYS D 45 -10.25 -13.13 34.56
C LYS D 45 -10.78 -13.36 35.96
N ILE D 46 -11.25 -14.57 36.23
CA ILE D 46 -11.82 -14.91 37.52
C ILE D 46 -10.75 -15.57 38.36
N ASP D 47 -10.54 -15.03 39.56
CA ASP D 47 -9.58 -15.59 40.49
C ASP D 47 -9.99 -17.02 40.85
N TYR D 48 -9.07 -17.98 40.64
CA TYR D 48 -9.40 -19.37 40.94
C TYR D 48 -9.48 -19.64 42.44
N ASN D 49 -8.99 -18.70 43.26
CA ASN D 49 -9.06 -18.85 44.70
C ASN D 49 -10.48 -18.66 45.23
N VAL D 50 -11.40 -18.15 44.40
CA VAL D 50 -12.80 -18.01 44.81
C VAL D 50 -13.41 -19.36 45.18
N LEU D 51 -12.93 -20.44 44.55
CA LEU D 51 -13.41 -21.78 44.84
C LEU D 51 -13.17 -22.19 46.30
N ASN D 52 -12.34 -21.45 47.04
CA ASN D 52 -12.01 -21.81 48.41
C ASN D 52 -12.76 -20.99 49.44
N ARG D 53 -13.27 -19.80 49.08
CA ARG D 53 -13.95 -18.93 50.02
C ARG D 53 -15.44 -18.79 49.71
N THR D 54 -15.98 -19.60 48.79
CA THR D 54 -17.40 -19.63 48.51
C THR D 54 -17.87 -21.08 48.47
N LYS D 55 -19.16 -21.27 48.75
CA LYS D 55 -19.76 -22.60 48.70
C LYS D 55 -20.29 -22.87 47.30
N SER D 56 -20.14 -24.11 46.84
CA SER D 56 -20.55 -24.46 45.49
C SER D 56 -22.07 -24.60 45.41
N ARG D 57 -22.59 -24.32 44.22
CA ARG D 57 -24.01 -24.53 43.94
C ARG D 57 -24.31 -25.91 43.40
N ALA D 58 -23.29 -26.74 43.18
CA ALA D 58 -23.46 -28.10 42.66
C ALA D 58 -24.24 -28.08 41.35
N GLY D 59 -23.80 -27.21 40.44
CA GLY D 59 -24.52 -27.04 39.19
C GLY D 59 -24.50 -28.29 38.33
N LYS D 60 -25.45 -28.35 37.41
CA LYS D 60 -25.55 -29.48 36.49
C LYS D 60 -24.64 -29.26 35.29
N LEU D 61 -24.14 -30.35 34.75
CA LEU D 61 -23.22 -30.32 33.61
C LEU D 61 -23.94 -30.81 32.37
N ILE D 62 -23.96 -29.97 31.34
CA ILE D 62 -24.57 -30.30 30.06
C ILE D 62 -23.47 -30.35 29.02
N LEU D 63 -23.32 -31.50 28.37
CA LEU D 63 -22.29 -31.71 27.36
C LEU D 63 -22.90 -31.65 25.97
N THR D 64 -22.35 -30.80 25.12
CA THR D 64 -22.81 -30.67 23.75
C THR D 64 -21.83 -31.41 22.83
N THR D 65 -22.35 -32.39 22.09
CA THR D 65 -21.55 -33.10 21.10
C THR D 65 -22.30 -33.11 19.78
N ALA D 66 -21.80 -33.84 18.79
CA ALA D 66 -22.43 -33.88 17.48
C ALA D 66 -22.06 -35.19 16.80
N ILE D 67 -22.65 -35.42 15.63
CA ILE D 67 -22.28 -36.55 14.78
C ILE D 67 -20.92 -36.26 14.16
N ASN D 68 -20.42 -37.18 13.35
CA ASN D 68 -19.13 -36.97 12.72
C ASN D 68 -19.18 -35.73 11.82
N PRO D 69 -18.18 -34.86 11.89
CA PRO D 69 -18.22 -33.62 11.11
C PRO D 69 -18.29 -33.88 9.61
N THR D 70 -18.95 -32.97 8.92
CA THR D 70 -19.07 -32.93 7.47
C THR D 70 -18.29 -31.73 6.93
N PRO D 71 -17.94 -31.74 5.63
CA PRO D 71 -17.11 -30.64 5.11
C PRO D 71 -17.75 -29.26 5.25
N ALA D 72 -17.19 -28.47 6.17
CA ALA D 72 -17.68 -27.12 6.49
C ALA D 72 -19.14 -27.12 6.96
N GLY D 73 -19.46 -27.97 7.93
CA GLY D 73 -20.80 -28.07 8.46
C GLY D 73 -20.88 -28.05 9.98
N GLU D 74 -19.73 -27.90 10.62
CA GLU D 74 -19.58 -27.93 12.08
C GLU D 74 -20.31 -26.76 12.77
N GLY D 75 -21.53 -27.01 13.23
CA GLY D 75 -22.30 -26.00 13.95
C GLY D 75 -22.55 -26.33 15.41
N LYS D 76 -21.64 -27.08 16.05
CA LYS D 76 -21.81 -27.49 17.44
C LYS D 76 -21.81 -26.32 18.42
N THR D 77 -20.89 -25.37 18.25
CA THR D 77 -20.77 -24.26 19.19
C THR D 77 -22.00 -23.35 19.15
N THR D 78 -22.58 -23.15 17.96
CA THR D 78 -23.79 -22.34 17.88
C THR D 78 -24.91 -22.92 18.75
N THR D 79 -24.98 -24.26 18.85
CA THR D 79 -26.00 -24.88 19.68
C THR D 79 -25.71 -24.69 21.17
N SER D 80 -24.45 -24.82 21.58
CA SER D 80 -24.10 -24.64 22.99
C SER D 80 -24.47 -23.25 23.48
N ILE D 81 -24.16 -22.22 22.69
CA ILE D 81 -24.47 -20.85 23.08
C ILE D 81 -25.98 -20.61 23.06
N GLY D 82 -26.65 -21.12 22.03
CA GLY D 82 -28.09 -20.93 21.95
C GLY D 82 -28.84 -21.59 23.09
N VAL D 83 -28.41 -22.80 23.48
CA VAL D 83 -29.04 -23.47 24.60
C VAL D 83 -28.77 -22.73 25.90
N ALA D 84 -27.54 -22.23 26.07
CA ALA D 84 -27.22 -21.44 27.25
C ALA D 84 -28.08 -20.19 27.33
N ASP D 85 -28.25 -19.48 26.20
CA ASP D 85 -29.14 -18.34 26.17
C ASP D 85 -30.59 -18.75 26.43
N ALA D 86 -30.98 -19.94 25.98
CA ALA D 86 -32.35 -20.41 26.20
C ALA D 86 -32.62 -20.65 27.68
N LEU D 87 -31.67 -21.28 28.39
CA LEU D 87 -31.85 -21.50 29.82
C LEU D 87 -31.94 -20.17 30.57
N ALA D 88 -31.23 -19.14 30.09
CA ALA D 88 -31.35 -17.82 30.71
C ALA D 88 -32.73 -17.23 30.50
N LYS D 89 -33.32 -17.45 29.32
CA LYS D 89 -34.69 -16.99 29.07
C LYS D 89 -35.67 -17.64 30.04
N LEU D 90 -35.46 -18.91 30.35
CA LEU D 90 -36.31 -19.66 31.27
C LEU D 90 -36.05 -19.33 32.73
N GLY D 91 -35.18 -18.36 33.02
CA GLY D 91 -34.93 -17.95 34.39
C GLY D 91 -33.89 -18.77 35.11
N LYS D 92 -33.04 -19.50 34.40
CA LYS D 92 -32.02 -20.33 35.04
C LYS D 92 -30.70 -19.57 35.15
N ASN D 93 -29.92 -19.93 36.17
CA ASN D 93 -28.58 -19.38 36.37
C ASN D 93 -27.60 -20.28 35.63
N VAL D 94 -27.18 -19.85 34.45
CA VAL D 94 -26.45 -20.70 33.51
C VAL D 94 -25.16 -20.02 33.08
N ILE D 95 -24.14 -20.84 32.83
CA ILE D 95 -22.85 -20.39 32.32
C ILE D 95 -22.48 -21.28 31.13
N ALA D 96 -22.04 -20.66 30.04
CA ALA D 96 -21.50 -21.38 28.90
C ALA D 96 -19.98 -21.45 29.02
N ALA D 97 -19.44 -22.67 28.97
CA ALA D 97 -18.00 -22.90 29.05
C ALA D 97 -17.52 -23.42 27.71
N LEU D 98 -16.61 -22.67 27.09
CA LEU D 98 -16.14 -22.98 25.74
C LEU D 98 -14.63 -22.83 25.67
N ARG D 99 -14.08 -23.13 24.50
CA ARG D 99 -12.64 -23.04 24.26
C ARG D 99 -12.28 -21.69 23.67
N GLU D 100 -11.04 -21.27 23.90
CA GLU D 100 -10.49 -20.13 23.18
C GLU D 100 -9.84 -20.60 21.90
N PRO D 101 -10.17 -20.03 20.75
CA PRO D 101 -9.59 -20.50 19.50
C PRO D 101 -8.13 -20.06 19.36
N SER D 102 -7.44 -20.70 18.42
CA SER D 102 -6.06 -20.35 18.14
C SER D 102 -5.99 -19.13 17.23
N MET D 103 -5.05 -18.23 17.51
CA MET D 103 -4.93 -17.00 16.73
C MET D 103 -4.27 -17.27 15.38
N GLY D 104 -3.37 -18.25 15.31
CA GLY D 104 -2.65 -18.58 14.10
C GLY D 104 -3.51 -18.73 12.86
N PRO D 105 -4.52 -19.60 12.91
CA PRO D 105 -5.35 -19.82 11.71
C PRO D 105 -6.05 -18.58 11.19
N VAL D 106 -6.21 -17.53 11.99
CA VAL D 106 -6.88 -16.32 11.54
C VAL D 106 -6.17 -15.70 10.34
N PHE D 107 -4.85 -15.82 10.28
CA PHE D 107 -4.06 -15.22 9.21
C PHE D 107 -3.91 -16.13 7.99
N GLY D 108 -4.28 -17.40 8.10
CA GLY D 108 -4.30 -18.29 6.96
C GLY D 108 -5.66 -18.31 6.30
N ILE D 109 -6.59 -18.99 6.92
CA ILE D 109 -8.00 -18.94 6.53
C ILE D 109 -8.67 -17.87 7.37
N LYS D 110 -9.80 -17.36 6.89
CA LYS D 110 -10.42 -16.21 7.54
C LYS D 110 -10.81 -16.52 8.98
N GLY D 111 -10.85 -15.48 9.80
CA GLY D 111 -11.29 -15.63 11.17
C GLY D 111 -12.79 -15.60 11.29
N GLY D 112 -13.30 -16.14 12.40
CA GLY D 112 -14.73 -16.27 12.58
C GLY D 112 -15.17 -16.00 14.00
N ALA D 113 -16.49 -16.07 14.18
CA ALA D 113 -17.13 -15.78 15.46
C ALA D 113 -17.07 -16.98 16.39
N ALA D 114 -17.12 -16.69 17.69
CA ALA D 114 -17.32 -17.71 18.71
C ALA D 114 -18.80 -18.11 18.62
N GLY D 115 -19.09 -19.01 17.68
CA GLY D 115 -20.46 -19.38 17.37
C GLY D 115 -20.89 -18.95 15.99
N GLY D 116 -22.01 -18.25 15.89
CA GLY D 116 -22.50 -17.78 14.61
C GLY D 116 -23.91 -17.27 14.65
N GLY D 117 -24.25 -16.35 13.76
CA GLY D 117 -25.59 -15.80 13.72
C GLY D 117 -25.89 -15.02 14.99
N TYR D 118 -27.01 -15.33 15.63
CA TYR D 118 -27.41 -14.70 16.88
C TYR D 118 -27.06 -15.55 18.10
N ALA D 119 -26.15 -16.51 17.93
CA ALA D 119 -25.61 -17.33 19.03
C ALA D 119 -24.10 -17.16 19.00
N GLN D 120 -23.64 -16.01 19.49
CA GLN D 120 -22.22 -15.66 19.47
C GLN D 120 -21.75 -15.32 20.88
N VAL D 121 -20.44 -15.17 21.02
CA VAL D 121 -19.80 -14.68 22.23
C VAL D 121 -19.04 -13.41 21.87
N VAL D 122 -19.12 -12.41 22.75
CA VAL D 122 -18.58 -11.08 22.47
C VAL D 122 -17.55 -10.75 23.54
N PRO D 123 -16.45 -10.02 23.23
CA PRO D 123 -16.07 -9.41 21.94
C PRO D 123 -15.39 -10.37 20.98
N MET D 124 -15.83 -10.41 19.73
CA MET D 124 -15.29 -11.41 18.82
C MET D 124 -13.87 -11.06 18.39
N GLU D 125 -13.55 -9.77 18.21
CA GLU D 125 -12.24 -9.38 17.72
C GLU D 125 -11.14 -9.76 18.70
N ASP D 126 -11.34 -9.46 19.99
CA ASP D 126 -10.34 -9.79 20.99
C ASP D 126 -10.16 -11.29 21.14
N ILE D 127 -11.26 -12.05 21.08
CA ILE D 127 -11.18 -13.49 21.27
C ILE D 127 -10.35 -14.15 20.16
N ASN D 128 -10.50 -13.67 18.93
CA ASN D 128 -9.74 -14.23 17.82
C ASN D 128 -8.26 -13.86 17.88
N LEU D 129 -7.91 -12.79 18.58
CA LEU D 129 -6.54 -12.29 18.58
C LEU D 129 -5.84 -12.62 19.88
N HIS D 130 -5.38 -11.60 20.60
CA HIS D 130 -4.61 -11.83 21.81
C HIS D 130 -5.47 -12.23 23.00
N PHE D 131 -6.75 -11.84 23.01
CA PHE D 131 -7.67 -12.11 24.10
C PHE D 131 -7.08 -11.61 25.42
N THR D 132 -6.90 -12.51 26.39
CA THR D 132 -6.31 -12.17 27.67
C THR D 132 -4.86 -12.64 27.81
N GLY D 133 -4.28 -13.17 26.75
CA GLY D 133 -2.87 -13.54 26.75
C GLY D 133 -2.57 -14.97 27.11
N ASP D 134 -3.58 -15.84 27.21
CA ASP D 134 -3.35 -17.22 27.64
C ASP D 134 -2.44 -17.96 26.66
N MET D 135 -2.68 -17.81 25.35
CA MET D 135 -1.90 -18.54 24.36
C MET D 135 -0.42 -18.16 24.43
N HIS D 136 -0.14 -16.87 24.64
CA HIS D 136 1.25 -16.42 24.76
C HIS D 136 1.91 -17.03 25.98
N ALA D 137 1.15 -17.18 27.07
CA ALA D 137 1.72 -17.76 28.29
C ALA D 137 1.99 -19.24 28.12
N ILE D 138 1.09 -19.95 27.41
CA ILE D 138 1.33 -21.36 27.12
C ILE D 138 2.60 -21.52 26.29
N GLY D 139 2.76 -20.68 25.27
CA GLY D 139 3.93 -20.77 24.42
C GLY D 139 5.22 -20.42 25.14
N ALA D 140 5.18 -19.40 26.00
CA ALA D 140 6.37 -19.00 26.74
C ALA D 140 6.84 -20.11 27.68
N ALA D 141 5.89 -20.78 28.34
CA ALA D 141 6.26 -21.90 29.19
C ALA D 141 6.83 -23.05 28.37
N ASN D 142 6.21 -23.34 27.22
CA ASN D 142 6.72 -24.38 26.33
C ASN D 142 8.13 -24.08 25.88
N ASN D 143 8.40 -22.82 25.52
CA ASN D 143 9.70 -22.45 24.98
C ASN D 143 10.74 -22.20 26.07
N LEU D 144 10.32 -21.88 27.29
CA LEU D 144 11.27 -21.84 28.40
C LEU D 144 11.79 -23.24 28.71
N LEU D 145 10.90 -24.23 28.74
CA LEU D 145 11.32 -25.61 28.98
C LEU D 145 12.29 -26.08 27.91
N ALA D 146 12.05 -25.70 26.66
CA ALA D 146 12.96 -26.07 25.58
C ALA D 146 14.31 -25.39 25.74
N ALA D 147 14.32 -24.11 26.16
CA ALA D 147 15.57 -23.40 26.36
C ALA D 147 16.37 -24.01 27.50
N MET D 148 15.70 -24.41 28.59
CA MET D 148 16.39 -24.98 29.73
C MET D 148 16.86 -26.39 29.45
N LEU D 149 16.13 -27.13 28.61
CA LEU D 149 16.58 -28.46 28.20
C LEU D 149 17.87 -28.38 27.40
N ASP D 150 17.89 -27.55 26.35
CA ASP D 150 19.09 -27.39 25.55
C ASP D 150 20.23 -26.78 26.36
N ASN D 151 19.91 -25.90 27.31
CA ASN D 151 20.95 -25.34 28.17
C ASN D 151 21.60 -26.41 29.03
N HIS D 152 20.80 -27.33 29.57
CA HIS D 152 21.34 -28.41 30.38
C HIS D 152 22.31 -29.27 29.59
N VAL D 153 21.92 -29.65 28.36
CA VAL D 153 22.79 -30.46 27.52
C VAL D 153 24.07 -29.71 27.19
N TYR D 154 23.95 -28.39 26.97
CA TYR D 154 25.13 -27.60 26.61
C TYR D 154 26.08 -27.41 27.79
N GLN D 155 25.55 -27.19 28.98
CA GLN D 155 26.40 -26.89 30.13
C GLN D 155 27.10 -28.15 30.64
N THR D 156 26.33 -29.15 31.05
CA THR D 156 26.90 -30.36 31.64
C THR D 156 26.34 -31.65 31.05
N ASN D 157 25.05 -31.66 30.73
CA ASN D 157 24.33 -32.90 30.39
C ASN D 157 24.57 -33.97 31.46
N SER D 158 24.52 -33.56 32.72
CA SER D 158 24.68 -34.50 33.82
C SER D 158 23.52 -35.48 33.91
N LEU D 159 22.38 -35.18 33.28
CA LEU D 159 21.25 -36.10 33.20
C LEU D 159 21.42 -37.12 32.09
N ASN D 160 22.52 -37.07 31.33
CA ASN D 160 22.83 -38.03 30.28
C ASN D 160 21.74 -38.11 29.22
N ILE D 161 21.24 -36.94 28.81
CA ILE D 161 20.20 -36.88 27.79
C ILE D 161 20.78 -37.24 26.43
N ASN D 162 20.06 -38.08 25.68
CA ASN D 162 20.43 -38.42 24.31
C ASN D 162 19.76 -37.44 23.35
N PRO D 163 20.54 -36.64 22.60
CA PRO D 163 19.91 -35.63 21.73
C PRO D 163 18.96 -36.17 20.67
N LYS D 164 19.26 -37.34 20.08
CA LYS D 164 18.34 -37.90 19.08
C LYS D 164 17.07 -38.46 19.70
N ARG D 165 16.97 -38.50 21.04
CA ARG D 165 15.78 -38.98 21.73
C ARG D 165 15.06 -37.88 22.48
N ILE D 166 15.25 -36.62 22.08
CA ILE D 166 14.53 -35.50 22.67
C ILE D 166 13.17 -35.39 21.98
N THR D 167 12.10 -35.54 22.76
CA THR D 167 10.75 -35.47 22.22
C THR D 167 10.13 -34.07 22.31
N TRP D 168 10.62 -33.23 23.22
CA TRP D 168 10.05 -31.91 23.40
C TRP D 168 10.30 -31.04 22.17
N ARG D 169 9.27 -30.33 21.75
CA ARG D 169 9.34 -29.43 20.61
C ARG D 169 8.94 -28.02 21.02
N ARG D 170 9.56 -27.03 20.39
CA ARG D 170 9.19 -25.64 20.61
C ARG D 170 7.86 -25.35 19.93
N CYS D 171 7.37 -24.12 20.11
CA CYS D 171 6.06 -23.78 19.56
C CYS D 171 6.02 -22.32 19.16
N VAL D 172 5.04 -22.00 18.32
CA VAL D 172 4.72 -20.64 17.92
C VAL D 172 3.26 -20.62 17.50
N ASP D 173 2.58 -19.51 17.79
CA ASP D 173 1.15 -19.40 17.46
C ASP D 173 0.96 -18.89 16.04
N MET D 174 1.62 -19.55 15.09
CA MET D 174 1.52 -19.21 13.69
C MET D 174 1.50 -20.49 12.86
N ASN D 175 0.86 -20.42 11.69
CA ASN D 175 0.82 -21.55 10.75
C ASN D 175 2.06 -21.47 9.87
N ASP D 176 3.17 -22.00 10.39
CA ASP D 176 4.47 -21.88 9.75
C ASP D 176 5.05 -23.25 9.44
N ARG D 177 4.84 -23.73 8.20
CA ARG D 177 5.39 -25.01 7.78
C ARG D 177 6.91 -25.01 7.77
N GLN D 178 7.54 -23.84 7.66
CA GLN D 178 8.99 -23.76 7.60
C GLN D 178 9.66 -24.31 8.85
N LEU D 179 8.97 -24.30 9.99
CA LEU D 179 9.54 -24.70 11.27
C LEU D 179 9.18 -26.13 11.67
N ARG D 180 8.56 -26.90 10.77
CA ARG D 180 8.20 -28.28 11.11
C ARG D 180 9.44 -29.11 11.41
N ASN D 181 10.47 -29.01 10.57
CA ASN D 181 11.70 -29.77 10.73
C ASN D 181 12.86 -28.81 10.59
N VAL D 182 13.61 -28.64 11.67
CA VAL D 182 14.73 -27.70 11.70
C VAL D 182 15.95 -28.40 12.28
N VAL D 183 17.11 -27.80 12.04
CA VAL D 183 18.35 -28.14 12.73
C VAL D 183 18.87 -26.87 13.37
N ASP D 184 19.05 -26.90 14.69
CA ASP D 184 19.52 -25.74 15.43
C ASP D 184 20.75 -26.13 16.23
N GLY D 185 21.26 -25.17 17.01
CA GLY D 185 22.51 -25.38 17.71
C GLY D 185 23.73 -25.30 16.82
N LEU D 186 23.61 -24.64 15.67
CA LEU D 186 24.69 -24.51 14.72
C LEU D 186 25.57 -23.31 15.07
N GLY D 187 26.78 -23.29 14.50
CA GLY D 187 27.69 -22.18 14.71
C GLY D 187 28.83 -22.49 15.66
N LYS D 188 29.25 -21.48 16.41
CA LYS D 188 30.37 -21.63 17.33
C LYS D 188 30.04 -22.63 18.44
N LYS D 189 31.07 -22.99 19.20
CA LYS D 189 30.88 -23.89 20.34
C LYS D 189 29.99 -23.25 21.41
N VAL D 190 29.91 -21.92 21.44
CA VAL D 190 29.07 -21.22 22.40
C VAL D 190 27.63 -21.08 21.91
N ASP D 191 27.32 -21.58 20.72
CA ASP D 191 26.00 -21.43 20.12
C ASP D 191 25.14 -22.69 20.27
N GLY D 192 25.43 -23.53 21.24
CA GLY D 192 24.59 -24.66 21.56
C GLY D 192 25.14 -25.99 21.07
N VAL D 193 24.29 -27.00 21.12
CA VAL D 193 24.61 -28.35 20.70
C VAL D 193 23.76 -28.67 19.47
N THR D 194 24.42 -29.02 18.37
CA THR D 194 23.72 -29.29 17.13
C THR D 194 22.81 -30.51 17.25
N ARG D 195 21.57 -30.38 16.81
CA ARG D 195 20.62 -31.47 16.86
C ARG D 195 19.42 -31.13 15.98
N GLU D 196 18.66 -32.15 15.62
CA GLU D 196 17.40 -31.96 14.91
C GLU D 196 16.30 -31.56 15.88
N ASP D 197 15.37 -30.74 15.39
CA ASP D 197 14.36 -30.15 16.25
C ASP D 197 13.16 -29.80 15.39
N GLY D 198 12.15 -29.16 15.99
CA GLY D 198 10.97 -28.78 15.26
C GLY D 198 10.03 -27.96 16.13
N PHE D 199 9.10 -27.29 15.45
CA PHE D 199 8.09 -26.45 16.10
C PHE D 199 6.69 -27.00 15.82
N ASP D 200 5.84 -26.94 16.84
CA ASP D 200 4.41 -27.17 16.69
C ASP D 200 3.68 -25.85 16.84
N ILE D 201 2.40 -25.82 16.44
CA ILE D 201 1.57 -24.69 16.81
C ILE D 201 1.28 -24.76 18.30
N THR D 202 1.14 -23.59 18.93
CA THR D 202 1.15 -23.50 20.38
C THR D 202 0.04 -24.35 21.00
N VAL D 203 -1.13 -24.40 20.37
CA VAL D 203 -2.24 -25.17 20.93
C VAL D 203 -1.96 -26.67 20.90
N ALA D 204 -1.00 -27.12 20.10
CA ALA D 204 -0.63 -28.53 20.05
C ALA D 204 0.35 -28.92 21.14
N SER D 205 0.95 -27.95 21.85
CA SER D 205 1.92 -28.25 22.88
C SER D 205 1.30 -29.06 24.00
N GLU D 206 2.12 -29.90 24.64
CA GLU D 206 1.66 -30.66 25.79
C GLU D 206 1.33 -29.76 26.97
N VAL D 207 1.93 -28.58 27.03
CA VAL D 207 1.59 -27.62 28.09
C VAL D 207 0.11 -27.29 28.06
N MET D 208 -0.46 -27.15 26.85
CA MET D 208 -1.88 -26.81 26.73
C MET D 208 -2.75 -27.94 27.28
N ALA D 209 -2.40 -29.19 27.00
CA ALA D 209 -3.18 -30.31 27.50
C ALA D 209 -3.09 -30.41 29.02
N ALA D 210 -1.89 -30.21 29.57
CA ALA D 210 -1.74 -30.20 31.03
C ALA D 210 -2.41 -28.97 31.64
N PHE D 211 -2.36 -27.83 30.94
CA PHE D 211 -3.06 -26.63 31.38
C PHE D 211 -4.55 -26.89 31.55
N CYS D 212 -5.15 -27.63 30.61
CA CYS D 212 -6.58 -27.88 30.61
C CYS D 212 -6.99 -29.02 31.53
N LEU D 213 -6.05 -29.82 32.04
CA LEU D 213 -6.35 -30.97 32.87
C LEU D 213 -5.81 -30.79 34.29
N SER D 214 -5.77 -29.56 34.78
CA SER D 214 -5.28 -29.27 36.12
C SER D 214 -6.42 -28.66 36.94
N ASN D 215 -6.71 -29.28 38.09
CA ASN D 215 -7.78 -28.82 38.96
C ASN D 215 -7.43 -27.56 39.74
N ASN D 216 -6.15 -27.20 39.82
CA ASN D 216 -5.71 -26.03 40.57
C ASN D 216 -4.27 -25.73 40.16
N ILE D 217 -3.69 -24.71 40.81
CA ILE D 217 -2.33 -24.30 40.47
C ILE D 217 -1.31 -25.30 40.99
N SER D 218 -1.62 -25.99 42.11
CA SER D 218 -0.72 -27.00 42.62
C SER D 218 -0.65 -28.21 41.70
N GLU D 219 -1.79 -28.62 41.15
CA GLU D 219 -1.79 -29.73 40.20
C GLU D 219 -1.14 -29.32 38.88
N LEU D 220 -1.28 -28.06 38.48
CA LEU D 220 -0.61 -27.59 37.28
C LEU D 220 0.91 -27.71 37.42
N LYS D 221 1.45 -27.23 38.53
CA LYS D 221 2.90 -27.31 38.74
C LYS D 221 3.38 -28.75 38.78
N GLU D 222 2.57 -29.64 39.37
CA GLU D 222 2.94 -31.06 39.40
C GLU D 222 2.84 -31.69 38.02
N ASN D 223 1.78 -31.36 37.27
CA ASN D 223 1.62 -31.93 35.93
C ASN D 223 2.73 -31.47 35.00
N LEU D 224 3.10 -30.18 35.09
CA LEU D 224 4.20 -29.68 34.26
C LEU D 224 5.51 -30.38 34.58
N GLY D 225 5.73 -30.70 35.86
CA GLY D 225 6.93 -31.41 36.24
C GLY D 225 7.00 -32.82 35.71
N ASN D 226 5.85 -33.48 35.56
CA ASN D 226 5.81 -34.84 35.04
C ASN D 226 6.02 -34.91 33.54
N ILE D 227 6.09 -33.77 32.85
CA ILE D 227 6.28 -33.77 31.41
C ILE D 227 7.58 -34.47 31.05
N VAL D 228 7.50 -35.47 30.18
CA VAL D 228 8.68 -36.18 29.69
C VAL D 228 9.20 -35.42 28.47
N VAL D 229 10.40 -34.86 28.59
CA VAL D 229 10.98 -34.06 27.52
C VAL D 229 12.00 -34.83 26.69
N ALA D 230 12.58 -35.89 27.22
CA ALA D 230 13.62 -36.65 26.51
C ALA D 230 13.82 -37.98 27.23
N TYR D 231 14.71 -38.79 26.69
CA TYR D 231 15.14 -40.03 27.30
C TYR D 231 16.66 -40.01 27.42
N ASN D 232 17.18 -40.63 28.48
CA ASN D 232 18.62 -40.68 28.64
C ASN D 232 19.19 -41.85 27.85
N TYR D 233 20.53 -41.97 27.85
CA TYR D 233 21.18 -43.04 27.12
C TYR D 233 20.83 -44.42 27.67
N SER D 234 20.37 -44.49 28.92
CA SER D 234 19.92 -45.74 29.50
C SER D 234 18.45 -46.02 29.20
N GLY D 235 17.78 -45.18 28.43
CA GLY D 235 16.40 -45.39 28.05
C GLY D 235 15.37 -44.90 29.05
N LYS D 236 15.81 -44.24 30.14
CA LYS D 236 14.89 -43.76 31.17
C LYS D 236 14.39 -42.35 30.84
N PRO D 237 13.17 -42.02 31.24
CA PRO D 237 12.63 -40.70 30.91
C PRO D 237 13.32 -39.59 31.68
N VAL D 238 13.42 -38.43 31.04
CA VAL D 238 13.91 -37.20 31.65
C VAL D 238 12.76 -36.21 31.65
N THR D 239 12.47 -35.64 32.81
CA THR D 239 11.29 -34.82 33.01
C THR D 239 11.65 -33.36 33.19
N ALA D 240 10.61 -32.51 33.11
CA ALA D 240 10.79 -31.09 33.40
C ALA D 240 11.18 -30.87 34.85
N ARG D 241 10.72 -31.75 35.74
CA ARG D 241 11.15 -31.67 37.15
C ARG D 241 12.64 -31.94 37.29
N ASP D 242 13.17 -32.89 36.50
CA ASP D 242 14.60 -33.14 36.51
C ASP D 242 15.39 -31.91 36.11
N LEU D 243 14.79 -31.03 35.30
CA LEU D 243 15.43 -29.79 34.87
C LEU D 243 15.11 -28.62 35.79
N ASN D 244 14.32 -28.84 36.84
CA ASN D 244 13.90 -27.78 37.76
C ASN D 244 13.24 -26.63 37.00
N ALA D 245 12.33 -26.99 36.09
CA ALA D 245 11.69 -26.03 35.21
C ALA D 245 10.21 -25.81 35.50
N HIS D 246 9.53 -26.75 36.16
CA HIS D 246 8.08 -26.65 36.30
C HIS D 246 7.66 -25.52 37.22
N GLY D 247 8.50 -25.15 38.18
CA GLY D 247 8.19 -23.99 39.01
C GLY D 247 8.14 -22.70 38.22
N ALA D 248 9.09 -22.52 37.31
CA ALA D 248 9.10 -21.32 36.47
C ALA D 248 7.97 -21.37 35.44
N MET D 249 7.67 -22.55 34.92
CA MET D 249 6.57 -22.68 33.96
C MET D 249 5.23 -22.35 34.62
N ALA D 250 5.01 -22.82 35.85
CA ALA D 250 3.78 -22.52 36.55
C ALA D 250 3.64 -21.03 36.86
N ALA D 251 4.76 -20.36 37.12
CA ALA D 251 4.73 -18.92 37.33
C ALA D 251 4.32 -18.18 36.05
N ILE D 252 4.84 -18.61 34.91
CA ILE D 252 4.43 -18.03 33.63
C ILE D 252 2.94 -18.19 33.40
N LEU D 253 2.34 -19.25 33.94
CA LEU D 253 0.94 -19.57 33.71
C LEU D 253 0.04 -19.20 34.89
N LYS D 254 0.57 -18.46 35.87
CA LYS D 254 -0.20 -18.15 37.08
C LYS D 254 -1.48 -17.40 36.75
N ASP D 255 -1.36 -16.32 35.97
CA ASP D 255 -2.55 -15.55 35.59
C ASP D 255 -3.35 -16.24 34.50
N ALA D 256 -2.66 -16.92 33.57
CA ALA D 256 -3.35 -17.58 32.47
C ALA D 256 -4.34 -18.64 32.96
N LEU D 257 -4.01 -19.31 34.06
CA LEU D 257 -4.89 -20.34 34.61
C LEU D 257 -6.21 -19.79 35.13
N LYS D 258 -6.32 -18.49 35.30
CA LYS D 258 -7.58 -17.89 35.70
C LYS D 258 -8.55 -17.91 34.52
N PRO D 259 -9.75 -18.47 34.65
CA PRO D 259 -10.68 -18.52 33.52
C PRO D 259 -11.08 -17.12 33.07
N ASN D 260 -11.41 -17.00 31.79
CA ASN D 260 -11.75 -15.73 31.19
C ASN D 260 -13.27 -15.60 31.10
N LEU D 261 -13.80 -14.52 31.66
CA LEU D 261 -15.24 -14.28 31.70
C LEU D 261 -15.62 -13.33 30.57
N VAL D 262 -16.53 -13.77 29.71
CA VAL D 262 -17.12 -12.91 28.68
C VAL D 262 -18.63 -13.12 28.71
N GLN D 263 -19.30 -12.90 27.57
CA GLN D 263 -20.75 -12.97 27.54
C GLN D 263 -21.22 -13.29 26.12
N THR D 264 -22.44 -13.79 26.04
CA THR D 264 -23.10 -14.00 24.76
C THR D 264 -23.77 -12.70 24.32
N LEU D 265 -24.40 -12.73 23.13
CA LEU D 265 -25.10 -11.56 22.63
C LEU D 265 -26.27 -11.15 23.51
N GLU D 266 -26.82 -12.09 24.29
CA GLU D 266 -27.98 -11.82 25.13
C GLU D 266 -27.61 -11.61 26.59
N GLY D 267 -26.32 -11.47 26.90
CA GLY D 267 -25.89 -11.18 28.25
C GLY D 267 -25.64 -12.40 29.12
N THR D 268 -25.72 -13.59 28.56
CA THR D 268 -25.48 -14.80 29.36
C THR D 268 -23.99 -14.92 29.66
N PRO D 269 -23.61 -15.19 30.91
CA PRO D 269 -22.18 -15.33 31.23
C PRO D 269 -21.56 -16.48 30.43
N ALA D 270 -20.34 -16.25 29.98
CA ALA D 270 -19.61 -17.24 29.18
C ALA D 270 -18.16 -17.27 29.64
N ILE D 271 -17.60 -18.46 29.74
CA ILE D 271 -16.23 -18.66 30.19
C ILE D 271 -15.47 -19.35 29.06
N LEU D 272 -14.40 -18.72 28.60
CA LEU D 272 -13.53 -19.26 27.57
C LEU D 272 -12.16 -19.52 28.17
N HIS D 273 -11.68 -20.76 28.07
CA HIS D 273 -10.44 -21.14 28.74
C HIS D 273 -9.88 -22.38 28.07
N GLY D 274 -8.68 -22.28 27.52
CA GLY D 274 -7.99 -23.42 26.94
C GLY D 274 -8.53 -23.77 25.55
N GLY D 275 -7.69 -24.48 24.79
CA GLY D 275 -8.06 -24.93 23.48
C GLY D 275 -7.08 -25.91 22.87
N PRO D 276 -7.08 -27.14 23.37
CA PRO D 276 -6.21 -28.17 22.80
C PRO D 276 -6.85 -28.82 21.58
N PHE D 277 -6.03 -29.60 20.87
CA PHE D 277 -6.53 -30.40 19.76
C PHE D 277 -7.49 -31.47 20.27
N ALA D 278 -8.33 -31.97 19.37
CA ALA D 278 -9.29 -33.02 19.71
C ALA D 278 -8.86 -34.39 19.23
N ASN D 279 -7.69 -34.52 18.59
CA ASN D 279 -7.17 -35.80 18.15
C ASN D 279 -5.98 -36.25 18.99
N ILE D 280 -4.91 -35.45 19.04
CA ILE D 280 -3.77 -35.75 19.90
C ILE D 280 -3.98 -35.29 21.33
N ALA D 281 -5.14 -34.70 21.63
CA ALA D 281 -5.51 -34.34 22.99
C ALA D 281 -7.01 -34.56 23.13
N HIS D 282 -7.57 -34.10 24.25
CA HIS D 282 -8.96 -34.43 24.59
C HIS D 282 -9.97 -33.44 24.02
N GLY D 283 -9.52 -32.30 23.49
CA GLY D 283 -10.41 -31.40 22.78
C GLY D 283 -11.53 -30.80 23.61
N CYS D 284 -11.24 -30.44 24.86
CA CYS D 284 -12.22 -29.82 25.75
C CYS D 284 -11.64 -28.54 26.32
N ASN D 285 -12.52 -27.71 26.89
CA ASN D 285 -12.01 -26.56 27.62
C ASN D 285 -11.45 -27.01 28.96
N SER D 286 -10.85 -26.06 29.68
CA SER D 286 -10.12 -26.40 30.90
C SER D 286 -11.05 -26.96 31.96
N ILE D 287 -10.48 -27.77 32.85
CA ILE D 287 -11.22 -28.26 34.00
C ILE D 287 -11.55 -27.12 34.95
N ILE D 288 -10.63 -26.17 35.10
CA ILE D 288 -10.85 -25.03 36.00
C ILE D 288 -12.09 -24.25 35.58
N ALA D 289 -12.25 -24.02 34.27
CA ALA D 289 -13.41 -23.29 33.79
C ALA D 289 -14.70 -24.06 34.04
N THR D 290 -14.71 -25.36 33.76
CA THR D 290 -15.91 -26.17 33.99
C THR D 290 -16.23 -26.30 35.46
N LYS D 291 -15.20 -26.54 36.30
CA LYS D 291 -15.43 -26.61 37.75
C LYS D 291 -15.93 -25.27 38.29
N MET D 292 -15.34 -24.17 37.84
CA MET D 292 -15.78 -22.86 38.28
C MET D 292 -17.23 -22.60 37.86
N GLY D 293 -17.59 -23.05 36.65
CA GLY D 293 -18.97 -22.91 36.22
C GLY D 293 -19.94 -23.60 37.15
N MET D 294 -19.66 -24.87 37.50
CA MET D 294 -20.52 -25.60 38.42
C MET D 294 -20.52 -24.99 39.81
N HIS D 295 -19.47 -24.26 40.17
CA HIS D 295 -19.36 -23.66 41.50
C HIS D 295 -20.15 -22.35 41.58
N MET D 296 -20.26 -21.63 40.48
CA MET D 296 -20.90 -20.32 40.42
C MET D 296 -22.31 -20.36 39.84
N ALA D 297 -22.72 -21.45 39.20
CA ALA D 297 -23.99 -21.50 38.50
C ALA D 297 -24.69 -22.83 38.76
N ASP D 298 -25.97 -22.87 38.43
CA ASP D 298 -26.78 -24.07 38.55
C ASP D 298 -26.74 -24.95 37.31
N TYR D 299 -26.34 -24.40 36.16
CA TYR D 299 -26.25 -25.16 34.93
C TYR D 299 -25.03 -24.70 34.15
N VAL D 300 -24.32 -25.65 33.56
CA VAL D 300 -23.13 -25.38 32.75
C VAL D 300 -23.29 -26.08 31.41
N VAL D 301 -23.18 -25.31 30.33
CA VAL D 301 -23.19 -25.85 28.98
C VAL D 301 -21.77 -25.80 28.44
N THR D 302 -21.20 -26.96 28.18
CA THR D 302 -19.86 -27.08 27.62
C THR D 302 -19.92 -27.99 26.40
N GLU D 303 -18.79 -28.13 25.71
CA GLU D 303 -18.76 -28.89 24.48
C GLU D 303 -17.40 -29.56 24.32
N ALA D 304 -17.30 -30.43 23.31
CA ALA D 304 -16.06 -31.12 22.98
C ALA D 304 -15.90 -31.14 21.47
N GLY D 305 -14.65 -31.05 21.01
CA GLY D 305 -14.39 -30.94 19.59
C GLY D 305 -14.71 -32.21 18.83
N PHE D 306 -14.88 -32.04 17.52
CA PHE D 306 -15.21 -33.12 16.59
C PHE D 306 -16.49 -33.85 17.02
N GLY D 307 -16.63 -35.12 16.61
CA GLY D 307 -17.84 -35.87 16.89
C GLY D 307 -17.81 -36.55 18.24
N ALA D 308 -18.91 -37.25 18.53
CA ALA D 308 -19.05 -37.94 19.81
C ALA D 308 -18.10 -39.14 19.92
N ASP D 309 -17.57 -39.62 18.81
CA ASP D 309 -16.61 -40.72 18.84
C ASP D 309 -15.23 -40.27 19.31
N LEU D 310 -14.94 -38.96 19.24
CA LEU D 310 -13.66 -38.43 19.67
C LEU D 310 -13.80 -37.50 20.86
N GLY D 311 -14.50 -36.38 20.71
CA GLY D 311 -14.58 -35.41 21.80
C GLY D 311 -15.33 -35.92 23.01
N ALA D 312 -16.54 -36.44 22.80
CA ALA D 312 -17.34 -36.93 23.91
C ALA D 312 -16.66 -38.11 24.60
N GLU D 313 -16.01 -38.99 23.82
CA GLU D 313 -15.29 -40.11 24.40
C GLU D 313 -14.16 -39.63 25.31
N LYS D 314 -13.42 -38.61 24.86
CA LYS D 314 -12.32 -38.08 25.66
C LYS D 314 -12.80 -37.17 26.78
N PHE D 315 -13.93 -36.48 26.59
CA PHE D 315 -14.52 -35.71 27.68
C PHE D 315 -14.92 -36.63 28.84
N LEU D 316 -15.45 -37.80 28.53
CA LEU D 316 -15.94 -38.71 29.56
C LEU D 316 -14.83 -39.58 30.14
N ASP D 317 -13.97 -40.13 29.29
CA ASP D 317 -12.95 -41.08 29.73
C ASP D 317 -11.65 -40.43 30.17
N ILE D 318 -11.46 -39.14 29.94
CA ILE D 318 -10.21 -38.48 30.34
C ILE D 318 -10.53 -37.31 31.26
N LYS D 319 -11.28 -36.33 30.76
CA LYS D 319 -11.54 -35.12 31.55
C LYS D 319 -12.39 -35.44 32.79
N CYS D 320 -13.53 -36.10 32.59
CA CYS D 320 -14.41 -36.39 33.71
C CYS D 320 -13.75 -37.30 34.75
N ARG D 321 -12.87 -38.19 34.31
CA ARG D 321 -12.15 -39.04 35.25
C ARG D 321 -11.18 -38.22 36.09
N LYS D 322 -10.42 -37.34 35.45
CA LYS D 322 -9.41 -36.56 36.15
C LYS D 322 -10.04 -35.45 36.99
N ALA D 323 -11.22 -34.97 36.60
CA ALA D 323 -11.90 -33.91 37.33
C ALA D 323 -12.87 -34.43 38.37
N GLY D 324 -13.29 -35.68 38.27
CA GLY D 324 -14.28 -36.22 39.20
C GLY D 324 -15.67 -35.65 39.01
N ILE D 325 -16.08 -35.45 37.76
CA ILE D 325 -17.41 -34.94 37.44
C ILE D 325 -18.07 -35.90 36.45
N ARG D 326 -19.37 -35.68 36.23
CA ARG D 326 -20.17 -36.52 35.35
C ARG D 326 -21.28 -35.67 34.74
N PRO D 327 -21.46 -35.71 33.43
CA PRO D 327 -22.53 -34.93 32.80
C PRO D 327 -23.90 -35.46 33.20
N ASP D 328 -24.85 -34.53 33.38
CA ASP D 328 -26.23 -34.90 33.69
C ASP D 328 -27.09 -35.05 32.45
N ALA D 329 -26.68 -34.47 31.32
CA ALA D 329 -27.40 -34.58 30.07
C ALA D 329 -26.44 -34.30 28.92
N VAL D 330 -26.72 -34.90 27.77
CA VAL D 330 -25.87 -34.77 26.59
C VAL D 330 -26.74 -34.31 25.42
N ILE D 331 -26.26 -33.30 24.70
CA ILE D 331 -26.91 -32.82 23.48
C ILE D 331 -26.11 -33.29 22.28
N ILE D 332 -26.76 -34.02 21.39
CA ILE D 332 -26.14 -34.53 20.16
C ILE D 332 -26.69 -33.72 18.99
N VAL D 333 -25.82 -32.95 18.36
CA VAL D 333 -26.21 -32.05 17.27
C VAL D 333 -26.06 -32.76 15.94
N ALA D 334 -27.04 -32.56 15.05
CA ALA D 334 -27.00 -33.13 13.71
C ALA D 334 -27.88 -32.29 12.81
N THR D 335 -27.68 -32.46 11.50
CA THR D 335 -28.50 -31.80 10.49
C THR D 335 -28.94 -32.83 9.45
N VAL D 336 -30.02 -32.48 8.75
CA VAL D 336 -30.51 -33.36 7.69
C VAL D 336 -29.51 -33.41 6.54
N ARG D 337 -28.84 -32.29 6.25
CA ARG D 337 -27.85 -32.26 5.19
C ARG D 337 -26.66 -33.15 5.51
N ALA D 338 -26.23 -33.16 6.78
CA ALA D 338 -25.08 -33.98 7.16
C ALA D 338 -25.40 -35.46 7.07
N LEU D 339 -26.63 -35.84 7.44
CA LEU D 339 -27.02 -37.25 7.37
C LEU D 339 -27.16 -37.71 5.93
N LYS D 340 -27.67 -36.84 5.05
CA LYS D 340 -27.73 -37.16 3.64
C LYS D 340 -26.35 -37.22 3.00
N TYR D 341 -25.37 -36.53 3.59
CA TYR D 341 -23.99 -36.64 3.11
C TYR D 341 -23.41 -38.01 3.41
N ASN D 342 -23.80 -38.61 4.54
CA ASN D 342 -23.37 -39.97 4.87
C ASN D 342 -24.08 -41.03 4.06
N GLY D 343 -25.13 -40.67 3.31
CA GLY D 343 -25.88 -41.60 2.51
C GLY D 343 -25.48 -41.66 1.04
N GLY D 344 -24.53 -40.84 0.61
CA GLY D 344 -24.06 -40.85 -0.76
C GLY D 344 -24.30 -39.57 -1.52
N VAL D 345 -25.06 -38.63 -0.98
CA VAL D 345 -25.34 -37.38 -1.69
C VAL D 345 -24.10 -36.50 -1.68
N ALA D 346 -23.80 -35.90 -2.84
CA ALA D 346 -22.67 -34.99 -2.94
C ALA D 346 -22.96 -33.69 -2.20
N LYS D 347 -21.92 -32.86 -2.06
CA LYS D 347 -22.03 -31.61 -1.35
C LYS D 347 -22.88 -30.58 -2.08
N ASP D 348 -23.19 -30.80 -3.35
CA ASP D 348 -23.97 -29.85 -4.14
C ASP D 348 -25.43 -30.25 -4.28
N GLN D 349 -25.78 -31.49 -3.95
CA GLN D 349 -27.15 -31.98 -4.08
C GLN D 349 -27.85 -32.13 -2.73
N LEU D 350 -27.33 -31.48 -1.68
CA LEU D 350 -27.88 -31.66 -0.34
C LEU D 350 -29.19 -30.92 -0.13
N ASN D 351 -29.45 -29.88 -0.91
CA ASN D 351 -30.67 -29.09 -0.74
C ASN D 351 -31.92 -29.78 -1.28
N ASN D 352 -31.77 -30.86 -2.03
CA ASN D 352 -32.91 -31.59 -2.57
C ASN D 352 -33.36 -32.66 -1.59
N GLU D 353 -34.66 -32.93 -1.56
CA GLU D 353 -35.21 -33.95 -0.69
C GLU D 353 -34.75 -35.33 -1.12
N ASN D 354 -34.33 -36.14 -0.14
CA ASN D 354 -33.85 -37.50 -0.42
C ASN D 354 -34.09 -38.33 0.85
N LEU D 355 -35.27 -38.95 0.92
CA LEU D 355 -35.61 -39.78 2.06
C LEU D 355 -34.83 -41.09 2.08
N GLU D 356 -34.36 -41.57 0.92
CA GLU D 356 -33.60 -42.81 0.89
C GLU D 356 -32.19 -42.61 1.47
N ALA D 357 -31.52 -41.54 1.05
CA ALA D 357 -30.17 -41.28 1.56
C ALA D 357 -30.20 -40.86 3.02
N LEU D 358 -31.29 -40.24 3.47
CA LEU D 358 -31.41 -39.87 4.88
C LEU D 358 -31.44 -41.11 5.77
N GLU D 359 -32.10 -42.17 5.32
CA GLU D 359 -32.14 -43.42 6.06
C GLU D 359 -30.83 -44.18 5.97
N LYS D 360 -30.03 -43.94 4.94
CA LYS D 360 -28.74 -44.63 4.81
C LYS D 360 -27.66 -43.97 5.65
N GLY D 361 -27.79 -42.67 5.93
CA GLY D 361 -26.83 -41.95 6.74
C GLY D 361 -27.23 -41.83 8.19
N LEU D 362 -28.51 -42.09 8.47
CA LEU D 362 -29.00 -42.04 9.85
C LEU D 362 -28.29 -42.99 10.81
N PRO D 363 -27.83 -44.21 10.41
CA PRO D 363 -27.10 -45.05 11.36
C PRO D 363 -25.91 -44.37 12.03
N ASN D 364 -25.36 -43.32 11.40
CA ASN D 364 -24.30 -42.56 12.04
C ASN D 364 -24.80 -41.88 13.32
N LEU D 365 -25.93 -41.19 13.24
CA LEU D 365 -26.52 -40.58 14.43
C LEU D 365 -26.98 -41.65 15.42
N LEU D 366 -27.51 -42.76 14.91
CA LEU D 366 -27.99 -43.82 15.79
C LEU D 366 -26.86 -44.46 16.58
N LYS D 367 -25.66 -44.56 15.99
CA LYS D 367 -24.53 -45.13 16.71
C LYS D 367 -24.07 -44.22 17.84
N HIS D 368 -24.05 -42.91 17.61
CA HIS D 368 -23.67 -41.97 18.66
C HIS D 368 -24.69 -41.96 19.79
N ILE D 369 -25.98 -42.16 19.47
CA ILE D 369 -26.99 -42.26 20.51
C ILE D 369 -26.77 -43.50 21.36
N GLU D 370 -26.46 -44.63 20.72
CA GLU D 370 -26.21 -45.86 21.47
C GLU D 370 -24.97 -45.75 22.34
N ASN D 371 -23.94 -45.03 21.88
CA ASN D 371 -22.73 -44.89 22.68
C ASN D 371 -22.98 -44.06 23.94
N ILE D 372 -23.75 -42.97 23.80
CA ILE D 372 -23.98 -42.10 24.95
C ILE D 372 -24.98 -42.74 25.91
N THR D 373 -26.03 -43.38 25.38
CA THR D 373 -27.11 -43.88 26.21
C THR D 373 -26.90 -45.30 26.70
N GLN D 374 -26.20 -46.14 25.93
CA GLN D 374 -26.04 -47.55 26.30
C GLN D 374 -24.66 -47.92 26.77
N VAL D 375 -23.62 -47.16 26.40
CA VAL D 375 -22.26 -47.41 26.88
C VAL D 375 -21.93 -46.55 28.09
N TYR D 376 -22.17 -45.24 27.99
CA TYR D 376 -21.90 -44.34 29.11
C TYR D 376 -23.12 -44.12 30.01
N LYS D 377 -24.32 -44.47 29.56
CA LYS D 377 -25.54 -44.42 30.35
C LYS D 377 -25.83 -42.99 30.83
N ILE D 378 -25.92 -42.09 29.87
CA ILE D 378 -26.19 -40.67 30.13
C ILE D 378 -27.43 -40.28 29.33
N PRO D 379 -28.41 -39.59 29.93
CA PRO D 379 -29.56 -39.11 29.16
C PRO D 379 -29.13 -38.19 28.03
N ALA D 380 -29.73 -38.38 26.86
CA ALA D 380 -29.35 -37.66 25.65
C ALA D 380 -30.57 -37.08 24.96
N VAL D 381 -30.33 -36.04 24.17
CA VAL D 381 -31.34 -35.42 23.33
C VAL D 381 -30.69 -35.01 22.02
N VAL D 382 -31.37 -35.26 20.91
CA VAL D 382 -30.85 -34.92 19.59
C VAL D 382 -31.36 -33.53 19.22
N ALA D 383 -30.43 -32.63 18.91
CA ALA D 383 -30.75 -31.27 18.51
C ALA D 383 -30.46 -31.14 17.01
N ILE D 384 -31.52 -30.89 16.24
CA ILE D 384 -31.41 -30.76 14.79
C ILE D 384 -31.39 -29.27 14.45
N ASN D 385 -30.25 -28.80 13.95
CA ASN D 385 -30.15 -27.44 13.44
C ASN D 385 -30.96 -27.37 12.16
N ARG D 386 -32.19 -26.88 12.27
CA ARG D 386 -33.13 -26.95 11.16
C ARG D 386 -32.79 -25.92 10.09
N PHE D 387 -32.75 -26.36 8.84
CA PHE D 387 -32.56 -25.53 7.66
C PHE D 387 -33.89 -25.29 6.97
N PRO D 388 -34.02 -24.19 6.22
CA PRO D 388 -35.32 -23.87 5.61
C PRO D 388 -35.82 -24.93 4.63
N LEU D 389 -34.93 -25.61 3.91
CA LEU D 389 -35.32 -26.58 2.91
C LEU D 389 -35.54 -27.99 3.47
N ASP D 390 -35.52 -28.15 4.79
CA ASP D 390 -35.79 -29.43 5.42
C ASP D 390 -37.29 -29.69 5.44
N THR D 391 -37.71 -30.75 4.74
CA THR D 391 -39.12 -31.07 4.66
C THR D 391 -39.60 -31.74 5.96
N ASP D 392 -40.92 -31.76 6.14
CA ASP D 392 -41.49 -32.39 7.32
C ASP D 392 -41.33 -33.90 7.29
N ALA D 393 -41.23 -34.49 6.09
CA ALA D 393 -41.01 -35.93 6.00
C ALA D 393 -39.60 -36.31 6.42
N GLU D 394 -38.62 -35.47 6.11
CA GLU D 394 -37.25 -35.73 6.54
C GLU D 394 -37.12 -35.60 8.05
N LEU D 395 -37.76 -34.58 8.63
CA LEU D 395 -37.70 -34.41 10.08
C LEU D 395 -38.47 -35.49 10.81
N ALA D 396 -39.51 -36.04 10.20
CA ALA D 396 -40.27 -37.10 10.84
C ALA D 396 -39.52 -38.42 10.83
N LEU D 397 -38.71 -38.67 9.79
CA LEU D 397 -37.94 -39.90 9.73
C LEU D 397 -36.84 -39.91 10.79
N VAL D 398 -36.10 -38.80 10.92
CA VAL D 398 -35.07 -38.71 11.94
C VAL D 398 -35.68 -38.85 13.33
N ARG D 399 -36.86 -38.24 13.54
CA ARG D 399 -37.52 -38.36 14.83
C ARG D 399 -37.93 -39.80 15.12
N SER D 400 -38.50 -40.49 14.12
CA SER D 400 -38.99 -41.83 14.33
C SER D 400 -37.86 -42.80 14.64
N LYS D 401 -36.75 -42.71 13.90
CA LYS D 401 -35.63 -43.62 14.13
C LYS D 401 -34.97 -43.37 15.48
N CYS D 402 -35.03 -42.14 15.98
CA CYS D 402 -34.44 -41.84 17.29
C CYS D 402 -35.38 -42.18 18.43
N GLU D 403 -36.70 -42.08 18.22
CA GLU D 403 -37.66 -42.50 19.23
C GLU D 403 -37.53 -43.97 19.55
N GLU D 404 -37.07 -44.77 18.59
CA GLU D 404 -36.87 -46.20 18.83
C GLU D 404 -35.77 -46.44 19.86
N LEU D 405 -34.82 -45.51 19.98
CA LEU D 405 -33.75 -45.61 20.96
C LEU D 405 -34.07 -44.88 22.26
N GLY D 406 -35.29 -44.36 22.40
CA GLY D 406 -35.67 -43.70 23.63
C GLY D 406 -35.13 -42.30 23.78
N VAL D 407 -34.87 -41.60 22.68
CA VAL D 407 -34.28 -40.27 22.69
C VAL D 407 -35.16 -39.35 21.86
N LYS D 408 -35.54 -38.21 22.44
CA LYS D 408 -36.35 -37.24 21.73
C LYS D 408 -35.52 -36.48 20.71
N VAL D 409 -36.21 -35.85 19.76
CA VAL D 409 -35.58 -35.04 18.72
C VAL D 409 -36.17 -33.63 18.82
N ALA D 410 -35.36 -32.67 19.22
CA ALA D 410 -35.77 -31.28 19.34
C ALA D 410 -35.16 -30.47 18.20
N LEU D 411 -35.96 -29.58 17.63
CA LEU D 411 -35.52 -28.72 16.54
C LEU D 411 -34.88 -27.46 17.09
N SER D 412 -33.75 -27.07 16.49
CA SER D 412 -32.97 -25.92 16.94
C SER D 412 -32.92 -24.88 15.83
N GLU D 413 -33.18 -23.62 16.17
CA GLU D 413 -33.10 -22.50 15.26
C GLU D 413 -32.33 -21.35 15.90
N VAL D 414 -31.25 -21.67 16.62
CA VAL D 414 -30.50 -20.67 17.38
C VAL D 414 -29.67 -19.77 16.47
N TRP D 415 -29.35 -20.22 15.26
CA TRP D 415 -28.52 -19.40 14.38
C TRP D 415 -29.24 -18.14 13.93
N ALA D 416 -30.56 -18.23 13.73
CA ALA D 416 -31.34 -17.09 13.26
C ALA D 416 -32.16 -16.42 14.36
N ASN D 417 -32.47 -17.13 15.44
CA ASN D 417 -33.34 -16.61 16.48
C ASN D 417 -32.71 -16.52 17.86
N GLY D 418 -31.49 -17.04 18.04
CA GLY D 418 -30.83 -16.91 19.32
C GLY D 418 -31.38 -17.83 20.38
N GLY D 419 -31.54 -17.32 21.61
CA GLY D 419 -32.03 -18.14 22.70
C GLY D 419 -33.44 -18.65 22.48
N GLU D 420 -34.27 -17.89 21.75
CA GLU D 420 -35.62 -18.34 21.46
C GLU D 420 -35.63 -19.57 20.58
N GLY D 421 -34.59 -19.74 19.75
CA GLY D 421 -34.47 -20.92 18.91
C GLY D 421 -34.00 -22.18 19.62
N GLY D 422 -33.53 -22.05 20.86
CA GLY D 422 -33.09 -23.18 21.65
C GLY D 422 -33.95 -23.52 22.82
N ILE D 423 -35.13 -22.91 22.96
CA ILE D 423 -36.02 -23.21 24.09
C ILE D 423 -36.45 -24.67 24.05
N GLU D 424 -36.73 -25.19 22.85
CA GLU D 424 -37.20 -26.57 22.74
C GLU D 424 -36.12 -27.56 23.19
N VAL D 425 -34.86 -27.28 22.87
CA VAL D 425 -33.77 -28.15 23.31
C VAL D 425 -33.56 -28.01 24.81
N ALA D 426 -33.57 -26.77 25.32
CA ALA D 426 -33.26 -26.52 26.73
C ALA D 426 -34.29 -27.17 27.65
N ASN D 427 -35.58 -27.08 27.31
CA ASN D 427 -36.60 -27.69 28.17
C ASN D 427 -36.50 -29.20 28.17
N GLU D 428 -36.14 -29.80 27.03
CA GLU D 428 -35.93 -31.24 27.02
C GLU D 428 -34.72 -31.64 27.85
N VAL D 429 -33.69 -30.78 27.89
CA VAL D 429 -32.53 -31.04 28.74
C VAL D 429 -32.93 -30.96 30.21
N LEU D 430 -33.71 -29.94 30.58
CA LEU D 430 -34.19 -29.84 31.94
C LEU D 430 -35.04 -31.05 32.32
N LYS D 431 -35.81 -31.57 31.37
CA LYS D 431 -36.58 -32.78 31.61
C LYS D 431 -35.68 -33.99 31.80
N LEU D 432 -34.58 -34.05 31.05
CA LEU D 432 -33.64 -35.16 31.20
C LEU D 432 -32.87 -35.08 32.52
N ILE D 433 -32.68 -33.88 33.06
CA ILE D 433 -31.93 -33.74 34.30
C ILE D 433 -32.79 -34.13 35.50
N GLU D 434 -34.06 -33.74 35.49
CA GLU D 434 -34.96 -34.05 36.59
C GLU D 434 -35.23 -35.55 36.67
N GLU D 435 -36.00 -36.11 35.74
CA GLU D 435 -36.23 -37.56 35.67
C GLU D 435 -35.29 -38.15 34.62
N GLY D 436 -34.10 -38.57 35.06
CA GLY D 436 -33.10 -39.10 34.15
C GLY D 436 -32.30 -40.27 34.67
N GLU D 437 -32.28 -41.37 33.92
CA GLU D 437 -31.55 -42.60 34.29
C GLU D 437 -30.05 -42.39 34.04
N ASN D 438 -29.42 -41.62 34.92
CA ASN D 438 -27.99 -41.32 34.84
C ASN D 438 -27.18 -42.30 35.71
N ASN D 439 -26.82 -43.44 35.12
CA ASN D 439 -25.96 -44.45 35.73
C ASN D 439 -24.60 -44.46 35.02
N PHE D 440 -23.91 -43.32 35.04
CA PHE D 440 -22.71 -43.11 34.25
C PHE D 440 -21.63 -44.14 34.52
N GLU D 441 -21.12 -44.73 33.44
CA GLU D 441 -20.03 -45.70 33.46
C GLU D 441 -18.99 -45.28 32.43
N TYR D 442 -17.72 -45.51 32.74
CA TYR D 442 -16.66 -45.26 31.79
C TYR D 442 -16.63 -46.35 30.71
N CYS D 443 -15.89 -46.07 29.64
CA CYS D 443 -15.73 -47.06 28.57
C CYS D 443 -14.74 -48.15 28.94
N TYR D 444 -13.72 -47.82 29.73
CA TYR D 444 -12.73 -48.78 30.18
C TYR D 444 -12.33 -48.42 31.61
N GLU D 445 -11.43 -49.22 32.17
CA GLU D 445 -10.94 -49.01 33.53
C GLU D 445 -9.43 -48.83 33.52
N GLU D 446 -8.93 -48.12 34.54
CA GLU D 446 -7.51 -47.79 34.59
C GLU D 446 -6.63 -49.02 34.71
N ASP D 447 -7.15 -50.09 35.31
CA ASP D 447 -6.35 -51.30 35.52
C ASP D 447 -6.04 -52.02 34.21
N MET D 448 -6.80 -51.77 33.16
CA MET D 448 -6.56 -52.41 31.87
C MET D 448 -5.28 -51.89 31.23
N THR D 449 -4.70 -52.72 30.37
CA THR D 449 -3.50 -52.31 29.66
C THR D 449 -3.86 -51.40 28.49
N ILE D 450 -2.83 -50.86 27.85
CA ILE D 450 -3.05 -49.92 26.74
C ILE D 450 -3.83 -50.60 25.62
N LYS D 451 -3.43 -51.83 25.26
CA LYS D 451 -4.11 -52.53 24.18
C LYS D 451 -5.54 -52.90 24.54
N GLU D 452 -5.79 -53.22 25.81
CA GLU D 452 -7.16 -53.53 26.23
C GLU D 452 -8.03 -52.27 26.19
N LYS D 453 -7.47 -51.13 26.57
CA LYS D 453 -8.22 -49.88 26.50
C LYS D 453 -8.50 -49.49 25.06
N LEU D 454 -7.52 -49.66 24.17
CA LEU D 454 -7.74 -49.36 22.76
C LEU D 454 -8.79 -50.28 22.16
N ASN D 455 -8.77 -51.57 22.55
CA ASN D 455 -9.77 -52.50 22.04
C ASN D 455 -11.16 -52.17 22.55
N ALA D 456 -11.26 -51.67 23.78
CA ALA D 456 -12.56 -51.28 24.32
C ALA D 456 -13.13 -50.07 23.59
N ILE D 457 -12.28 -49.11 23.23
CA ILE D 457 -12.73 -47.93 22.50
C ILE D 457 -13.14 -48.30 21.08
N ALA D 458 -12.32 -49.11 20.40
CA ALA D 458 -12.58 -49.43 19.00
C ALA D 458 -13.85 -50.27 18.84
N THR D 459 -14.10 -51.18 19.78
CA THR D 459 -15.25 -52.07 19.65
C THR D 459 -16.53 -51.41 20.15
N LYS D 460 -16.49 -50.80 21.32
CA LYS D 460 -17.70 -50.22 21.91
C LYS D 460 -18.08 -48.90 21.23
N ILE D 461 -17.12 -48.00 21.03
CA ILE D 461 -17.40 -46.67 20.55
C ILE D 461 -17.38 -46.64 19.02
N TYR D 462 -16.26 -47.07 18.44
CA TYR D 462 -16.10 -46.98 16.99
C TYR D 462 -16.91 -48.04 16.26
N GLY D 463 -17.10 -49.21 16.87
CA GLY D 463 -17.79 -50.30 16.21
C GLY D 463 -16.89 -51.23 15.42
N ALA D 464 -15.59 -51.22 15.70
CA ALA D 464 -14.64 -52.04 14.97
C ALA D 464 -14.57 -53.45 15.55
N ASP D 465 -14.04 -54.37 14.74
CA ASP D 465 -13.84 -55.74 15.19
C ASP D 465 -12.61 -55.88 16.09
N GLY D 466 -11.60 -55.06 15.87
CA GLY D 466 -10.40 -55.14 16.69
C GLY D 466 -9.41 -54.06 16.31
N VAL D 467 -8.22 -54.17 16.89
CA VAL D 467 -7.15 -53.19 16.68
C VAL D 467 -5.90 -53.92 16.22
N ASN D 468 -5.30 -53.44 15.14
CA ASN D 468 -4.03 -53.95 14.66
C ASN D 468 -2.92 -52.94 14.95
N TYR D 469 -1.72 -53.46 15.20
CA TYR D 469 -0.59 -52.64 15.56
C TYR D 469 0.58 -52.94 14.63
N THR D 470 1.35 -51.92 14.29
CA THR D 470 2.59 -52.14 13.56
C THR D 470 3.69 -52.63 14.50
N LYS D 471 4.79 -53.09 13.92
CA LYS D 471 5.91 -53.56 14.73
C LYS D 471 6.49 -52.42 15.54
N GLU D 472 6.58 -51.23 14.95
CA GLU D 472 7.04 -50.06 15.69
C GLU D 472 6.08 -49.70 16.80
N ALA D 473 4.77 -49.87 16.56
CA ALA D 473 3.77 -49.56 17.59
C ALA D 473 3.88 -50.51 18.77
N ASN D 474 4.06 -51.81 18.51
CA ASN D 474 4.20 -52.77 19.60
C ASN D 474 5.44 -52.51 20.43
N LYS D 475 6.52 -52.06 19.79
CA LYS D 475 7.74 -51.74 20.53
C LYS D 475 7.54 -50.52 21.42
N GLN D 476 6.86 -49.49 20.91
CA GLN D 476 6.62 -48.30 21.70
C GLN D 476 5.67 -48.57 22.85
N ILE D 477 4.61 -49.34 22.61
CA ILE D 477 3.65 -49.65 23.66
C ILE D 477 4.30 -50.48 24.76
N ALA D 478 5.11 -51.47 24.37
CA ALA D 478 5.80 -52.29 25.36
C ALA D 478 6.78 -51.45 26.17
N GLU D 479 7.46 -50.50 25.51
CA GLU D 479 8.35 -49.60 26.23
C GLU D 479 7.59 -48.75 27.24
N LEU D 480 6.40 -48.27 26.86
CA LEU D 480 5.58 -47.47 27.77
C LEU D 480 5.14 -48.29 28.99
N GLU D 481 4.80 -49.57 28.77
CA GLU D 481 4.39 -50.43 29.89
C GLU D 481 5.54 -50.65 30.86
N GLU D 482 6.77 -50.84 30.33
CA GLU D 482 7.92 -51.06 31.20
C GLU D 482 8.21 -49.84 32.07
N LEU D 483 7.97 -48.63 31.56
CA LEU D 483 8.24 -47.42 32.30
C LEU D 483 7.12 -47.06 33.27
N GLY D 484 5.99 -47.73 33.20
CA GLY D 484 4.90 -47.52 34.13
C GLY D 484 3.80 -46.58 33.67
N PHE D 485 3.60 -46.43 32.36
CA PHE D 485 2.57 -45.54 31.83
C PHE D 485 1.35 -46.30 31.32
N GLY D 486 1.28 -47.61 31.55
CA GLY D 486 0.15 -48.39 31.07
C GLY D 486 -1.13 -48.20 31.85
N ASN D 487 -1.08 -47.53 32.99
CA ASN D 487 -2.25 -47.27 33.81
C ASN D 487 -2.99 -45.99 33.43
N LEU D 488 -2.47 -45.23 32.47
CA LEU D 488 -3.01 -43.95 32.06
C LEU D 488 -4.09 -44.13 31.00
N PRO D 489 -5.00 -43.17 30.87
CA PRO D 489 -5.98 -43.22 29.77
C PRO D 489 -5.28 -43.11 28.42
N VAL D 490 -6.03 -43.44 27.38
CA VAL D 490 -5.53 -43.41 26.01
C VAL D 490 -6.29 -42.34 25.23
N CYS D 491 -5.56 -41.61 24.38
CA CYS D 491 -6.12 -40.57 23.53
C CYS D 491 -5.87 -40.97 22.09
N VAL D 492 -6.92 -41.40 21.40
CA VAL D 492 -6.79 -41.92 20.04
C VAL D 492 -6.78 -40.77 19.05
N ALA D 493 -5.75 -40.72 18.21
CA ALA D 493 -5.62 -39.70 17.17
C ALA D 493 -5.97 -40.34 15.83
N LYS D 494 -7.23 -40.20 15.43
CA LYS D 494 -7.70 -40.71 14.14
C LYS D 494 -8.53 -39.63 13.46
N THR D 495 -8.95 -39.92 12.23
CA THR D 495 -9.76 -38.99 11.47
C THR D 495 -11.11 -38.76 12.16
N GLN D 496 -11.64 -37.56 11.99
CA GLN D 496 -12.93 -37.20 12.58
C GLN D 496 -14.10 -37.40 11.63
N TYR D 497 -13.84 -37.57 10.34
CA TYR D 497 -14.89 -37.66 9.33
C TYR D 497 -15.55 -39.04 9.27
N SER D 498 -15.11 -39.99 10.09
CA SER D 498 -15.68 -41.33 10.06
C SER D 498 -15.48 -42.00 11.41
N LEU D 499 -16.39 -42.94 11.73
CA LEU D 499 -16.21 -43.77 12.91
C LEU D 499 -14.99 -44.67 12.79
N SER D 500 -14.57 -44.97 11.57
CA SER D 500 -13.38 -45.78 11.32
C SER D 500 -12.17 -44.86 11.20
N ASP D 501 -11.03 -45.43 10.84
CA ASP D 501 -9.84 -44.67 10.54
C ASP D 501 -9.75 -44.29 9.07
N ASP D 502 -10.73 -44.67 8.27
CA ASP D 502 -10.78 -44.32 6.86
C ASP D 502 -11.82 -43.23 6.68
N GLN D 503 -11.37 -42.04 6.26
CA GLN D 503 -12.23 -40.88 6.16
C GLN D 503 -13.32 -41.02 5.10
N THR D 504 -13.28 -42.07 4.29
CA THR D 504 -14.30 -42.28 3.26
C THR D 504 -15.45 -43.15 3.73
N LYS D 505 -15.26 -43.93 4.79
CA LYS D 505 -16.30 -44.82 5.30
C LYS D 505 -17.30 -43.99 6.09
N LEU D 506 -18.27 -43.42 5.38
CA LEU D 506 -19.31 -42.62 6.02
C LEU D 506 -20.40 -43.52 6.57
N GLY D 507 -21.46 -42.90 7.09
CA GLY D 507 -22.55 -43.65 7.67
C GLY D 507 -22.15 -44.42 8.91
N ARG D 508 -22.25 -45.76 8.85
CA ARG D 508 -21.89 -46.62 9.97
C ARG D 508 -21.15 -47.84 9.46
N PRO D 509 -19.83 -47.75 9.32
CA PRO D 509 -19.06 -48.91 8.86
C PRO D 509 -19.07 -50.03 9.89
N THR D 510 -18.94 -51.26 9.40
CA THR D 510 -19.02 -52.44 10.25
C THR D 510 -17.78 -53.32 10.16
N GLY D 511 -17.46 -53.87 8.99
CA GLY D 511 -16.33 -54.77 8.85
C GLY D 511 -14.99 -54.10 8.63
N PHE D 512 -14.45 -53.48 9.68
CA PHE D 512 -13.17 -52.79 9.58
C PHE D 512 -12.37 -53.00 10.86
N THR D 513 -11.11 -52.60 10.81
CA THR D 513 -10.20 -52.69 11.95
C THR D 513 -9.37 -51.42 12.01
N ILE D 514 -8.92 -51.08 13.21
CA ILE D 514 -8.10 -49.88 13.43
C ILE D 514 -6.64 -50.28 13.36
N GLU D 515 -5.87 -49.52 12.57
CA GLU D 515 -4.45 -49.79 12.36
C GLU D 515 -3.64 -48.75 13.12
N VAL D 516 -2.99 -49.17 14.19
CA VAL D 516 -2.19 -48.29 15.04
C VAL D 516 -0.75 -48.31 14.56
N ARG D 517 -0.17 -47.12 14.36
CA ARG D 517 1.20 -47.01 13.87
C ARG D 517 2.16 -46.31 14.82
N GLN D 518 1.66 -45.59 15.83
CA GLN D 518 2.56 -44.89 16.74
C GLN D 518 1.87 -44.66 18.06
N ALA D 519 2.65 -44.70 19.13
CA ALA D 519 2.18 -44.43 20.49
C ALA D 519 3.23 -43.62 21.22
N ASN D 520 2.81 -42.50 21.81
CA ASN D 520 3.68 -41.59 22.53
C ASN D 520 3.04 -41.26 23.87
N ILE D 521 3.86 -40.74 24.79
CA ILE D 521 3.44 -40.46 26.16
C ILE D 521 3.31 -38.96 26.35
N SER D 522 2.19 -38.55 26.93
CA SER D 522 1.97 -37.17 27.39
C SER D 522 1.77 -37.25 28.91
N ALA D 523 2.87 -37.40 29.63
CA ALA D 523 2.80 -37.64 31.08
C ALA D 523 2.35 -36.40 31.85
N GLY D 524 2.54 -35.20 31.28
CA GLY D 524 2.03 -34.01 31.94
C GLY D 524 0.51 -33.98 31.99
N ALA D 525 -0.12 -34.17 30.84
CA ALA D 525 -1.57 -34.22 30.81
C ALA D 525 -2.11 -35.52 31.40
N GLY D 526 -1.35 -36.60 31.29
CA GLY D 526 -1.73 -37.86 31.91
C GLY D 526 -2.47 -38.81 31.01
N PHE D 527 -2.05 -38.93 29.76
CA PHE D 527 -2.63 -39.92 28.86
C PHE D 527 -1.59 -40.32 27.81
N VAL D 528 -1.87 -41.43 27.13
CA VAL D 528 -1.03 -41.93 26.06
C VAL D 528 -1.69 -41.60 24.74
N VAL D 529 -0.95 -40.93 23.86
CA VAL D 529 -1.46 -40.57 22.54
C VAL D 529 -1.14 -41.70 21.58
N VAL D 530 -2.18 -42.20 20.90
CA VAL D 530 -2.04 -43.30 19.96
C VAL D 530 -2.45 -42.78 18.58
N MET D 531 -1.53 -42.88 17.62
CA MET D 531 -1.77 -42.37 16.28
C MET D 531 -2.24 -43.48 15.36
N THR D 532 -3.32 -43.19 14.64
CA THR D 532 -3.85 -44.04 13.58
C THR D 532 -3.51 -43.50 12.20
N GLY D 533 -2.72 -42.43 12.14
CA GLY D 533 -2.35 -41.85 10.87
C GLY D 533 -1.28 -40.79 11.05
N GLU D 534 -1.17 -39.94 10.03
CA GLU D 534 -0.27 -38.79 10.08
C GLU D 534 -1.04 -37.62 10.66
N ILE D 535 -0.41 -36.88 11.57
CA ILE D 535 -1.06 -35.78 12.26
C ILE D 535 -0.25 -34.51 11.97
N MET D 536 -0.97 -33.44 11.61
CA MET D 536 -0.35 -32.15 11.34
C MET D 536 -0.45 -31.29 12.60
N LYS D 537 0.68 -31.17 13.30
CA LYS D 537 0.75 -30.33 14.49
C LYS D 537 1.20 -28.91 14.17
N MET D 538 1.46 -28.61 12.90
CA MET D 538 1.84 -27.27 12.46
C MET D 538 1.23 -27.04 11.10
N PRO D 539 0.10 -26.34 11.01
CA PRO D 539 -0.54 -26.13 9.71
C PRO D 539 0.23 -25.13 8.86
N GLY D 540 -0.09 -25.11 7.57
CA GLY D 540 0.59 -24.23 6.65
C GLY D 540 -0.29 -23.13 6.08
N LEU D 541 0.34 -22.06 5.58
CA LEU D 541 -0.40 -20.94 5.01
C LEU D 541 -0.78 -21.24 3.56
N PRO D 542 -1.95 -20.79 3.12
CA PRO D 542 -2.37 -21.00 1.73
C PRO D 542 -1.65 -20.04 0.79
N LYS D 543 -2.02 -20.14 -0.50
CA LYS D 543 -1.37 -19.31 -1.51
C LYS D 543 -1.70 -17.83 -1.30
N LEU D 544 -2.92 -17.53 -0.87
CA LEU D 544 -3.35 -16.16 -0.59
C LEU D 544 -3.83 -16.11 0.85
N PRO D 545 -2.94 -15.84 1.80
CA PRO D 545 -3.35 -15.83 3.21
C PRO D 545 -4.34 -14.70 3.49
N ALA D 546 -5.27 -14.98 4.40
CA ALA D 546 -6.24 -13.96 4.82
C ALA D 546 -5.55 -12.74 5.42
N ALA D 547 -4.29 -12.88 5.86
CA ALA D 547 -3.56 -11.74 6.41
C ALA D 547 -3.43 -10.61 5.40
N GLU D 548 -3.38 -10.93 4.10
CA GLU D 548 -3.24 -9.89 3.08
C GLU D 548 -4.46 -8.98 3.02
N ARG D 549 -5.61 -9.41 3.53
CA ARG D 549 -6.81 -8.60 3.53
C ARG D 549 -6.99 -7.82 4.83
N ILE D 550 -6.23 -8.13 5.88
CA ILE D 550 -6.37 -7.44 7.15
C ILE D 550 -5.76 -6.05 7.04
N ASP D 551 -6.48 -5.05 7.55
CA ASP D 551 -6.03 -3.67 7.48
C ASP D 551 -6.46 -2.93 8.73
N VAL D 552 -5.83 -1.77 8.95
CA VAL D 552 -6.15 -0.90 10.08
C VAL D 552 -6.27 0.53 9.56
N ASP D 553 -7.29 1.25 10.03
CA ASP D 553 -7.53 2.62 9.58
C ASP D 553 -6.77 3.59 10.47
N GLU D 554 -6.99 4.89 10.26
CA GLU D 554 -6.24 5.91 10.99
C GLU D 554 -6.62 5.96 12.47
N ASN D 555 -7.77 5.40 12.84
CA ASN D 555 -8.23 5.41 14.22
C ASN D 555 -7.98 4.09 14.94
N GLY D 556 -7.33 3.13 14.29
CA GLY D 556 -7.08 1.86 14.92
C GLY D 556 -8.21 0.86 14.84
N LYS D 557 -9.04 0.94 13.79
CA LYS D 557 -10.13 0.01 13.59
C LYS D 557 -9.70 -1.07 12.60
N ILE D 558 -9.91 -2.34 12.97
CA ILE D 558 -9.45 -3.47 12.18
C ILE D 558 -10.54 -3.86 11.18
N SER D 559 -10.14 -4.05 9.92
CA SER D 559 -11.03 -4.53 8.88
C SER D 559 -10.39 -5.73 8.18
N GLY D 560 -11.24 -6.61 7.67
CA GLY D 560 -10.79 -7.75 6.90
C GLY D 560 -10.55 -9.03 7.70
N LEU D 561 -10.84 -9.04 8.99
CA LEU D 561 -10.68 -10.24 9.80
C LEU D 561 -11.66 -11.33 9.36
#